data_1JDQ
#
_entry.id   1JDQ
#
_cell.length_a   ?
_cell.length_b   ?
_cell.length_c   ?
_cell.angle_alpha   ?
_cell.angle_beta   ?
_cell.angle_gamma   ?
#
_entity_poly.entity_id   1
_entity_poly.type   'polypeptide(L)'
_entity_poly.pdbx_seq_one_letter_code
;GSSHHHHHHSSGLVPRGSHMAKYQVTKTLDVRGEVCPVPDVETKRALQNMKPGEILEVWIDYPMSKERIPETVKKLGHEV
LEIEEVGPSEWKIYIKVK
;
_entity_poly.pdbx_strand_id   A
#
# COMPACT_ATOMS: atom_id res chain seq x y z
N GLY A 1 15.70 -5.45 12.83
CA GLY A 1 14.30 -5.06 12.52
C GLY A 1 13.28 -5.98 13.18
N SER A 2 12.92 -7.04 12.49
CA SER A 2 11.95 -8.01 13.00
C SER A 2 12.40 -9.43 12.73
N SER A 3 13.37 -9.59 11.83
CA SER A 3 13.89 -10.90 11.47
C SER A 3 15.04 -11.30 12.40
N HIS A 4 14.87 -12.42 13.08
CA HIS A 4 15.89 -12.91 14.00
C HIS A 4 16.14 -14.40 13.80
N HIS A 5 15.06 -15.14 13.58
CA HIS A 5 15.16 -16.59 13.37
C HIS A 5 14.30 -17.03 12.20
N HIS A 6 14.00 -18.33 12.13
CA HIS A 6 13.19 -18.88 11.05
C HIS A 6 11.79 -18.30 11.07
N HIS A 7 11.04 -18.49 9.99
CA HIS A 7 9.68 -17.99 9.87
C HIS A 7 8.70 -18.91 10.59
N HIS A 8 8.29 -18.50 11.79
CA HIS A 8 7.35 -19.30 12.58
C HIS A 8 6.25 -18.42 13.15
N HIS A 9 5.90 -17.36 12.41
CA HIS A 9 4.86 -16.44 12.84
C HIS A 9 3.49 -16.89 12.32
N SER A 10 3.20 -16.55 11.07
CA SER A 10 1.93 -16.93 10.44
C SER A 10 2.02 -18.32 9.84
N SER A 11 2.13 -19.34 10.68
CA SER A 11 2.22 -20.72 10.22
C SER A 11 0.84 -21.27 9.89
N GLY A 12 0.10 -21.67 10.92
CA GLY A 12 -1.23 -22.22 10.72
C GLY A 12 -2.28 -21.14 10.47
N LEU A 13 -3.39 -21.53 9.85
CA LEU A 13 -4.47 -20.59 9.56
C LEU A 13 -5.24 -20.25 10.82
N VAL A 14 -4.82 -19.19 11.49
CA VAL A 14 -5.48 -18.75 12.71
C VAL A 14 -6.65 -17.81 12.41
N PRO A 15 -7.86 -18.15 12.89
CA PRO A 15 -9.05 -17.34 12.66
C PRO A 15 -9.18 -16.20 13.66
N ARG A 16 -8.07 -15.83 14.27
CA ARG A 16 -8.05 -14.76 15.26
C ARG A 16 -7.97 -13.39 14.59
N GLY A 17 -8.48 -13.29 13.38
CA GLY A 17 -8.46 -12.02 12.66
C GLY A 17 -9.24 -10.94 13.38
N SER A 18 -8.54 -10.11 14.13
CA SER A 18 -9.18 -9.03 14.88
C SER A 18 -9.61 -7.90 13.95
N HIS A 19 -9.63 -6.67 14.47
CA HIS A 19 -10.03 -5.51 13.69
C HIS A 19 -9.20 -5.39 12.40
N MET A 20 -7.90 -5.22 12.57
CA MET A 20 -7.00 -5.10 11.42
C MET A 20 -6.75 -6.45 10.78
N ALA A 21 -7.03 -6.55 9.48
CA ALA A 21 -6.85 -7.79 8.74
C ALA A 21 -5.38 -8.02 8.42
N LYS A 22 -4.93 -9.27 8.52
CA LYS A 22 -3.54 -9.62 8.24
C LYS A 22 -3.33 -9.84 6.74
N TYR A 23 -3.35 -8.75 5.98
CA TYR A 23 -3.14 -8.82 4.54
C TYR A 23 -1.68 -9.08 4.21
N GLN A 24 -1.42 -9.44 2.95
CA GLN A 24 -0.06 -9.73 2.51
C GLN A 24 0.65 -8.45 2.08
N VAL A 25 0.87 -7.55 3.05
CA VAL A 25 1.55 -6.28 2.77
C VAL A 25 3.06 -6.47 2.78
N THR A 26 3.75 -5.70 1.94
CA THR A 26 5.20 -5.78 1.84
C THR A 26 5.86 -4.66 2.64
N LYS A 27 5.65 -3.43 2.21
CA LYS A 27 6.23 -2.27 2.88
C LYS A 27 5.16 -1.35 3.42
N THR A 28 5.57 -0.38 4.23
CA THR A 28 4.65 0.57 4.83
C THR A 28 5.20 2.00 4.74
N LEU A 29 4.37 2.92 4.26
CA LEU A 29 4.77 4.31 4.13
C LEU A 29 4.11 5.18 5.20
N ASP A 30 4.92 5.70 6.11
CA ASP A 30 4.43 6.54 7.20
C ASP A 30 5.07 7.91 7.14
N VAL A 31 4.22 8.95 7.07
CA VAL A 31 4.71 10.33 7.01
C VAL A 31 4.05 11.19 8.08
N ARG A 32 4.01 10.67 9.31
CA ARG A 32 3.40 11.39 10.42
C ARG A 32 4.24 12.60 10.81
N GLY A 33 5.03 12.44 11.87
CA GLY A 33 5.89 13.53 12.32
C GLY A 33 7.15 13.64 11.48
N GLU A 34 7.03 14.31 10.34
CA GLU A 34 8.16 14.47 9.43
C GLU A 34 9.03 15.66 9.83
N VAL A 35 10.25 15.70 9.30
CA VAL A 35 11.19 16.78 9.58
C VAL A 35 11.85 17.26 8.29
N CYS A 36 12.98 16.66 7.96
CA CYS A 36 13.71 17.00 6.75
C CYS A 36 12.89 16.62 5.52
N PRO A 37 13.24 17.16 4.33
CA PRO A 37 12.52 16.87 3.08
C PRO A 37 12.84 15.48 2.53
N VAL A 38 13.44 14.64 3.36
CA VAL A 38 13.81 13.28 2.94
C VAL A 38 12.57 12.43 2.63
N PRO A 39 11.61 12.34 3.58
CA PRO A 39 10.39 11.55 3.38
C PRO A 39 9.65 11.96 2.10
N ASP A 40 9.78 13.22 1.72
CA ASP A 40 9.14 13.73 0.51
C ASP A 40 9.69 13.02 -0.72
N VAL A 41 11.02 12.98 -0.83
CA VAL A 41 11.68 12.33 -1.95
C VAL A 41 11.44 10.82 -1.92
N GLU A 42 11.10 10.30 -0.73
CA GLU A 42 10.85 8.87 -0.57
C GLU A 42 9.60 8.45 -1.34
N THR A 43 8.47 9.06 -1.01
CA THR A 43 7.21 8.73 -1.68
C THR A 43 7.34 8.91 -3.19
N LYS A 44 8.15 9.89 -3.60
CA LYS A 44 8.38 10.15 -5.01
C LYS A 44 8.89 8.90 -5.71
N ARG A 45 9.81 8.19 -5.05
CA ARG A 45 10.37 6.96 -5.59
C ARG A 45 9.30 5.89 -5.71
N ALA A 46 8.31 5.93 -4.82
CA ALA A 46 7.23 4.97 -4.85
C ALA A 46 6.52 4.96 -6.20
N LEU A 47 6.06 6.13 -6.63
CA LEU A 47 5.36 6.26 -7.90
C LEU A 47 6.33 6.23 -9.10
N GLN A 48 7.50 6.84 -8.92
CA GLN A 48 8.49 6.91 -9.99
C GLN A 48 9.07 5.53 -10.29
N ASN A 49 9.15 4.68 -9.29
CA ASN A 49 9.71 3.35 -9.45
C ASN A 49 8.84 2.30 -8.76
N MET A 50 7.67 2.03 -9.35
CA MET A 50 6.74 1.06 -8.80
C MET A 50 7.11 -0.35 -9.26
N LYS A 51 6.98 -1.31 -8.35
CA LYS A 51 7.30 -2.70 -8.66
C LYS A 51 6.04 -3.46 -9.10
N PRO A 52 6.20 -4.51 -9.94
CA PRO A 52 5.09 -5.30 -10.47
C PRO A 52 3.97 -5.55 -9.45
N GLY A 53 4.11 -6.60 -8.65
CA GLY A 53 3.08 -6.95 -7.69
C GLY A 53 3.44 -6.57 -6.27
N GLU A 54 3.67 -5.28 -6.05
CA GLU A 54 4.04 -4.80 -4.72
C GLU A 54 2.80 -4.39 -3.92
N ILE A 55 2.95 -4.40 -2.60
CA ILE A 55 1.87 -4.02 -1.69
C ILE A 55 2.42 -3.10 -0.60
N LEU A 56 1.93 -1.87 -0.55
CA LEU A 56 2.42 -0.90 0.43
C LEU A 56 1.29 -0.36 1.31
N GLU A 57 1.67 0.25 2.42
CA GLU A 57 0.71 0.84 3.34
C GLU A 57 0.89 2.37 3.37
N VAL A 58 -0.13 3.07 3.85
CA VAL A 58 -0.08 4.53 3.92
C VAL A 58 -0.76 5.05 5.18
N TRP A 59 0.03 5.63 6.07
CA TRP A 59 -0.50 6.18 7.32
C TRP A 59 -0.17 7.66 7.44
N ILE A 60 -1.18 8.51 7.20
CA ILE A 60 -0.97 9.96 7.28
C ILE A 60 -2.30 10.67 7.48
N ASP A 61 -2.30 11.99 7.28
CA ASP A 61 -3.51 12.79 7.45
C ASP A 61 -4.10 13.16 6.10
N TYR A 62 -3.43 12.77 5.03
CA TYR A 62 -3.89 13.05 3.67
C TYR A 62 -3.73 11.83 2.77
N PRO A 63 -4.64 11.66 1.78
CA PRO A 63 -4.59 10.52 0.86
C PRO A 63 -3.48 10.66 -0.19
N MET A 64 -2.40 9.89 0.00
CA MET A 64 -1.28 9.92 -0.92
C MET A 64 -1.68 9.31 -2.26
N SER A 65 -2.75 8.53 -2.25
CA SER A 65 -3.25 7.89 -3.46
C SER A 65 -3.59 8.91 -4.54
N LYS A 66 -3.62 10.19 -4.15
CA LYS A 66 -3.93 11.26 -5.09
C LYS A 66 -2.98 11.23 -6.28
N GLU A 67 -1.69 11.07 -6.00
CA GLU A 67 -0.68 10.98 -7.05
C GLU A 67 -0.56 9.54 -7.54
N ARG A 68 -0.92 8.60 -6.68
CA ARG A 68 -0.86 7.19 -7.03
C ARG A 68 -1.78 6.87 -8.21
N ILE A 69 -2.98 7.46 -8.21
CA ILE A 69 -3.95 7.20 -9.28
C ILE A 69 -3.36 7.48 -10.65
N PRO A 70 -2.86 8.71 -10.91
CA PRO A 70 -2.27 9.07 -12.22
C PRO A 70 -1.22 8.07 -12.69
N GLU A 71 -0.43 7.55 -11.75
CA GLU A 71 0.62 6.60 -12.07
C GLU A 71 0.06 5.23 -12.46
N THR A 72 -0.60 4.58 -11.50
CA THR A 72 -1.16 3.26 -11.74
C THR A 72 -2.11 3.25 -12.93
N VAL A 73 -2.78 4.38 -13.17
CA VAL A 73 -3.72 4.47 -14.28
C VAL A 73 -2.97 4.55 -15.61
N LYS A 74 -1.77 5.10 -15.58
CA LYS A 74 -0.94 5.18 -16.78
C LYS A 74 -0.72 3.77 -17.32
N LYS A 75 -0.46 2.84 -16.40
CA LYS A 75 -0.28 1.45 -16.75
C LYS A 75 -1.61 0.71 -16.69
N LEU A 76 -2.04 0.39 -15.48
CA LEU A 76 -3.32 -0.28 -15.26
C LEU A 76 -4.41 0.72 -14.88
N GLY A 77 -4.68 0.82 -13.58
CA GLY A 77 -5.67 1.74 -13.08
C GLY A 77 -5.30 2.34 -11.74
N HIS A 78 -5.53 1.57 -10.67
CA HIS A 78 -5.20 2.02 -9.32
C HIS A 78 -4.74 0.85 -8.46
N GLU A 79 -3.99 1.16 -7.40
CA GLU A 79 -3.52 0.16 -6.47
C GLU A 79 -4.40 0.18 -5.23
N VAL A 80 -5.69 0.03 -5.42
CA VAL A 80 -6.64 0.10 -4.32
C VAL A 80 -7.03 -1.30 -3.84
N LEU A 81 -6.81 -1.52 -2.54
CA LEU A 81 -7.12 -2.81 -1.94
C LEU A 81 -7.88 -2.63 -0.63
N GLU A 82 -7.54 -1.59 0.12
CA GLU A 82 -8.21 -1.34 1.40
C GLU A 82 -8.18 0.15 1.77
N ILE A 83 -9.24 0.60 2.42
CA ILE A 83 -9.34 1.99 2.87
C ILE A 83 -10.04 2.07 4.22
N GLU A 84 -9.49 2.87 5.13
CA GLU A 84 -10.07 3.02 6.46
C GLU A 84 -9.66 4.34 7.11
N GLU A 85 -10.15 4.56 8.32
CA GLU A 85 -9.86 5.79 9.05
C GLU A 85 -9.47 5.48 10.50
N VAL A 86 -8.90 6.46 11.19
CA VAL A 86 -8.49 6.29 12.57
C VAL A 86 -9.08 7.38 13.46
N GLY A 87 -8.67 8.63 13.22
CA GLY A 87 -9.16 9.74 14.01
C GLY A 87 -9.79 10.84 13.17
N PRO A 88 -9.66 12.11 13.59
CA PRO A 88 -10.24 13.25 12.86
C PRO A 88 -9.69 13.39 11.45
N SER A 89 -8.48 13.92 11.35
CA SER A 89 -7.85 14.13 10.04
C SER A 89 -6.84 13.03 9.72
N GLU A 90 -6.67 12.10 10.66
CA GLU A 90 -5.74 11.00 10.48
C GLU A 90 -6.45 9.78 9.92
N TRP A 91 -6.02 9.33 8.75
CA TRP A 91 -6.64 8.17 8.10
C TRP A 91 -5.58 7.16 7.67
N LYS A 92 -6.04 5.95 7.33
CA LYS A 92 -5.16 4.89 6.88
C LYS A 92 -5.61 4.32 5.55
N ILE A 93 -4.69 4.22 4.60
CA ILE A 93 -5.01 3.71 3.28
C ILE A 93 -4.08 2.55 2.90
N TYR A 94 -4.61 1.63 2.09
CA TYR A 94 -3.83 0.49 1.62
C TYR A 94 -3.71 0.50 0.11
N ILE A 95 -2.48 0.40 -0.39
CA ILE A 95 -2.21 0.46 -1.82
C ILE A 95 -1.44 -0.79 -2.27
N LYS A 96 -1.65 -1.20 -3.52
CA LYS A 96 -0.98 -2.40 -4.02
C LYS A 96 -0.74 -2.34 -5.52
N VAL A 97 0.52 -2.19 -5.91
CA VAL A 97 0.88 -2.16 -7.32
C VAL A 97 0.57 -3.51 -7.98
N LYS A 98 -0.42 -3.52 -8.86
CA LYS A 98 -0.83 -4.74 -9.54
C LYS A 98 0.19 -5.15 -10.59
N GLY A 1 7.67 -15.67 -26.43
CA GLY A 1 7.53 -14.47 -27.31
C GLY A 1 7.80 -14.80 -28.77
N SER A 2 6.74 -14.90 -29.56
CA SER A 2 6.86 -15.20 -30.98
C SER A 2 6.09 -14.19 -31.82
N SER A 3 4.77 -14.17 -31.63
CA SER A 3 3.92 -13.24 -32.37
C SER A 3 3.34 -12.17 -31.45
N HIS A 4 2.39 -12.57 -30.61
CA HIS A 4 1.76 -11.64 -29.68
C HIS A 4 2.55 -11.57 -28.37
N HIS A 5 2.26 -10.54 -27.58
CA HIS A 5 2.95 -10.36 -26.30
C HIS A 5 2.11 -10.92 -25.15
N HIS A 6 2.80 -11.56 -24.20
CA HIS A 6 2.12 -12.14 -23.04
C HIS A 6 2.03 -11.14 -21.89
N HIS A 7 0.84 -11.01 -21.34
CA HIS A 7 0.61 -10.09 -20.23
C HIS A 7 -0.09 -10.78 -19.07
N HIS A 8 -0.47 -10.01 -18.06
CA HIS A 8 -1.14 -10.57 -16.89
C HIS A 8 -2.58 -10.93 -17.21
N HIS A 9 -3.01 -10.59 -18.43
CA HIS A 9 -4.37 -10.88 -18.87
C HIS A 9 -4.46 -12.28 -19.48
N SER A 10 -4.71 -13.28 -18.64
CA SER A 10 -4.82 -14.65 -19.08
C SER A 10 -6.06 -14.84 -19.95
N SER A 11 -5.91 -15.61 -21.03
CA SER A 11 -7.02 -15.86 -21.95
C SER A 11 -7.99 -16.88 -21.35
N GLY A 12 -7.64 -18.16 -21.44
CA GLY A 12 -8.49 -19.20 -20.91
C GLY A 12 -8.44 -19.28 -19.40
N LEU A 13 -9.60 -19.43 -18.78
CA LEU A 13 -9.70 -19.52 -17.33
C LEU A 13 -9.36 -20.92 -16.85
N VAL A 14 -8.08 -21.23 -16.76
CA VAL A 14 -7.63 -22.54 -16.31
C VAL A 14 -7.57 -22.61 -14.77
N PRO A 15 -6.91 -21.65 -14.11
CA PRO A 15 -6.82 -21.63 -12.65
C PRO A 15 -8.14 -21.26 -11.98
N ARG A 16 -8.83 -22.27 -11.47
CA ARG A 16 -10.12 -22.05 -10.82
C ARG A 16 -9.93 -21.64 -9.35
N GLY A 17 -8.80 -21.00 -9.06
CA GLY A 17 -8.52 -20.57 -7.70
C GLY A 17 -9.40 -19.40 -7.28
N SER A 18 -9.72 -19.35 -5.99
CA SER A 18 -10.55 -18.28 -5.45
C SER A 18 -9.74 -17.00 -5.25
N HIS A 19 -10.15 -16.18 -4.29
CA HIS A 19 -9.43 -14.93 -4.00
C HIS A 19 -8.25 -15.18 -3.06
N MET A 20 -7.68 -16.37 -3.14
CA MET A 20 -6.54 -16.73 -2.30
C MET A 20 -5.24 -16.18 -2.88
N ALA A 21 -5.25 -14.89 -3.22
CA ALA A 21 -4.07 -14.24 -3.79
C ALA A 21 -3.08 -13.87 -2.69
N LYS A 22 -1.81 -13.70 -3.09
CA LYS A 22 -0.77 -13.34 -2.14
C LYS A 22 -0.64 -11.82 -2.02
N TYR A 23 -1.63 -11.20 -1.40
CA TYR A 23 -1.64 -9.75 -1.23
C TYR A 23 -1.04 -9.37 0.12
N GLN A 24 0.12 -9.95 0.43
CA GLN A 24 0.80 -9.66 1.69
C GLN A 24 1.64 -8.39 1.57
N VAL A 25 1.43 -7.46 2.49
CA VAL A 25 2.17 -6.21 2.51
C VAL A 25 3.67 -6.45 2.67
N THR A 26 4.46 -5.90 1.76
CA THR A 26 5.91 -6.06 1.81
C THR A 26 6.57 -4.82 2.39
N LYS A 27 6.17 -3.64 1.91
CA LYS A 27 6.75 -2.39 2.38
C LYS A 27 5.66 -1.48 2.94
N THR A 28 6.02 -0.67 3.93
CA THR A 28 5.08 0.25 4.55
C THR A 28 5.69 1.65 4.68
N LEU A 29 4.88 2.67 4.45
CA LEU A 29 5.35 4.04 4.55
C LEU A 29 4.70 4.76 5.72
N ASP A 30 5.50 5.07 6.74
CA ASP A 30 5.00 5.74 7.93
C ASP A 30 5.44 7.20 7.93
N VAL A 31 4.46 8.11 7.82
CA VAL A 31 4.76 9.54 7.79
C VAL A 31 3.84 10.30 8.76
N ARG A 32 3.96 9.97 10.04
CA ARG A 32 3.15 10.64 11.07
C ARG A 32 3.54 12.11 11.16
N GLY A 33 4.54 12.40 11.99
CA GLY A 33 5.00 13.76 12.14
C GLY A 33 5.88 14.20 10.99
N GLU A 34 5.32 15.00 10.09
CA GLU A 34 6.06 15.48 8.93
C GLU A 34 6.96 16.66 9.28
N VAL A 35 8.13 16.71 8.66
CA VAL A 35 9.09 17.79 8.91
C VAL A 35 9.67 18.30 7.59
N CYS A 36 10.79 17.71 7.20
CA CYS A 36 11.47 18.09 5.96
C CYS A 36 10.74 17.49 4.75
N PRO A 37 10.97 18.03 3.55
CA PRO A 37 10.34 17.54 2.32
C PRO A 37 10.92 16.20 1.85
N VAL A 38 11.54 15.47 2.77
CA VAL A 38 12.14 14.18 2.45
C VAL A 38 11.07 13.19 1.95
N PRO A 39 9.96 13.01 2.69
CA PRO A 39 8.89 12.09 2.28
C PRO A 39 8.29 12.45 0.93
N ASP A 40 8.43 13.73 0.55
CA ASP A 40 7.90 14.20 -0.72
C ASP A 40 8.64 13.53 -1.89
N VAL A 41 9.96 13.69 -1.92
CA VAL A 41 10.77 13.10 -2.98
C VAL A 41 10.89 11.59 -2.78
N GLU A 42 10.73 11.14 -1.53
CA GLU A 42 10.83 9.72 -1.22
C GLU A 42 9.69 8.94 -1.86
N THR A 43 8.46 9.38 -1.61
CA THR A 43 7.28 8.71 -2.15
C THR A 43 7.32 8.72 -3.68
N LYS A 44 7.80 9.83 -4.25
CA LYS A 44 7.89 9.96 -5.70
C LYS A 44 8.67 8.79 -6.29
N ARG A 45 9.76 8.41 -5.63
CA ARG A 45 10.58 7.30 -6.10
C ARG A 45 9.82 5.97 -5.99
N ALA A 46 8.97 5.88 -4.97
CA ALA A 46 8.18 4.67 -4.75
C ALA A 46 7.28 4.36 -5.93
N LEU A 47 6.55 5.37 -6.40
CA LEU A 47 5.64 5.20 -7.54
C LEU A 47 6.42 4.74 -8.78
N GLN A 48 7.57 5.34 -9.01
CA GLN A 48 8.40 5.00 -10.16
C GLN A 48 9.11 3.67 -9.95
N ASN A 49 9.15 3.21 -8.70
CA ASN A 49 9.79 1.95 -8.36
C ASN A 49 8.80 0.96 -7.79
N MET A 50 7.80 0.59 -8.60
CA MET A 50 6.77 -0.35 -8.16
C MET A 50 6.94 -1.69 -8.87
N LYS A 51 6.60 -2.77 -8.18
CA LYS A 51 6.71 -4.11 -8.73
C LYS A 51 5.34 -4.63 -9.15
N PRO A 52 5.31 -5.71 -9.97
CA PRO A 52 4.05 -6.30 -10.47
C PRO A 52 3.00 -6.49 -9.39
N GLY A 53 3.19 -7.47 -8.52
CA GLY A 53 2.22 -7.76 -7.48
C GLY A 53 2.67 -7.29 -6.11
N GLU A 54 2.91 -5.98 -5.98
CA GLU A 54 3.33 -5.41 -4.70
C GLU A 54 2.13 -4.97 -3.87
N ILE A 55 2.31 -5.01 -2.55
CA ILE A 55 1.28 -4.57 -1.61
C ILE A 55 1.89 -3.70 -0.53
N LEU A 56 1.51 -2.42 -0.52
CA LEU A 56 2.09 -1.47 0.43
C LEU A 56 1.04 -0.87 1.35
N GLU A 57 1.43 -0.62 2.60
CA GLU A 57 0.54 -0.01 3.58
C GLU A 57 1.02 1.40 3.90
N VAL A 58 0.09 2.35 3.96
CA VAL A 58 0.45 3.74 4.23
C VAL A 58 -0.48 4.38 5.26
N TRP A 59 0.11 4.95 6.30
CA TRP A 59 -0.64 5.66 7.34
C TRP A 59 -0.14 7.09 7.46
N ILE A 60 -1.00 8.05 7.13
CA ILE A 60 -0.63 9.45 7.17
C ILE A 60 -1.81 10.33 7.54
N ASP A 61 -1.63 11.65 7.41
CA ASP A 61 -2.69 12.60 7.71
C ASP A 61 -3.27 13.16 6.41
N TYR A 62 -2.60 12.89 5.31
CA TYR A 62 -3.05 13.36 4.00
C TYR A 62 -3.07 12.20 3.00
N PRO A 63 -4.05 12.19 2.08
CA PRO A 63 -4.18 11.13 1.07
C PRO A 63 -3.04 11.15 0.05
N MET A 64 -1.99 10.37 0.30
CA MET A 64 -0.85 10.29 -0.60
C MET A 64 -1.25 9.62 -1.91
N SER A 65 -2.40 8.94 -1.88
CA SER A 65 -2.91 8.25 -3.06
C SER A 65 -3.19 9.24 -4.19
N LYS A 66 -3.25 10.52 -3.84
CA LYS A 66 -3.50 11.57 -4.82
C LYS A 66 -2.46 11.54 -5.93
N GLU A 67 -1.24 11.16 -5.58
CA GLU A 67 -0.15 11.05 -6.55
C GLU A 67 -0.04 9.62 -7.06
N ARG A 68 -0.44 8.67 -6.23
CA ARG A 68 -0.38 7.26 -6.60
C ARG A 68 -1.33 6.96 -7.75
N ILE A 69 -2.46 7.67 -7.81
CA ILE A 69 -3.46 7.45 -8.86
C ILE A 69 -2.90 7.77 -10.25
N PRO A 70 -2.37 9.01 -10.47
CA PRO A 70 -1.84 9.41 -11.77
C PRO A 70 -0.73 8.47 -12.26
N GLU A 71 0.04 7.91 -11.33
CA GLU A 71 1.14 7.02 -11.69
C GLU A 71 0.59 5.65 -12.12
N THR A 72 -0.11 4.97 -11.22
CA THR A 72 -0.65 3.65 -11.51
C THR A 72 -1.63 3.70 -12.68
N VAL A 73 -2.24 4.86 -12.91
CA VAL A 73 -3.18 5.01 -14.01
C VAL A 73 -2.42 5.10 -15.33
N LYS A 74 -1.20 5.62 -15.27
CA LYS A 74 -0.35 5.70 -16.46
C LYS A 74 -0.16 4.30 -17.02
N LYS A 75 0.09 3.35 -16.12
CA LYS A 75 0.23 1.95 -16.51
C LYS A 75 -1.14 1.27 -16.52
N LEU A 76 -1.66 0.92 -15.34
CA LEU A 76 -2.97 0.30 -15.24
C LEU A 76 -4.02 1.34 -14.85
N GLY A 77 -4.35 1.40 -13.56
CA GLY A 77 -5.32 2.36 -13.07
C GLY A 77 -4.97 2.85 -11.68
N HIS A 78 -5.31 2.06 -10.66
CA HIS A 78 -5.01 2.42 -9.29
C HIS A 78 -4.71 1.18 -8.45
N GLU A 79 -3.86 1.33 -7.44
CA GLU A 79 -3.52 0.26 -6.55
C GLU A 79 -4.35 0.36 -5.30
N VAL A 80 -5.67 0.32 -5.48
CA VAL A 80 -6.60 0.47 -4.38
C VAL A 80 -7.11 -0.88 -3.90
N LEU A 81 -6.95 -1.13 -2.60
CA LEU A 81 -7.39 -2.40 -2.02
C LEU A 81 -8.17 -2.16 -0.73
N GLU A 82 -7.77 -1.15 0.03
CA GLU A 82 -8.45 -0.83 1.29
C GLU A 82 -8.31 0.63 1.67
N ILE A 83 -9.36 1.18 2.27
CA ILE A 83 -9.36 2.58 2.71
C ILE A 83 -10.14 2.71 4.02
N GLU A 84 -9.53 3.34 5.02
CA GLU A 84 -10.18 3.51 6.32
C GLU A 84 -9.72 4.78 7.01
N GLU A 85 -10.23 4.99 8.22
CA GLU A 85 -9.89 6.17 9.02
C GLU A 85 -9.56 5.76 10.45
N VAL A 86 -8.91 6.68 11.19
CA VAL A 86 -8.53 6.41 12.57
C VAL A 86 -9.08 7.48 13.52
N GLY A 87 -8.48 8.66 13.47
CA GLY A 87 -8.91 9.75 14.34
C GLY A 87 -9.31 10.99 13.57
N PRO A 88 -8.95 12.19 14.07
CA PRO A 88 -9.30 13.45 13.42
C PRO A 88 -8.73 13.56 12.00
N SER A 89 -7.46 13.95 11.91
CA SER A 89 -6.81 14.10 10.61
C SER A 89 -5.93 12.90 10.28
N GLU A 90 -5.93 11.91 11.18
CA GLU A 90 -5.15 10.69 10.98
C GLU A 90 -6.00 9.61 10.31
N TRP A 91 -5.58 9.17 9.13
CA TRP A 91 -6.30 8.15 8.39
C TRP A 91 -5.36 7.06 7.90
N LYS A 92 -5.93 5.92 7.50
CA LYS A 92 -5.15 4.81 6.99
C LYS A 92 -5.55 4.46 5.57
N ILE A 93 -4.57 4.12 4.74
CA ILE A 93 -4.82 3.77 3.35
C ILE A 93 -4.01 2.55 2.94
N TYR A 94 -4.59 1.71 2.10
CA TYR A 94 -3.92 0.51 1.61
C TYR A 94 -3.77 0.56 0.10
N ILE A 95 -2.55 0.37 -0.37
CA ILE A 95 -2.23 0.44 -1.79
C ILE A 95 -1.55 -0.85 -2.25
N LYS A 96 -1.82 -1.28 -3.48
CA LYS A 96 -1.23 -2.53 -3.97
C LYS A 96 -1.06 -2.53 -5.48
N VAL A 97 0.19 -2.49 -5.93
CA VAL A 97 0.49 -2.52 -7.36
C VAL A 97 0.03 -3.84 -7.98
N LYS A 98 -0.84 -3.75 -8.97
CA LYS A 98 -1.36 -4.94 -9.65
C LYS A 98 -0.48 -5.33 -10.83
N GLY A 1 22.66 -11.63 27.97
CA GLY A 1 21.45 -10.94 28.48
C GLY A 1 21.76 -9.57 29.05
N SER A 2 23.00 -9.38 29.49
CA SER A 2 23.43 -8.12 30.07
C SER A 2 24.51 -7.46 29.21
N SER A 3 25.25 -8.28 28.47
CA SER A 3 26.31 -7.79 27.61
C SER A 3 25.93 -7.93 26.14
N HIS A 4 24.68 -8.28 25.88
CA HIS A 4 24.20 -8.45 24.52
C HIS A 4 23.60 -7.14 23.99
N HIS A 5 24.30 -6.54 23.03
CA HIS A 5 23.84 -5.29 22.43
C HIS A 5 24.04 -5.30 20.93
N HIS A 6 23.38 -6.24 20.25
CA HIS A 6 23.47 -6.35 18.81
C HIS A 6 22.09 -6.46 18.17
N HIS A 7 22.06 -6.75 16.87
CA HIS A 7 20.80 -6.89 16.15
C HIS A 7 20.02 -8.10 16.64
N HIS A 8 18.69 -8.00 16.61
CA HIS A 8 17.83 -9.08 17.04
C HIS A 8 17.79 -10.19 16.00
N HIS A 9 17.09 -11.27 16.32
CA HIS A 9 16.98 -12.41 15.41
C HIS A 9 15.59 -12.44 14.76
N SER A 10 14.77 -11.44 15.06
CA SER A 10 13.43 -11.36 14.51
C SER A 10 13.47 -11.07 13.01
N SER A 11 13.39 -12.13 12.21
CA SER A 11 13.42 -11.99 10.76
C SER A 11 12.02 -11.72 10.20
N GLY A 12 11.24 -12.78 10.03
CA GLY A 12 9.90 -12.64 9.49
C GLY A 12 8.87 -12.40 10.58
N LEU A 13 9.23 -11.60 11.58
CA LEU A 13 8.33 -11.29 12.67
C LEU A 13 7.63 -9.96 12.44
N VAL A 14 6.57 -9.99 11.62
CA VAL A 14 5.82 -8.77 11.30
C VAL A 14 5.12 -8.22 12.54
N PRO A 15 5.10 -6.88 12.70
CA PRO A 15 4.46 -6.24 13.85
C PRO A 15 2.98 -6.56 13.97
N ARG A 16 2.21 -6.22 12.93
CA ARG A 16 0.78 -6.46 12.94
C ARG A 16 0.45 -7.91 12.55
N GLY A 17 1.39 -8.81 12.81
CA GLY A 17 1.17 -10.22 12.49
C GLY A 17 0.35 -10.93 13.55
N SER A 18 -0.95 -10.67 13.57
CA SER A 18 -1.84 -11.29 14.54
C SER A 18 -1.94 -12.79 14.31
N HIS A 19 -2.89 -13.21 13.48
CA HIS A 19 -3.08 -14.62 13.20
C HIS A 19 -3.38 -14.85 11.71
N MET A 20 -4.67 -14.87 11.37
CA MET A 20 -5.09 -15.08 9.99
C MET A 20 -5.02 -13.79 9.19
N ALA A 21 -3.91 -13.06 9.34
CA ALA A 21 -3.72 -11.80 8.62
C ALA A 21 -3.29 -12.06 7.18
N LYS A 22 -4.23 -11.92 6.25
CA LYS A 22 -3.94 -12.14 4.83
C LYS A 22 -3.43 -10.87 4.17
N TYR A 23 -2.75 -10.02 4.94
CA TYR A 23 -2.21 -8.77 4.43
C TYR A 23 -0.70 -8.91 4.18
N GLN A 24 -0.34 -9.28 2.95
CA GLN A 24 1.05 -9.46 2.59
C GLN A 24 1.69 -8.14 2.19
N VAL A 25 1.73 -7.20 3.12
CA VAL A 25 2.34 -5.90 2.87
C VAL A 25 3.87 -6.00 2.92
N THR A 26 4.54 -5.37 1.97
CA THR A 26 5.99 -5.42 1.90
C THR A 26 6.63 -4.17 2.50
N LYS A 27 6.18 -3.00 2.04
CA LYS A 27 6.73 -1.73 2.52
C LYS A 27 5.66 -0.86 3.14
N THR A 28 6.06 -0.04 4.12
CA THR A 28 5.14 0.86 4.79
C THR A 28 5.71 2.27 4.81
N LEU A 29 4.95 3.21 4.25
CA LEU A 29 5.36 4.61 4.21
C LEU A 29 4.54 5.47 5.16
N ASP A 30 5.22 6.18 6.05
CA ASP A 30 4.56 7.05 7.02
C ASP A 30 5.19 8.43 7.02
N VAL A 31 4.38 9.45 6.78
CA VAL A 31 4.86 10.83 6.75
C VAL A 31 4.19 11.67 7.83
N ARG A 32 4.44 11.32 9.09
CA ARG A 32 3.85 12.05 10.22
C ARG A 32 4.34 13.49 10.25
N GLY A 33 3.94 14.22 11.28
CA GLY A 33 4.36 15.60 11.42
C GLY A 33 5.81 15.75 11.82
N GLU A 34 6.70 15.61 10.84
CA GLU A 34 8.13 15.72 11.08
C GLU A 34 8.68 17.02 10.50
N VAL A 35 9.98 17.04 10.21
CA VAL A 35 10.63 18.24 9.68
C VAL A 35 10.99 18.08 8.20
N CYS A 36 12.17 17.55 7.96
CA CYS A 36 12.68 17.36 6.59
C CYS A 36 11.68 16.58 5.73
N PRO A 37 11.58 16.94 4.44
CA PRO A 37 10.67 16.26 3.51
C PRO A 37 11.24 14.92 3.02
N VAL A 38 12.03 14.28 3.87
CA VAL A 38 12.64 13.00 3.54
C VAL A 38 11.59 11.98 3.08
N PRO A 39 10.50 11.78 3.87
CA PRO A 39 9.44 10.83 3.51
C PRO A 39 8.64 11.28 2.29
N ASP A 40 8.71 12.58 2.00
CA ASP A 40 7.99 13.14 0.85
C ASP A 40 8.62 12.68 -0.46
N VAL A 41 9.89 12.98 -0.63
CA VAL A 41 10.62 12.59 -1.84
C VAL A 41 10.77 11.08 -1.91
N GLU A 42 10.53 10.41 -0.78
CA GLU A 42 10.64 8.96 -0.71
C GLU A 42 9.49 8.30 -1.47
N THR A 43 8.26 8.73 -1.17
CA THR A 43 7.09 8.18 -1.83
C THR A 43 7.10 8.48 -3.32
N LYS A 44 7.67 9.63 -3.68
CA LYS A 44 7.76 10.03 -5.08
C LYS A 44 8.56 8.99 -5.88
N ARG A 45 9.70 8.60 -5.33
CA ARG A 45 10.55 7.61 -5.97
C ARG A 45 9.88 6.24 -6.00
N ALA A 46 9.07 5.97 -4.99
CA ALA A 46 8.37 4.70 -4.88
C ALA A 46 7.34 4.55 -6.00
N LEU A 47 6.60 5.63 -6.26
CA LEU A 47 5.59 5.63 -7.31
C LEU A 47 6.20 5.30 -8.66
N GLN A 48 7.40 5.84 -8.90
CA GLN A 48 8.10 5.62 -10.15
C GLN A 48 8.82 4.27 -10.14
N ASN A 49 9.12 3.77 -8.94
CA ASN A 49 9.83 2.51 -8.79
C ASN A 49 8.99 1.48 -8.04
N MET A 50 7.85 1.11 -8.61
CA MET A 50 6.97 0.11 -8.00
C MET A 50 7.10 -1.22 -8.73
N LYS A 51 6.99 -2.31 -7.99
CA LYS A 51 7.10 -3.65 -8.57
C LYS A 51 5.74 -4.18 -9.00
N PRO A 52 5.72 -5.18 -9.90
CA PRO A 52 4.48 -5.75 -10.43
C PRO A 52 3.40 -6.01 -9.37
N GLY A 53 3.64 -7.00 -8.51
CA GLY A 53 2.65 -7.35 -7.49
C GLY A 53 3.04 -6.88 -6.11
N GLU A 54 3.21 -5.56 -5.96
CA GLU A 54 3.58 -4.99 -4.66
C GLU A 54 2.35 -4.62 -3.84
N ILE A 55 2.50 -4.65 -2.52
CA ILE A 55 1.42 -4.28 -1.60
C ILE A 55 1.97 -3.41 -0.49
N LEU A 56 1.71 -2.10 -0.58
CA LEU A 56 2.23 -1.16 0.41
C LEU A 56 1.10 -0.44 1.15
N GLU A 57 1.43 0.12 2.30
CA GLU A 57 0.46 0.86 3.11
C GLU A 57 1.04 2.20 3.51
N VAL A 58 0.19 3.24 3.48
CA VAL A 58 0.63 4.58 3.83
C VAL A 58 -0.18 5.13 5.01
N TRP A 59 0.51 5.76 5.95
CA TRP A 59 -0.15 6.33 7.12
C TRP A 59 0.15 7.82 7.23
N ILE A 60 -0.87 8.64 7.01
CA ILE A 60 -0.72 10.09 7.07
C ILE A 60 -2.05 10.79 7.30
N ASP A 61 -2.01 12.12 7.32
CA ASP A 61 -3.22 12.92 7.53
C ASP A 61 -3.77 13.40 6.19
N TYR A 62 -3.12 13.00 5.10
CA TYR A 62 -3.54 13.39 3.76
C TYR A 62 -3.43 12.20 2.81
N PRO A 63 -4.30 12.14 1.77
CA PRO A 63 -4.30 11.04 0.80
C PRO A 63 -3.18 11.17 -0.23
N MET A 64 -2.06 10.49 0.03
CA MET A 64 -0.93 10.50 -0.89
C MET A 64 -1.29 9.78 -2.18
N SER A 65 -2.37 9.00 -2.14
CA SER A 65 -2.82 8.25 -3.31
C SER A 65 -3.19 9.20 -4.44
N LYS A 66 -3.26 10.49 -4.12
CA LYS A 66 -3.59 11.51 -5.12
C LYS A 66 -2.61 11.46 -6.29
N GLU A 67 -1.35 11.17 -5.97
CA GLU A 67 -0.32 11.07 -7.01
C GLU A 67 -0.17 9.61 -7.43
N ARG A 68 -0.49 8.70 -6.51
CA ARG A 68 -0.40 7.27 -6.78
C ARG A 68 -1.35 6.87 -7.92
N ILE A 69 -2.52 7.50 -7.96
CA ILE A 69 -3.51 7.19 -8.99
C ILE A 69 -2.97 7.52 -10.39
N PRO A 70 -2.53 8.77 -10.64
CA PRO A 70 -2.00 9.18 -11.94
C PRO A 70 -0.98 8.18 -12.51
N GLU A 71 -0.16 7.61 -11.63
CA GLU A 71 0.84 6.63 -12.05
C GLU A 71 0.18 5.32 -12.46
N THR A 72 -0.63 4.76 -11.58
CA THR A 72 -1.29 3.49 -11.84
C THR A 72 -2.20 3.57 -13.05
N VAL A 73 -2.90 4.69 -13.24
CA VAL A 73 -3.79 4.87 -14.36
C VAL A 73 -3.00 4.93 -15.66
N LYS A 74 -1.76 5.39 -15.58
CA LYS A 74 -0.90 5.44 -16.75
C LYS A 74 -0.77 4.04 -17.33
N LYS A 75 -0.57 3.07 -16.45
CA LYS A 75 -0.49 1.67 -16.85
C LYS A 75 -1.88 1.03 -16.82
N LEU A 76 -2.35 0.68 -15.62
CA LEU A 76 -3.68 0.09 -15.45
C LEU A 76 -4.69 1.13 -15.00
N GLY A 77 -4.93 1.17 -13.68
CA GLY A 77 -5.86 2.12 -13.12
C GLY A 77 -5.43 2.62 -11.75
N HIS A 78 -5.76 1.86 -10.71
CA HIS A 78 -5.38 2.22 -9.35
C HIS A 78 -5.09 0.97 -8.52
N GLU A 79 -4.23 1.11 -7.52
CA GLU A 79 -3.87 0.02 -6.65
C GLU A 79 -4.71 0.07 -5.38
N VAL A 80 -6.00 -0.25 -5.51
CA VAL A 80 -6.91 -0.17 -4.39
C VAL A 80 -7.13 -1.54 -3.76
N LEU A 81 -6.83 -1.65 -2.47
CA LEU A 81 -7.00 -2.90 -1.75
C LEU A 81 -7.70 -2.67 -0.41
N GLU A 82 -7.37 -1.56 0.25
CA GLU A 82 -7.97 -1.26 1.54
C GLU A 82 -7.98 0.24 1.82
N ILE A 83 -9.07 0.71 2.43
CA ILE A 83 -9.23 2.11 2.79
C ILE A 83 -9.95 2.24 4.14
N GLU A 84 -9.39 3.02 5.05
CA GLU A 84 -10.00 3.21 6.36
C GLU A 84 -9.56 4.51 7.01
N GLU A 85 -10.07 4.75 8.21
CA GLU A 85 -9.74 5.95 8.97
C GLU A 85 -9.41 5.60 10.41
N VAL A 86 -8.71 6.50 11.09
CA VAL A 86 -8.30 6.27 12.47
C VAL A 86 -8.86 7.36 13.40
N GLY A 87 -8.37 8.58 13.23
CA GLY A 87 -8.81 9.68 14.07
C GLY A 87 -9.38 10.83 13.26
N PRO A 88 -9.19 12.09 13.72
CA PRO A 88 -9.70 13.27 13.03
C PRO A 88 -9.23 13.36 11.59
N SER A 89 -8.02 13.86 11.38
CA SER A 89 -7.47 14.00 10.04
C SER A 89 -6.51 12.87 9.72
N GLU A 90 -6.26 12.01 10.71
CA GLU A 90 -5.36 10.88 10.53
C GLU A 90 -6.10 9.69 9.95
N TRP A 91 -5.68 9.26 8.75
CA TRP A 91 -6.32 8.13 8.08
C TRP A 91 -5.27 7.13 7.59
N LYS A 92 -5.73 5.93 7.25
CA LYS A 92 -4.84 4.88 6.77
C LYS A 92 -5.31 4.37 5.41
N ILE A 93 -4.41 4.32 4.44
CA ILE A 93 -4.74 3.86 3.11
C ILE A 93 -3.82 2.73 2.67
N TYR A 94 -4.38 1.76 1.95
CA TYR A 94 -3.60 0.63 1.46
C TYR A 94 -3.61 0.60 -0.07
N ILE A 95 -2.42 0.48 -0.65
CA ILE A 95 -2.26 0.45 -2.10
C ILE A 95 -1.51 -0.82 -2.49
N LYS A 96 -1.79 -1.35 -3.69
CA LYS A 96 -1.14 -2.58 -4.12
C LYS A 96 -1.01 -2.66 -5.65
N VAL A 97 0.23 -2.54 -6.12
CA VAL A 97 0.50 -2.64 -7.55
C VAL A 97 0.12 -4.02 -8.06
N LYS A 98 -0.82 -4.07 -9.00
CA LYS A 98 -1.27 -5.33 -9.58
C LYS A 98 -0.43 -5.72 -10.78
N GLY A 1 -20.59 -24.03 -0.18
CA GLY A 1 -19.55 -25.09 -0.24
C GLY A 1 -19.88 -26.27 0.65
N SER A 2 -20.37 -27.35 0.05
CA SER A 2 -20.73 -28.55 0.79
C SER A 2 -19.72 -29.67 0.52
N SER A 3 -18.77 -29.41 -0.37
CA SER A 3 -17.75 -30.40 -0.71
C SER A 3 -16.61 -30.37 0.30
N HIS A 4 -16.01 -29.20 0.48
CA HIS A 4 -14.91 -29.04 1.42
C HIS A 4 -15.35 -28.30 2.67
N HIS A 5 -15.22 -28.94 3.82
CA HIS A 5 -15.61 -28.33 5.09
C HIS A 5 -14.48 -28.41 6.10
N HIS A 6 -14.27 -27.32 6.83
CA HIS A 6 -13.21 -27.26 7.84
C HIS A 6 -13.49 -28.22 8.98
N HIS A 7 -12.51 -29.08 9.28
CA HIS A 7 -12.65 -30.05 10.36
C HIS A 7 -11.52 -29.92 11.37
N HIS A 8 -10.61 -29.00 11.10
CA HIS A 8 -9.46 -28.77 11.98
C HIS A 8 -9.79 -27.70 13.02
N HIS A 9 -11.08 -27.52 13.29
CA HIS A 9 -11.52 -26.54 14.28
C HIS A 9 -11.18 -26.99 15.69
N SER A 10 -11.91 -27.99 16.18
CA SER A 10 -11.69 -28.51 17.51
C SER A 10 -10.60 -29.58 17.52
N SER A 11 -10.10 -29.90 16.33
CA SER A 11 -9.06 -30.92 16.20
C SER A 11 -7.70 -30.38 16.68
N GLY A 12 -6.80 -30.09 15.73
CA GLY A 12 -5.50 -29.58 16.08
C GLY A 12 -5.46 -28.06 16.15
N LEU A 13 -4.35 -27.52 16.63
CA LEU A 13 -4.19 -26.07 16.74
C LEU A 13 -3.47 -25.51 15.52
N VAL A 14 -4.19 -25.40 14.40
CA VAL A 14 -3.62 -24.88 13.17
C VAL A 14 -3.71 -23.36 13.14
N PRO A 15 -2.55 -22.66 13.16
CA PRO A 15 -2.50 -21.20 13.14
C PRO A 15 -3.04 -20.62 11.83
N ARG A 16 -4.06 -19.77 11.94
CA ARG A 16 -4.67 -19.15 10.77
C ARG A 16 -3.90 -17.90 10.34
N GLY A 17 -2.60 -17.87 10.64
CA GLY A 17 -1.78 -16.74 10.26
C GLY A 17 -1.52 -16.68 8.77
N SER A 18 -0.61 -17.52 8.30
CA SER A 18 -0.26 -17.56 6.89
C SER A 18 -1.27 -18.38 6.09
N HIS A 19 -2.52 -18.44 6.58
CA HIS A 19 -3.57 -19.19 5.91
C HIS A 19 -4.06 -18.45 4.67
N MET A 20 -5.33 -18.65 4.33
CA MET A 20 -5.92 -18.00 3.15
C MET A 20 -5.81 -16.48 3.25
N ALA A 21 -5.72 -15.98 4.48
CA ALA A 21 -5.59 -14.55 4.72
C ALA A 21 -4.33 -13.99 4.09
N LYS A 22 -4.48 -13.23 3.02
CA LYS A 22 -3.35 -12.64 2.32
C LYS A 22 -3.02 -11.25 2.88
N TYR A 23 -3.01 -11.14 4.20
CA TYR A 23 -2.72 -9.87 4.86
C TYR A 23 -1.21 -9.72 5.08
N GLN A 24 -0.43 -10.08 4.08
CA GLN A 24 1.02 -9.98 4.17
C GLN A 24 1.55 -8.79 3.36
N VAL A 25 1.46 -7.60 3.95
CA VAL A 25 1.94 -6.39 3.31
C VAL A 25 3.45 -6.45 3.10
N THR A 26 3.95 -5.74 2.09
CA THR A 26 5.37 -5.72 1.79
C THR A 26 6.03 -4.48 2.37
N LYS A 27 5.67 -3.31 1.85
CA LYS A 27 6.23 -2.06 2.32
C LYS A 27 5.23 -1.30 3.17
N THR A 28 5.73 -0.55 4.15
CA THR A 28 4.87 0.23 5.04
C THR A 28 5.41 1.64 5.22
N LEU A 29 4.71 2.61 4.67
CA LEU A 29 5.11 4.01 4.77
C LEU A 29 4.33 4.73 5.86
N ASP A 30 4.95 4.89 7.03
CA ASP A 30 4.31 5.58 8.14
C ASP A 30 5.11 6.82 8.54
N VAL A 31 4.66 7.98 8.10
CA VAL A 31 5.33 9.23 8.40
C VAL A 31 4.35 10.30 8.87
N ARG A 32 3.81 10.09 10.07
CA ARG A 32 2.86 11.04 10.66
C ARG A 32 3.48 12.42 10.79
N GLY A 33 4.13 12.66 11.91
CA GLY A 33 4.78 13.94 12.14
C GLY A 33 6.11 14.04 11.43
N GLU A 34 6.12 14.70 10.27
CA GLU A 34 7.33 14.84 9.49
C GLU A 34 7.86 16.27 9.56
N VAL A 35 9.00 16.51 8.92
CA VAL A 35 9.62 17.83 8.89
C VAL A 35 10.03 18.21 7.48
N CYS A 36 11.27 17.87 7.13
CA CYS A 36 11.80 18.15 5.79
C CYS A 36 10.95 17.46 4.73
N PRO A 37 10.99 17.96 3.48
CA PRO A 37 10.21 17.39 2.37
C PRO A 37 10.77 16.06 1.88
N VAL A 38 11.50 15.37 2.75
CA VAL A 38 12.09 14.08 2.41
C VAL A 38 11.02 13.05 2.04
N PRO A 39 9.98 12.86 2.89
CA PRO A 39 8.91 11.90 2.62
C PRO A 39 8.22 12.17 1.29
N ASP A 40 8.21 13.43 0.87
CA ASP A 40 7.58 13.82 -0.39
C ASP A 40 8.28 13.15 -1.56
N VAL A 41 9.59 13.38 -1.68
CA VAL A 41 10.39 12.81 -2.75
C VAL A 41 10.57 11.30 -2.54
N GLU A 42 10.30 10.85 -1.33
CA GLU A 42 10.44 9.44 -0.98
C GLU A 42 9.40 8.60 -1.73
N THR A 43 8.13 8.88 -1.49
CA THR A 43 7.04 8.14 -2.13
C THR A 43 7.11 8.31 -3.65
N LYS A 44 7.53 9.49 -4.09
CA LYS A 44 7.63 9.78 -5.52
C LYS A 44 8.51 8.76 -6.22
N ARG A 45 9.66 8.46 -5.61
CA ARG A 45 10.60 7.50 -6.18
C ARG A 45 9.97 6.11 -6.21
N ALA A 46 9.13 5.82 -5.23
CA ALA A 46 8.46 4.52 -5.15
C ALA A 46 7.51 4.31 -6.32
N LEU A 47 6.86 5.39 -6.75
CA LEU A 47 5.93 5.32 -7.87
C LEU A 47 6.68 4.99 -9.17
N GLN A 48 7.82 5.63 -9.36
CA GLN A 48 8.63 5.41 -10.54
C GLN A 48 9.30 4.04 -10.47
N ASN A 49 9.51 3.55 -9.26
CA ASN A 49 10.15 2.26 -9.05
C ASN A 49 9.19 1.29 -8.35
N MET A 50 8.03 1.07 -8.95
CA MET A 50 7.03 0.16 -8.39
C MET A 50 7.15 -1.23 -9.02
N LYS A 51 6.79 -2.25 -8.24
CA LYS A 51 6.85 -3.62 -8.72
C LYS A 51 5.45 -4.15 -9.06
N PRO A 52 5.37 -5.16 -9.94
CA PRO A 52 4.08 -5.73 -10.37
C PRO A 52 3.18 -6.14 -9.20
N GLY A 53 3.70 -6.98 -8.32
CA GLY A 53 2.92 -7.44 -7.18
C GLY A 53 3.29 -6.77 -5.88
N GLU A 54 3.18 -5.45 -5.84
CA GLU A 54 3.54 -4.69 -4.64
C GLU A 54 2.35 -4.51 -3.70
N ILE A 55 2.63 -4.51 -2.41
CA ILE A 55 1.61 -4.30 -1.39
C ILE A 55 2.11 -3.31 -0.34
N LEU A 56 1.65 -2.07 -0.41
CA LEU A 56 2.11 -1.03 0.50
C LEU A 56 0.97 -0.45 1.32
N GLU A 57 1.25 -0.13 2.57
CA GLU A 57 0.28 0.50 3.45
C GLU A 57 0.80 1.88 3.88
N VAL A 58 -0.05 2.89 3.77
CA VAL A 58 0.36 4.25 4.09
C VAL A 58 -0.40 4.80 5.28
N TRP A 59 0.34 5.34 6.25
CA TRP A 59 -0.26 5.94 7.43
C TRP A 59 0.18 7.39 7.58
N ILE A 60 -0.73 8.32 7.28
CA ILE A 60 -0.43 9.75 7.35
C ILE A 60 -1.69 10.58 7.52
N ASP A 61 -1.58 11.88 7.24
CA ASP A 61 -2.71 12.79 7.34
C ASP A 61 -3.16 13.25 5.96
N TYR A 62 -2.18 13.40 5.05
CA TYR A 62 -2.47 13.82 3.69
C TYR A 62 -2.43 12.63 2.74
N PRO A 63 -3.58 12.27 2.14
CA PRO A 63 -3.67 11.14 1.21
C PRO A 63 -2.67 11.24 0.06
N MET A 64 -1.53 10.56 0.20
CA MET A 64 -0.50 10.57 -0.82
C MET A 64 -0.96 9.84 -2.08
N SER A 65 -2.08 9.15 -1.97
CA SER A 65 -2.63 8.40 -3.09
C SER A 65 -2.99 9.33 -4.24
N LYS A 66 -3.04 10.63 -3.96
CA LYS A 66 -3.38 11.62 -4.97
C LYS A 66 -2.36 11.60 -6.11
N GLU A 67 -1.11 11.29 -5.78
CA GLU A 67 -0.05 11.20 -6.78
C GLU A 67 0.11 9.77 -7.27
N ARG A 68 -0.23 8.82 -6.39
CA ARG A 68 -0.14 7.41 -6.73
C ARG A 68 -1.08 7.06 -7.88
N ILE A 69 -2.26 7.68 -7.89
CA ILE A 69 -3.25 7.42 -8.93
C ILE A 69 -2.70 7.76 -10.33
N PRO A 70 -2.23 8.99 -10.56
CA PRO A 70 -1.69 9.40 -11.87
C PRO A 70 -0.66 8.42 -12.42
N GLU A 71 0.18 7.89 -11.54
CA GLU A 71 1.22 6.95 -11.95
C GLU A 71 0.61 5.62 -12.42
N THR A 72 -0.16 4.99 -11.54
CA THR A 72 -0.76 3.71 -11.86
C THR A 72 -1.65 3.81 -13.09
N VAL A 73 -2.48 4.85 -13.15
CA VAL A 73 -3.39 5.03 -14.27
C VAL A 73 -2.62 5.12 -15.58
N LYS A 74 -1.38 5.61 -15.51
CA LYS A 74 -0.52 5.67 -16.69
C LYS A 74 -0.37 4.26 -17.24
N LYS A 75 -0.16 3.32 -16.33
CA LYS A 75 -0.08 1.91 -16.69
C LYS A 75 -1.47 1.29 -16.70
N LEU A 76 -1.95 0.89 -15.52
CA LEU A 76 -3.29 0.34 -15.38
C LEU A 76 -4.26 1.42 -14.89
N GLY A 77 -4.65 1.32 -13.62
CA GLY A 77 -5.54 2.31 -13.05
C GLY A 77 -5.08 2.75 -11.66
N HIS A 78 -5.43 1.97 -10.64
CA HIS A 78 -5.04 2.29 -9.28
C HIS A 78 -4.81 1.01 -8.47
N GLU A 79 -4.26 1.17 -7.27
CA GLU A 79 -4.00 0.05 -6.39
C GLU A 79 -4.95 0.10 -5.20
N VAL A 80 -6.22 -0.21 -5.45
CA VAL A 80 -7.23 -0.14 -4.40
C VAL A 80 -7.49 -1.51 -3.79
N LEU A 81 -7.22 -1.63 -2.50
CA LEU A 81 -7.44 -2.88 -1.78
C LEU A 81 -8.15 -2.63 -0.45
N GLU A 82 -7.75 -1.57 0.24
CA GLU A 82 -8.36 -1.25 1.53
C GLU A 82 -8.27 0.24 1.85
N ILE A 83 -9.31 0.75 2.51
CA ILE A 83 -9.36 2.15 2.92
C ILE A 83 -10.05 2.29 4.28
N GLU A 84 -9.43 3.02 5.19
CA GLU A 84 -9.99 3.21 6.53
C GLU A 84 -9.59 4.54 7.13
N GLU A 85 -10.09 4.82 8.33
CA GLU A 85 -9.79 6.06 9.02
C GLU A 85 -9.40 5.79 10.48
N VAL A 86 -8.71 6.74 11.09
CA VAL A 86 -8.27 6.59 12.47
C VAL A 86 -8.77 7.75 13.34
N GLY A 87 -8.30 8.95 13.02
CA GLY A 87 -8.70 10.12 13.79
C GLY A 87 -9.27 11.23 12.91
N PRO A 88 -9.00 12.51 13.26
CA PRO A 88 -9.50 13.66 12.49
C PRO A 88 -8.97 13.67 11.05
N SER A 89 -7.76 14.18 10.88
CA SER A 89 -7.15 14.26 9.56
C SER A 89 -6.18 13.11 9.33
N GLU A 90 -6.04 12.27 10.35
CA GLU A 90 -5.16 11.11 10.25
C GLU A 90 -5.93 9.88 9.79
N TRP A 91 -5.56 9.36 8.62
CA TRP A 91 -6.25 8.20 8.06
C TRP A 91 -5.25 7.14 7.61
N LYS A 92 -5.76 5.94 7.33
CA LYS A 92 -4.93 4.84 6.88
C LYS A 92 -5.43 4.31 5.54
N ILE A 93 -4.52 4.20 4.57
CA ILE A 93 -4.89 3.73 3.24
C ILE A 93 -4.02 2.54 2.83
N TYR A 94 -4.62 1.63 2.07
CA TYR A 94 -3.91 0.45 1.59
C TYR A 94 -3.87 0.43 0.06
N ILE A 95 -2.66 0.37 -0.48
CA ILE A 95 -2.46 0.36 -1.93
C ILE A 95 -1.63 -0.86 -2.32
N LYS A 96 -1.93 -1.43 -3.49
CA LYS A 96 -1.21 -2.62 -3.94
C LYS A 96 -1.14 -2.70 -5.46
N VAL A 97 0.07 -2.63 -5.99
CA VAL A 97 0.29 -2.73 -7.42
C VAL A 97 -0.09 -4.12 -7.92
N LYS A 98 -0.97 -4.16 -8.92
CA LYS A 98 -1.43 -5.43 -9.49
C LYS A 98 -0.45 -5.95 -10.52
N GLY A 1 6.88 -34.20 -5.95
CA GLY A 1 5.91 -35.25 -5.51
C GLY A 1 6.60 -36.44 -4.88
N SER A 2 5.97 -37.00 -3.85
CA SER A 2 6.53 -38.14 -3.14
C SER A 2 5.55 -39.30 -3.11
N SER A 3 4.27 -38.98 -2.97
CA SER A 3 3.22 -40.00 -2.93
C SER A 3 1.99 -39.54 -3.71
N HIS A 4 0.88 -40.25 -3.53
CA HIS A 4 -0.37 -39.92 -4.22
C HIS A 4 -1.21 -38.97 -3.38
N HIS A 5 -0.96 -38.95 -2.07
CA HIS A 5 -1.70 -38.08 -1.17
C HIS A 5 -1.32 -36.63 -1.37
N HIS A 6 -2.25 -35.84 -1.91
CA HIS A 6 -2.00 -34.43 -2.16
C HIS A 6 -1.78 -33.67 -0.85
N HIS A 7 -0.73 -32.86 -0.83
CA HIS A 7 -0.39 -32.08 0.36
C HIS A 7 -0.68 -30.60 0.14
N HIS A 8 -0.24 -29.76 1.08
CA HIS A 8 -0.44 -28.33 0.98
C HIS A 8 0.74 -27.66 0.29
N HIS A 9 0.84 -27.85 -1.02
CA HIS A 9 1.92 -27.26 -1.80
C HIS A 9 1.37 -26.55 -3.04
N SER A 10 1.23 -27.30 -4.13
CA SER A 10 0.72 -26.75 -5.38
C SER A 10 -0.80 -26.79 -5.41
N SER A 11 -1.37 -27.87 -4.88
CA SER A 11 -2.81 -28.05 -4.85
C SER A 11 -3.43 -27.31 -3.66
N GLY A 12 -2.78 -26.24 -3.22
CA GLY A 12 -3.29 -25.48 -2.09
C GLY A 12 -4.37 -24.50 -2.49
N LEU A 13 -4.41 -23.36 -1.81
CA LEU A 13 -5.39 -22.31 -2.10
C LEU A 13 -5.02 -21.54 -3.35
N VAL A 14 -5.80 -20.51 -3.66
CA VAL A 14 -5.55 -19.69 -4.84
C VAL A 14 -4.28 -18.87 -4.68
N PRO A 15 -3.59 -18.55 -5.80
CA PRO A 15 -2.35 -17.77 -5.78
C PRO A 15 -2.54 -16.41 -5.10
N ARG A 16 -3.72 -15.84 -5.28
CA ARG A 16 -4.03 -14.54 -4.69
C ARG A 16 -4.63 -14.70 -3.29
N GLY A 17 -5.49 -13.76 -2.89
CA GLY A 17 -6.10 -13.83 -1.59
C GLY A 17 -7.21 -14.86 -1.52
N SER A 18 -7.17 -15.72 -0.52
CA SER A 18 -8.18 -16.76 -0.34
C SER A 18 -9.53 -16.14 0.03
N HIS A 19 -9.66 -15.75 1.30
CA HIS A 19 -10.90 -15.15 1.78
C HIS A 19 -10.75 -13.64 1.95
N MET A 20 -11.49 -13.06 2.89
CA MET A 20 -11.43 -11.63 3.15
C MET A 20 -10.14 -11.26 3.88
N ALA A 21 -9.35 -12.26 4.23
CA ALA A 21 -8.09 -12.05 4.93
C ALA A 21 -6.95 -11.76 3.95
N LYS A 22 -7.17 -10.80 3.06
CA LYS A 22 -6.16 -10.43 2.07
C LYS A 22 -5.26 -9.32 2.58
N TYR A 23 -4.89 -9.40 3.87
CA TYR A 23 -4.02 -8.40 4.47
C TYR A 23 -2.56 -8.84 4.41
N GLN A 24 -2.18 -9.45 3.30
CA GLN A 24 -0.80 -9.92 3.11
C GLN A 24 0.08 -8.79 2.59
N VAL A 25 0.39 -7.84 3.47
CA VAL A 25 1.24 -6.70 3.11
C VAL A 25 2.71 -7.07 3.17
N THR A 26 3.50 -6.49 2.28
CA THR A 26 4.93 -6.75 2.23
C THR A 26 5.71 -5.64 2.90
N LYS A 27 5.61 -4.43 2.37
CA LYS A 27 6.31 -3.27 2.93
C LYS A 27 5.32 -2.21 3.40
N THR A 28 5.78 -1.35 4.30
CA THR A 28 4.94 -0.28 4.83
C THR A 28 5.64 1.08 4.70
N LEU A 29 4.85 2.13 4.58
CA LEU A 29 5.38 3.47 4.45
C LEU A 29 4.69 4.43 5.41
N ASP A 30 5.49 5.06 6.28
CA ASP A 30 4.97 6.01 7.26
C ASP A 30 5.60 7.37 7.06
N VAL A 31 4.78 8.38 6.77
CA VAL A 31 5.28 9.72 6.53
C VAL A 31 4.61 10.74 7.46
N ARG A 32 4.02 10.25 8.55
CA ARG A 32 3.34 11.12 9.50
C ARG A 32 4.33 11.91 10.35
N GLY A 33 5.60 11.95 9.92
CA GLY A 33 6.61 12.67 10.67
C GLY A 33 6.60 14.16 10.37
N GLU A 34 7.60 14.60 9.60
CA GLU A 34 7.72 16.01 9.23
C GLU A 34 6.92 16.30 7.96
N VAL A 35 7.23 17.42 7.30
CA VAL A 35 6.54 17.80 6.09
C VAL A 35 7.48 17.78 4.88
N CYS A 36 7.00 18.33 3.76
CA CYS A 36 7.78 18.39 2.53
C CYS A 36 9.12 19.08 2.78
N PRO A 37 10.13 18.86 1.89
CA PRO A 37 10.00 18.02 0.71
C PRO A 37 10.42 16.57 0.96
N VAL A 38 10.44 16.18 2.23
CA VAL A 38 10.83 14.82 2.61
C VAL A 38 9.88 13.78 2.03
N PRO A 39 8.55 13.91 2.29
CA PRO A 39 7.57 12.95 1.79
C PRO A 39 7.33 13.07 0.29
N ASP A 40 7.75 14.21 -0.28
CA ASP A 40 7.58 14.45 -1.70
C ASP A 40 8.43 13.48 -2.53
N VAL A 41 9.73 13.50 -2.29
CA VAL A 41 10.65 12.63 -3.01
C VAL A 41 10.53 11.18 -2.52
N GLU A 42 10.09 11.02 -1.27
CA GLU A 42 9.95 9.70 -0.68
C GLU A 42 8.87 8.90 -1.40
N THR A 43 7.70 9.51 -1.59
CA THR A 43 6.59 8.85 -2.26
C THR A 43 6.91 8.60 -3.74
N LYS A 44 7.49 9.60 -4.39
CA LYS A 44 7.86 9.48 -5.80
C LYS A 44 8.74 8.25 -6.02
N ARG A 45 9.69 8.06 -5.12
CA ARG A 45 10.59 6.92 -5.20
C ARG A 45 9.83 5.61 -5.03
N ALA A 46 8.76 5.66 -4.25
CA ALA A 46 7.95 4.48 -4.00
C ALA A 46 7.35 3.92 -5.29
N LEU A 47 6.76 4.80 -6.09
CA LEU A 47 6.15 4.38 -7.36
C LEU A 47 7.19 3.73 -8.28
N GLN A 48 8.37 4.31 -8.34
CA GLN A 48 9.44 3.80 -9.18
C GLN A 48 10.18 2.64 -8.52
N ASN A 49 9.63 2.15 -7.40
CA ASN A 49 10.24 1.05 -6.68
C ASN A 49 9.20 0.02 -6.27
N MET A 50 8.18 -0.16 -7.11
CA MET A 50 7.12 -1.11 -6.83
C MET A 50 7.19 -2.30 -7.78
N LYS A 51 6.88 -3.49 -7.27
CA LYS A 51 6.91 -4.71 -8.07
C LYS A 51 5.53 -5.03 -8.63
N PRO A 52 5.46 -5.90 -9.66
CA PRO A 52 4.19 -6.27 -10.30
C PRO A 52 3.05 -6.50 -9.31
N GLY A 53 3.14 -7.57 -8.53
CA GLY A 53 2.10 -7.89 -7.57
C GLY A 53 2.47 -7.55 -6.15
N GLU A 54 2.80 -6.29 -5.91
CA GLU A 54 3.18 -5.84 -4.57
C GLU A 54 1.99 -5.34 -3.77
N ILE A 55 2.13 -5.36 -2.45
CA ILE A 55 1.08 -4.89 -1.55
C ILE A 55 1.69 -4.02 -0.45
N LEU A 56 1.43 -2.71 -0.50
CA LEU A 56 2.01 -1.79 0.47
C LEU A 56 0.95 -1.08 1.30
N GLU A 57 1.31 -0.77 2.54
CA GLU A 57 0.42 -0.05 3.45
C GLU A 57 0.97 1.35 3.72
N VAL A 58 0.10 2.35 3.68
CA VAL A 58 0.53 3.73 3.88
C VAL A 58 -0.26 4.41 4.98
N TRP A 59 0.42 5.27 5.74
CA TRP A 59 -0.21 6.02 6.82
C TRP A 59 0.16 7.51 6.71
N ILE A 60 -0.82 8.32 6.31
CA ILE A 60 -0.59 9.76 6.14
C ILE A 60 -1.82 10.55 6.55
N ASP A 61 -1.83 11.83 6.18
CA ASP A 61 -2.95 12.71 6.51
C ASP A 61 -3.20 13.72 5.38
N TYR A 62 -2.83 13.35 4.16
CA TYR A 62 -3.02 14.24 3.01
C TYR A 62 -4.26 13.84 2.20
N PRO A 63 -4.35 12.58 1.71
CA PRO A 63 -3.34 11.54 1.90
C PRO A 63 -2.35 11.47 0.73
N MET A 64 -1.30 10.67 0.90
CA MET A 64 -0.28 10.53 -0.14
C MET A 64 -0.82 9.80 -1.35
N SER A 65 -1.84 8.98 -1.15
CA SER A 65 -2.45 8.21 -2.24
C SER A 65 -3.01 9.13 -3.31
N LYS A 66 -3.19 10.40 -2.96
CA LYS A 66 -3.72 11.38 -3.92
C LYS A 66 -2.81 11.49 -5.14
N GLU A 67 -1.51 11.36 -4.91
CA GLU A 67 -0.53 11.41 -5.98
C GLU A 67 -0.28 10.02 -6.55
N ARG A 68 -0.58 9.00 -5.73
CA ARG A 68 -0.41 7.62 -6.14
C ARG A 68 -1.31 7.29 -7.34
N ILE A 69 -2.57 7.70 -7.27
CA ILE A 69 -3.53 7.42 -8.34
C ILE A 69 -3.03 7.92 -9.69
N PRO A 70 -2.66 9.22 -9.82
CA PRO A 70 -2.17 9.79 -11.08
C PRO A 70 -1.04 8.96 -11.70
N GLU A 71 -0.18 8.41 -10.86
CA GLU A 71 0.95 7.62 -11.31
C GLU A 71 0.49 6.27 -11.86
N THR A 72 -0.18 5.50 -11.01
CA THR A 72 -0.66 4.17 -11.40
C THR A 72 -1.59 4.24 -12.61
N VAL A 73 -2.34 5.34 -12.72
CA VAL A 73 -3.26 5.49 -13.83
C VAL A 73 -2.51 5.79 -15.12
N LYS A 74 -1.33 6.38 -14.99
CA LYS A 74 -0.48 6.66 -16.15
C LYS A 74 -0.18 5.35 -16.86
N LYS A 75 0.20 4.35 -16.08
CA LYS A 75 0.47 3.02 -16.63
C LYS A 75 -0.81 2.18 -16.66
N LEU A 76 -1.25 1.71 -15.49
CA LEU A 76 -2.48 0.93 -15.39
C LEU A 76 -3.64 1.82 -14.95
N GLY A 77 -4.00 1.72 -13.67
CA GLY A 77 -5.07 2.54 -13.13
C GLY A 77 -4.80 2.93 -11.69
N HIS A 78 -5.18 2.06 -10.76
CA HIS A 78 -4.96 2.30 -9.35
C HIS A 78 -4.69 1.00 -8.59
N GLU A 79 -4.00 1.11 -7.46
CA GLU A 79 -3.75 -0.05 -6.62
C GLU A 79 -4.67 0.00 -5.41
N VAL A 80 -5.96 -0.21 -5.66
CA VAL A 80 -6.97 -0.11 -4.62
C VAL A 80 -7.34 -1.47 -4.06
N LEU A 81 -7.15 -1.64 -2.75
CA LEU A 81 -7.48 -2.87 -2.08
C LEU A 81 -8.12 -2.59 -0.72
N GLU A 82 -7.65 -1.54 -0.05
CA GLU A 82 -8.20 -1.17 1.25
C GLU A 82 -8.06 0.31 1.54
N ILE A 83 -9.08 0.87 2.19
CA ILE A 83 -9.09 2.28 2.57
C ILE A 83 -9.79 2.46 3.91
N GLU A 84 -9.19 3.27 4.78
CA GLU A 84 -9.76 3.50 6.11
C GLU A 84 -9.27 4.82 6.70
N GLU A 85 -9.73 5.12 7.90
CA GLU A 85 -9.35 6.34 8.59
C GLU A 85 -8.98 6.05 10.04
N VAL A 86 -8.26 6.97 10.66
CA VAL A 86 -7.83 6.80 12.04
C VAL A 86 -8.35 7.91 12.94
N GLY A 87 -7.93 9.14 12.65
CA GLY A 87 -8.37 10.28 13.44
C GLY A 87 -8.99 11.38 12.60
N PRO A 88 -8.81 12.65 13.00
CA PRO A 88 -9.38 13.79 12.27
C PRO A 88 -8.95 13.84 10.81
N SER A 89 -7.76 14.40 10.56
CA SER A 89 -7.24 14.52 9.20
C SER A 89 -6.29 13.37 8.87
N GLU A 90 -6.05 12.52 9.87
CA GLU A 90 -5.17 11.38 9.69
C GLU A 90 -5.96 10.14 9.30
N TRP A 91 -5.48 9.42 8.29
CA TRP A 91 -6.16 8.22 7.82
C TRP A 91 -5.16 7.18 7.35
N LYS A 92 -5.65 5.96 7.11
CA LYS A 92 -4.81 4.87 6.65
C LYS A 92 -5.30 4.34 5.31
N ILE A 93 -4.40 4.26 4.34
CA ILE A 93 -4.75 3.79 3.01
C ILE A 93 -3.86 2.63 2.58
N TYR A 94 -4.44 1.69 1.85
CA TYR A 94 -3.70 0.53 1.37
C TYR A 94 -3.67 0.51 -0.15
N ILE A 95 -2.46 0.36 -0.70
CA ILE A 95 -2.26 0.33 -2.13
C ILE A 95 -1.53 -0.96 -2.51
N LYS A 96 -1.90 -1.56 -3.64
CA LYS A 96 -1.31 -2.83 -4.03
C LYS A 96 -1.13 -2.92 -5.55
N VAL A 97 0.12 -2.90 -5.98
CA VAL A 97 0.45 -3.01 -7.39
C VAL A 97 -0.04 -4.35 -7.95
N LYS A 98 -0.95 -4.28 -8.92
CA LYS A 98 -1.51 -5.48 -9.53
C LYS A 98 -0.57 -6.04 -10.59
N GLY A 1 9.75 -4.02 17.58
CA GLY A 1 10.04 -2.58 17.37
C GLY A 1 8.87 -1.85 16.72
N SER A 2 7.97 -2.61 16.11
CA SER A 2 6.81 -2.03 15.46
C SER A 2 5.51 -2.63 16.01
N SER A 3 4.75 -1.82 16.74
CA SER A 3 3.49 -2.27 17.32
C SER A 3 2.40 -2.40 16.26
N HIS A 4 2.07 -3.62 15.88
CA HIS A 4 1.04 -3.87 14.87
C HIS A 4 -0.28 -4.26 15.53
N HIS A 5 -0.17 -4.98 16.65
CA HIS A 5 -1.36 -5.42 17.37
C HIS A 5 -1.20 -5.15 18.88
N HIS A 6 -2.19 -5.59 19.65
CA HIS A 6 -2.15 -5.41 21.10
C HIS A 6 -1.09 -6.29 21.74
N HIS A 7 -1.27 -7.60 21.62
CA HIS A 7 -0.33 -8.55 22.19
C HIS A 7 0.77 -8.89 21.18
N HIS A 8 1.56 -9.91 21.49
CA HIS A 8 2.65 -10.33 20.62
C HIS A 8 2.18 -11.40 19.63
N HIS A 9 3.13 -12.03 18.96
CA HIS A 9 2.81 -13.08 17.99
C HIS A 9 2.82 -14.45 18.65
N SER A 10 1.82 -14.71 19.50
CA SER A 10 1.71 -15.98 20.20
C SER A 10 1.22 -17.07 19.26
N SER A 11 0.00 -16.91 18.75
CA SER A 11 -0.59 -17.88 17.84
C SER A 11 -0.18 -17.60 16.40
N GLY A 12 1.00 -17.00 16.22
CA GLY A 12 1.48 -16.70 14.89
C GLY A 12 1.78 -17.95 14.08
N LEU A 13 1.33 -17.96 12.83
CA LEU A 13 1.56 -19.11 11.96
C LEU A 13 2.97 -19.10 11.38
N VAL A 14 3.71 -20.17 11.63
CA VAL A 14 5.08 -20.29 11.14
C VAL A 14 5.12 -20.54 9.63
N PRO A 15 4.36 -21.53 9.12
CA PRO A 15 4.34 -21.84 7.68
C PRO A 15 3.89 -20.66 6.84
N ARG A 16 4.17 -20.72 5.54
CA ARG A 16 3.81 -19.65 4.62
C ARG A 16 2.31 -19.43 4.58
N GLY A 17 1.58 -20.43 4.06
CA GLY A 17 0.14 -20.33 3.97
C GLY A 17 -0.53 -20.09 5.31
N SER A 18 -0.80 -18.82 5.60
CA SER A 18 -1.44 -18.45 6.87
C SER A 18 -2.95 -18.67 6.81
N HIS A 19 -3.65 -17.73 6.18
CA HIS A 19 -5.10 -17.82 6.05
C HIS A 19 -5.55 -17.58 4.61
N MET A 20 -5.80 -16.32 4.27
CA MET A 20 -6.23 -15.96 2.93
C MET A 20 -5.11 -16.15 1.91
N ALA A 21 -5.21 -15.46 0.78
CA ALA A 21 -4.22 -15.57 -0.28
C ALA A 21 -2.84 -15.09 0.20
N LYS A 22 -1.88 -15.08 -0.72
CA LYS A 22 -0.52 -14.66 -0.39
C LYS A 22 -0.35 -13.15 -0.58
N TYR A 23 -1.15 -12.37 0.13
CA TYR A 23 -1.08 -10.92 0.04
C TYR A 23 -0.34 -10.34 1.25
N GLN A 24 0.98 -10.46 1.24
CA GLN A 24 1.80 -9.95 2.33
C GLN A 24 2.32 -8.56 2.02
N VAL A 25 2.30 -7.68 3.02
CA VAL A 25 2.78 -6.31 2.84
C VAL A 25 4.30 -6.28 2.75
N THR A 26 4.82 -5.59 1.75
CA THR A 26 6.26 -5.49 1.54
C THR A 26 6.80 -4.17 2.08
N LYS A 27 6.25 -3.06 1.58
CA LYS A 27 6.69 -1.73 2.01
C LYS A 27 5.58 -1.02 2.78
N THR A 28 5.96 -0.32 3.84
CA THR A 28 5.01 0.41 4.66
C THR A 28 5.52 1.82 4.95
N LEU A 29 4.80 2.83 4.49
CA LEU A 29 5.18 4.21 4.71
C LEU A 29 4.23 4.90 5.68
N ASP A 30 4.75 5.29 6.83
CA ASP A 30 3.96 5.97 7.85
C ASP A 30 4.67 7.20 8.37
N VAL A 31 4.26 8.37 7.90
CA VAL A 31 4.87 9.63 8.32
C VAL A 31 3.83 10.73 8.51
N ARG A 32 3.07 10.64 9.60
CA ARG A 32 2.04 11.62 9.90
C ARG A 32 2.61 13.04 9.91
N GLY A 33 3.11 13.45 11.06
CA GLY A 33 3.69 14.78 11.19
C GLY A 33 5.02 14.90 10.45
N GLU A 34 4.97 15.46 9.24
CA GLU A 34 6.16 15.62 8.44
C GLU A 34 6.76 17.02 8.61
N VAL A 35 8.01 17.17 8.21
CA VAL A 35 8.70 18.46 8.30
C VAL A 35 9.45 18.77 7.01
N CYS A 36 10.70 18.36 6.96
CA CYS A 36 11.54 18.58 5.78
C CYS A 36 10.96 17.85 4.56
N PRO A 37 11.31 18.29 3.34
CA PRO A 37 10.81 17.67 2.11
C PRO A 37 11.48 16.33 1.80
N VAL A 38 12.19 15.79 2.78
CA VAL A 38 12.88 14.52 2.61
C VAL A 38 11.90 13.38 2.32
N PRO A 39 10.88 13.18 3.17
CA PRO A 39 9.87 12.12 2.96
C PRO A 39 9.10 12.31 1.66
N ASP A 40 9.05 13.55 1.19
CA ASP A 40 8.34 13.86 -0.05
C ASP A 40 9.00 13.14 -1.23
N VAL A 41 10.33 13.22 -1.29
CA VAL A 41 11.08 12.57 -2.36
C VAL A 41 11.03 11.05 -2.19
N GLU A 42 10.84 10.60 -0.96
CA GLU A 42 10.77 9.18 -0.67
C GLU A 42 9.57 8.53 -1.35
N THR A 43 8.38 9.07 -1.09
CA THR A 43 7.16 8.55 -1.69
C THR A 43 7.20 8.70 -3.21
N LYS A 44 7.96 9.68 -3.69
CA LYS A 44 8.11 9.89 -5.12
C LYS A 44 8.67 8.65 -5.79
N ARG A 45 9.67 8.05 -5.17
CA ARG A 45 10.28 6.84 -5.70
C ARG A 45 9.28 5.69 -5.69
N ALA A 46 8.48 5.60 -4.64
CA ALA A 46 7.48 4.54 -4.54
C ALA A 46 6.54 4.60 -5.73
N LEU A 47 6.31 5.80 -6.25
CA LEU A 47 5.42 6.00 -7.39
C LEU A 47 6.11 5.61 -8.69
N GLN A 48 7.30 6.15 -8.91
CA GLN A 48 8.04 5.92 -10.15
C GLN A 48 8.79 4.58 -10.13
N ASN A 49 8.73 3.88 -9.01
CA ASN A 49 9.41 2.60 -8.88
C ASN A 49 8.50 1.56 -8.22
N MET A 50 7.48 1.12 -8.97
CA MET A 50 6.54 0.13 -8.46
C MET A 50 6.77 -1.22 -9.11
N LYS A 51 6.71 -2.28 -8.30
CA LYS A 51 6.89 -3.64 -8.80
C LYS A 51 5.54 -4.25 -9.16
N PRO A 52 5.52 -5.17 -10.14
CA PRO A 52 4.28 -5.82 -10.61
C PRO A 52 3.27 -6.11 -9.49
N GLY A 53 3.60 -7.07 -8.63
CA GLY A 53 2.70 -7.44 -7.56
C GLY A 53 3.12 -6.91 -6.20
N GLU A 54 3.20 -5.60 -6.09
CA GLU A 54 3.62 -4.97 -4.83
C GLU A 54 2.42 -4.67 -3.93
N ILE A 55 2.66 -4.75 -2.62
CA ILE A 55 1.63 -4.46 -1.62
C ILE A 55 2.17 -3.50 -0.57
N LEU A 56 1.62 -2.29 -0.51
CA LEU A 56 2.11 -1.28 0.42
C LEU A 56 1.03 -0.84 1.39
N GLU A 57 1.47 -0.42 2.58
CA GLU A 57 0.56 0.09 3.60
C GLU A 57 1.01 1.49 4.02
N VAL A 58 0.12 2.45 3.86
CA VAL A 58 0.44 3.84 4.16
C VAL A 58 -0.37 4.38 5.34
N TRP A 59 0.29 5.14 6.20
CA TRP A 59 -0.35 5.75 7.36
C TRP A 59 0.04 7.22 7.46
N ILE A 60 -0.91 8.11 7.14
CA ILE A 60 -0.65 9.53 7.19
C ILE A 60 -1.95 10.32 7.34
N ASP A 61 -1.88 11.63 7.12
CA ASP A 61 -3.05 12.49 7.24
C ASP A 61 -3.47 13.03 5.88
N TYR A 62 -2.71 12.67 4.85
CA TYR A 62 -2.99 13.12 3.49
C TYR A 62 -2.98 11.94 2.51
N PRO A 63 -4.05 11.76 1.73
CA PRO A 63 -4.15 10.67 0.75
C PRO A 63 -3.03 10.70 -0.28
N MET A 64 -1.99 9.90 -0.06
CA MET A 64 -0.87 9.84 -0.98
C MET A 64 -1.27 9.23 -2.31
N SER A 65 -2.41 8.54 -2.32
CA SER A 65 -2.92 7.90 -3.52
C SER A 65 -3.26 8.94 -4.57
N LYS A 66 -3.28 10.20 -4.18
CA LYS A 66 -3.59 11.29 -5.10
C LYS A 66 -2.59 11.33 -6.26
N GLU A 67 -1.32 11.09 -5.94
CA GLU A 67 -0.27 11.07 -6.96
C GLU A 67 -0.12 9.67 -7.54
N ARG A 68 -0.48 8.68 -6.73
CA ARG A 68 -0.39 7.29 -7.15
C ARG A 68 -1.33 7.02 -8.32
N ILE A 69 -2.55 7.54 -8.24
CA ILE A 69 -3.55 7.34 -9.30
C ILE A 69 -2.99 7.67 -10.68
N PRO A 70 -2.48 8.91 -10.89
CA PRO A 70 -1.93 9.32 -12.19
C PRO A 70 -0.87 8.36 -12.71
N GLU A 71 -0.01 7.87 -11.81
CA GLU A 71 1.05 6.94 -12.19
C GLU A 71 0.48 5.60 -12.66
N THR A 72 -0.22 4.92 -11.77
CA THR A 72 -0.79 3.62 -12.08
C THR A 72 -1.70 3.68 -13.29
N VAL A 73 -2.55 4.70 -13.36
CA VAL A 73 -3.48 4.84 -14.48
C VAL A 73 -2.72 4.91 -15.80
N LYS A 74 -1.50 5.45 -15.76
CA LYS A 74 -0.66 5.50 -16.95
C LYS A 74 -0.45 4.07 -17.44
N LYS A 75 -0.25 3.17 -16.49
CA LYS A 75 -0.11 1.75 -16.79
C LYS A 75 -1.49 1.08 -16.82
N LEU A 76 -1.96 0.68 -15.64
CA LEU A 76 -3.30 0.10 -15.50
C LEU A 76 -4.30 1.15 -15.03
N GLY A 77 -4.68 1.07 -13.76
CA GLY A 77 -5.60 2.03 -13.20
C GLY A 77 -5.12 2.56 -11.85
N HIS A 78 -5.41 1.81 -10.79
CA HIS A 78 -5.00 2.20 -9.45
C HIS A 78 -4.69 0.98 -8.59
N GLU A 79 -4.08 1.23 -7.42
CA GLU A 79 -3.75 0.18 -6.49
C GLU A 79 -4.64 0.27 -5.27
N VAL A 80 -5.95 0.15 -5.47
CA VAL A 80 -6.90 0.28 -4.38
C VAL A 80 -7.32 -1.08 -3.85
N LEU A 81 -7.11 -1.30 -2.56
CA LEU A 81 -7.46 -2.56 -1.92
C LEU A 81 -8.20 -2.34 -0.61
N GLU A 82 -7.78 -1.32 0.14
CA GLU A 82 -8.42 -1.02 1.41
C GLU A 82 -8.30 0.45 1.78
N ILE A 83 -9.30 0.96 2.49
CA ILE A 83 -9.32 2.35 2.92
C ILE A 83 -9.98 2.46 4.29
N GLU A 84 -9.35 3.20 5.20
CA GLU A 84 -9.87 3.37 6.56
C GLU A 84 -9.38 4.66 7.18
N GLU A 85 -9.87 4.95 8.39
CA GLU A 85 -9.48 6.16 9.11
C GLU A 85 -9.24 5.87 10.58
N VAL A 86 -8.76 6.87 11.31
CA VAL A 86 -8.48 6.72 12.73
C VAL A 86 -8.92 7.95 13.51
N GLY A 87 -8.55 9.13 13.02
CA GLY A 87 -8.93 10.37 13.68
C GLY A 87 -9.57 11.36 12.74
N PRO A 88 -9.44 12.67 12.99
CA PRO A 88 -10.02 13.72 12.15
C PRO A 88 -9.43 13.74 10.74
N SER A 89 -8.19 14.23 10.63
CA SER A 89 -7.51 14.31 9.34
C SER A 89 -6.54 13.15 9.16
N GLU A 90 -6.39 12.36 10.21
CA GLU A 90 -5.49 11.20 10.16
C GLU A 90 -6.24 9.94 9.76
N TRP A 91 -5.70 9.21 8.80
CA TRP A 91 -6.33 7.97 8.33
C TRP A 91 -5.30 6.99 7.80
N LYS A 92 -5.75 5.76 7.53
CA LYS A 92 -4.89 4.72 7.01
C LYS A 92 -5.40 4.23 5.66
N ILE A 93 -4.50 4.12 4.70
CA ILE A 93 -4.88 3.67 3.36
C ILE A 93 -4.03 2.48 2.93
N TYR A 94 -4.60 1.62 2.10
CA TYR A 94 -3.90 0.45 1.60
C TYR A 94 -3.80 0.49 0.09
N ILE A 95 -2.56 0.39 -0.41
CA ILE A 95 -2.28 0.46 -1.84
C ILE A 95 -1.52 -0.77 -2.29
N LYS A 96 -1.80 -1.27 -3.50
CA LYS A 96 -1.11 -2.47 -3.97
C LYS A 96 -1.00 -2.51 -5.49
N VAL A 97 0.24 -2.45 -5.99
CA VAL A 97 0.49 -2.51 -7.42
C VAL A 97 0.07 -3.85 -7.99
N LYS A 98 -0.87 -3.83 -8.94
CA LYS A 98 -1.36 -5.05 -9.56
C LYS A 98 -0.46 -5.47 -10.72
N GLY A 1 3.49 -10.39 19.76
CA GLY A 1 2.46 -10.47 18.69
C GLY A 1 1.28 -11.33 19.10
N SER A 2 0.08 -10.75 19.06
CA SER A 2 -1.13 -11.47 19.43
C SER A 2 -2.01 -11.70 18.21
N SER A 3 -2.21 -12.97 17.86
CA SER A 3 -3.05 -13.33 16.72
C SER A 3 -3.94 -14.52 17.05
N HIS A 4 -5.15 -14.23 17.51
CA HIS A 4 -6.10 -15.28 17.87
C HIS A 4 -7.30 -15.27 16.93
N HIS A 5 -7.02 -15.13 15.64
CA HIS A 5 -8.06 -15.11 14.62
C HIS A 5 -8.43 -16.53 14.19
N HIS A 6 -9.71 -16.86 14.24
CA HIS A 6 -10.18 -18.18 13.86
C HIS A 6 -11.45 -18.09 13.01
N HIS A 7 -11.65 -16.93 12.38
CA HIS A 7 -12.82 -16.72 11.54
C HIS A 7 -12.42 -16.55 10.08
N HIS A 8 -12.79 -17.53 9.25
CA HIS A 8 -12.48 -17.49 7.83
C HIS A 8 -13.59 -16.79 7.04
N HIS A 9 -14.83 -16.93 7.52
CA HIS A 9 -15.97 -16.31 6.87
C HIS A 9 -16.59 -15.23 7.76
N SER A 10 -15.78 -14.22 8.11
CA SER A 10 -16.24 -13.14 8.94
C SER A 10 -17.28 -12.29 8.22
N SER A 11 -18.33 -11.89 8.95
CA SER A 11 -19.40 -11.09 8.38
C SER A 11 -18.89 -9.72 7.92
N GLY A 12 -18.50 -8.89 8.88
CA GLY A 12 -18.01 -7.56 8.56
C GLY A 12 -16.65 -7.58 7.89
N LEU A 13 -16.64 -7.80 6.57
CA LEU A 13 -15.40 -7.84 5.81
C LEU A 13 -14.75 -6.46 5.75
N VAL A 14 -15.37 -5.56 4.98
CA VAL A 14 -14.86 -4.20 4.82
C VAL A 14 -14.77 -3.47 6.17
N PRO A 15 -15.82 -3.54 7.02
CA PRO A 15 -15.83 -2.86 8.33
C PRO A 15 -14.65 -3.26 9.21
N ARG A 16 -14.71 -2.88 10.47
CA ARG A 16 -13.64 -3.17 11.41
C ARG A 16 -13.62 -4.65 11.82
N GLY A 17 -14.24 -5.49 11.00
CA GLY A 17 -14.27 -6.91 11.29
C GLY A 17 -12.99 -7.61 10.85
N SER A 18 -13.08 -8.33 9.74
CA SER A 18 -11.92 -9.05 9.21
C SER A 18 -11.02 -8.11 8.40
N HIS A 19 -10.97 -6.84 8.80
CA HIS A 19 -10.15 -5.85 8.11
C HIS A 19 -8.78 -6.40 7.73
N MET A 20 -8.22 -7.23 8.61
CA MET A 20 -6.91 -7.83 8.35
C MET A 20 -6.94 -8.72 7.12
N ALA A 21 -6.53 -8.16 5.99
CA ALA A 21 -6.52 -8.90 4.73
C ALA A 21 -5.50 -10.04 4.77
N LYS A 22 -5.73 -11.05 3.94
CA LYS A 22 -4.84 -12.21 3.87
C LYS A 22 -3.75 -11.99 2.82
N TYR A 23 -3.36 -10.74 2.62
CA TYR A 23 -2.33 -10.40 1.64
C TYR A 23 -0.98 -10.22 2.31
N GLN A 24 0.09 -10.41 1.54
CA GLN A 24 1.44 -10.28 2.06
C GLN A 24 1.96 -8.85 1.87
N VAL A 25 1.89 -8.06 2.94
CA VAL A 25 2.36 -6.68 2.91
C VAL A 25 3.85 -6.61 2.62
N THR A 26 4.27 -5.56 1.92
CA THR A 26 5.68 -5.38 1.57
C THR A 26 6.27 -4.15 2.24
N LYS A 27 5.71 -2.98 1.97
CA LYS A 27 6.23 -1.74 2.54
C LYS A 27 5.19 -1.05 3.43
N THR A 28 5.67 -0.19 4.32
CA THR A 28 4.80 0.56 5.22
C THR A 28 5.23 2.02 5.28
N LEU A 29 4.43 2.90 4.69
CA LEU A 29 4.74 4.33 4.68
C LEU A 29 3.84 5.09 5.64
N ASP A 30 4.42 5.62 6.70
CA ASP A 30 3.68 6.40 7.68
C ASP A 30 4.43 7.68 8.02
N VAL A 31 3.90 8.81 7.55
CA VAL A 31 4.54 10.11 7.77
C VAL A 31 3.50 11.18 8.12
N ARG A 32 2.96 11.11 9.33
CA ARG A 32 1.98 12.08 9.80
C ARG A 32 2.57 13.49 9.76
N GLY A 33 3.21 13.88 10.85
CA GLY A 33 3.82 15.19 10.93
C GLY A 33 5.18 15.22 10.26
N GLU A 34 5.21 15.71 9.02
CA GLU A 34 6.46 15.79 8.25
C GLU A 34 7.14 17.13 8.44
N VAL A 35 8.43 17.19 8.10
CA VAL A 35 9.20 18.42 8.21
C VAL A 35 10.03 18.65 6.95
N CYS A 36 11.24 18.12 6.95
CA CYS A 36 12.15 18.26 5.81
C CYS A 36 11.56 17.60 4.56
N PRO A 37 11.96 18.04 3.36
CA PRO A 37 11.46 17.50 2.10
C PRO A 37 12.12 16.16 1.74
N VAL A 38 12.73 15.53 2.73
CA VAL A 38 13.40 14.24 2.51
C VAL A 38 12.39 13.14 2.15
N PRO A 39 11.34 12.93 2.96
CA PRO A 39 10.33 11.90 2.69
C PRO A 39 9.52 12.20 1.44
N ASP A 40 9.50 13.47 1.03
CA ASP A 40 8.76 13.89 -0.15
C ASP A 40 9.35 13.26 -1.41
N VAL A 41 10.63 13.49 -1.64
CA VAL A 41 11.31 12.94 -2.81
C VAL A 41 11.42 11.42 -2.73
N GLU A 42 11.44 10.91 -1.50
CA GLU A 42 11.53 9.47 -1.27
C GLU A 42 10.32 8.74 -1.85
N THR A 43 9.14 9.07 -1.33
CA THR A 43 7.91 8.44 -1.79
C THR A 43 7.68 8.71 -3.28
N LYS A 44 8.22 9.83 -3.76
CA LYS A 44 8.10 10.21 -5.16
C LYS A 44 8.71 9.14 -6.05
N ARG A 45 9.91 8.68 -5.68
CA ARG A 45 10.60 7.65 -6.44
C ARG A 45 9.83 6.33 -6.40
N ALA A 46 9.14 6.09 -5.29
CA ALA A 46 8.36 4.87 -5.13
C ALA A 46 7.28 4.77 -6.21
N LEU A 47 6.67 5.91 -6.53
CA LEU A 47 5.62 5.96 -7.56
C LEU A 47 6.21 5.69 -8.94
N GLN A 48 7.45 6.16 -9.14
CA GLN A 48 8.13 5.98 -10.42
C GLN A 48 8.74 4.59 -10.51
N ASN A 49 8.80 3.89 -9.38
CA ASN A 49 9.38 2.55 -9.33
C ASN A 49 8.50 1.59 -8.53
N MET A 50 7.35 1.24 -9.09
CA MET A 50 6.41 0.34 -8.43
C MET A 50 6.55 -1.08 -8.97
N LYS A 51 6.76 -2.05 -8.08
CA LYS A 51 6.89 -3.45 -8.47
C LYS A 51 5.53 -4.09 -8.68
N PRO A 52 5.43 -5.09 -9.57
CA PRO A 52 4.17 -5.79 -9.85
C PRO A 52 3.61 -6.50 -8.62
N GLY A 53 4.49 -6.85 -7.69
CA GLY A 53 4.06 -7.52 -6.48
C GLY A 53 4.07 -6.61 -5.26
N GLU A 54 3.67 -5.36 -5.43
CA GLU A 54 3.66 -4.42 -4.31
C GLU A 54 2.34 -4.41 -3.57
N ILE A 55 2.40 -4.68 -2.26
CA ILE A 55 1.22 -4.66 -1.40
C ILE A 55 1.54 -3.91 -0.11
N LEU A 56 1.42 -2.59 -0.13
CA LEU A 56 1.77 -1.78 1.04
C LEU A 56 0.58 -0.99 1.56
N GLU A 57 0.84 -0.24 2.63
CA GLU A 57 -0.19 0.59 3.25
C GLU A 57 0.39 1.97 3.60
N VAL A 58 -0.44 3.00 3.50
CA VAL A 58 0.01 4.36 3.78
C VAL A 58 -0.79 4.98 4.93
N TRP A 59 -0.07 5.62 5.85
CA TRP A 59 -0.71 6.25 7.00
C TRP A 59 -0.38 7.73 7.06
N ILE A 60 -1.28 8.57 6.52
CA ILE A 60 -1.09 10.02 6.53
C ILE A 60 -2.44 10.74 6.59
N ASP A 61 -2.45 12.00 6.20
CA ASP A 61 -3.67 12.80 6.22
C ASP A 61 -3.89 13.52 4.90
N TYR A 62 -3.56 12.87 3.79
CA TYR A 62 -3.75 13.47 2.47
C TYR A 62 -4.77 12.66 1.65
N PRO A 63 -4.52 11.37 1.35
CA PRO A 63 -3.31 10.63 1.72
C PRO A 63 -2.29 10.60 0.58
N MET A 64 -1.27 9.76 0.73
CA MET A 64 -0.24 9.62 -0.29
C MET A 64 -0.81 8.97 -1.55
N SER A 65 -1.83 8.14 -1.37
CA SER A 65 -2.45 7.43 -2.48
C SER A 65 -2.97 8.40 -3.53
N LYS A 66 -3.10 9.67 -3.16
CA LYS A 66 -3.60 10.69 -4.07
C LYS A 66 -2.71 10.80 -5.30
N GLU A 67 -1.41 10.60 -5.12
CA GLU A 67 -0.46 10.66 -6.22
C GLU A 67 -0.22 9.26 -6.79
N ARG A 68 -0.43 8.25 -5.95
CA ARG A 68 -0.26 6.87 -6.37
C ARG A 68 -1.23 6.51 -7.49
N ILE A 69 -2.46 7.01 -7.40
CA ILE A 69 -3.48 6.72 -8.41
C ILE A 69 -3.04 7.20 -9.80
N PRO A 70 -2.71 8.51 -9.96
CA PRO A 70 -2.29 9.06 -11.25
C PRO A 70 -1.25 8.20 -11.96
N GLU A 71 -0.23 7.78 -11.22
CA GLU A 71 0.84 6.95 -11.78
C GLU A 71 0.26 5.63 -12.30
N THR A 72 -0.56 4.99 -11.48
CA THR A 72 -1.14 3.71 -11.84
C THR A 72 -1.98 3.81 -13.11
N VAL A 73 -2.82 4.84 -13.20
CA VAL A 73 -3.67 5.02 -14.36
C VAL A 73 -2.84 5.15 -15.63
N LYS A 74 -1.63 5.68 -15.49
CA LYS A 74 -0.72 5.80 -16.62
C LYS A 74 -0.48 4.40 -17.19
N LYS A 75 -0.32 3.44 -16.29
CA LYS A 75 -0.13 2.05 -16.67
C LYS A 75 -1.48 1.33 -16.75
N LEU A 76 -1.98 0.90 -15.59
CA LEU A 76 -3.27 0.23 -15.52
C LEU A 76 -4.37 1.19 -15.08
N GLY A 77 -4.66 1.18 -13.78
CA GLY A 77 -5.69 2.06 -13.23
C GLY A 77 -5.31 2.56 -11.84
N HIS A 78 -5.62 1.77 -10.83
CA HIS A 78 -5.29 2.13 -9.45
C HIS A 78 -4.96 0.89 -8.63
N GLU A 79 -4.06 1.05 -7.66
CA GLU A 79 -3.67 -0.02 -6.79
C GLU A 79 -4.49 0.06 -5.50
N VAL A 80 -5.81 0.06 -5.67
CA VAL A 80 -6.71 0.19 -4.54
C VAL A 80 -7.26 -1.17 -4.10
N LEU A 81 -7.11 -1.46 -2.81
CA LEU A 81 -7.59 -2.71 -2.26
C LEU A 81 -8.37 -2.49 -0.97
N GLU A 82 -7.93 -1.51 -0.18
CA GLU A 82 -8.61 -1.20 1.08
C GLU A 82 -8.41 0.25 1.49
N ILE A 83 -9.41 0.81 2.17
CA ILE A 83 -9.34 2.18 2.67
C ILE A 83 -10.00 2.28 4.04
N GLU A 84 -9.40 3.07 4.93
CA GLU A 84 -9.92 3.23 6.29
C GLU A 84 -9.45 4.54 6.91
N GLU A 85 -9.89 4.78 8.14
CA GLU A 85 -9.51 5.99 8.87
C GLU A 85 -9.10 5.65 10.30
N VAL A 86 -8.55 6.63 11.01
CA VAL A 86 -8.11 6.44 12.38
C VAL A 86 -8.64 7.53 13.30
N GLY A 87 -8.34 8.77 12.96
CA GLY A 87 -8.79 9.90 13.77
C GLY A 87 -9.50 10.96 12.96
N PRO A 88 -9.35 12.25 13.34
CA PRO A 88 -10.00 13.36 12.64
C PRO A 88 -9.61 13.42 11.16
N SER A 89 -8.44 14.00 10.88
CA SER A 89 -7.96 14.13 9.52
C SER A 89 -6.95 13.05 9.18
N GLU A 90 -6.62 12.21 10.16
CA GLU A 90 -5.67 11.13 9.96
C GLU A 90 -6.39 9.84 9.55
N TRP A 91 -5.86 9.18 8.52
CA TRP A 91 -6.46 7.95 8.04
C TRP A 91 -5.40 6.99 7.47
N LYS A 92 -5.83 5.76 7.21
CA LYS A 92 -4.93 4.75 6.66
C LYS A 92 -5.46 4.24 5.32
N ILE A 93 -4.54 3.90 4.43
CA ILE A 93 -4.91 3.41 3.11
C ILE A 93 -4.18 2.11 2.77
N TYR A 94 -4.73 1.37 1.83
CA TYR A 94 -4.12 0.12 1.37
C TYR A 94 -3.94 0.17 -0.14
N ILE A 95 -2.70 -0.02 -0.58
CA ILE A 95 -2.36 0.06 -2.00
C ILE A 95 -1.70 -1.23 -2.46
N LYS A 96 -1.90 -1.58 -3.73
CA LYS A 96 -1.33 -2.83 -4.25
C LYS A 96 -1.04 -2.74 -5.73
N VAL A 97 0.23 -2.49 -6.05
CA VAL A 97 0.67 -2.39 -7.44
C VAL A 97 0.64 -3.76 -8.11
N LYS A 98 -0.49 -4.10 -8.70
CA LYS A 98 -0.65 -5.39 -9.38
C LYS A 98 -0.23 -5.29 -10.84
N GLY A 1 -13.38 -2.98 11.64
CA GLY A 1 -12.96 -3.26 13.04
C GLY A 1 -13.17 -2.07 13.96
N SER A 2 -12.84 -0.88 13.47
CA SER A 2 -13.02 0.34 14.26
C SER A 2 -14.31 1.06 13.87
N SER A 3 -15.20 0.33 13.21
CA SER A 3 -16.49 0.89 12.80
C SER A 3 -17.54 0.72 13.89
N HIS A 4 -18.35 1.76 14.08
CA HIS A 4 -19.39 1.73 15.10
C HIS A 4 -20.75 2.09 14.49
N HIS A 5 -20.85 3.31 13.98
CA HIS A 5 -22.10 3.77 13.37
C HIS A 5 -22.08 3.55 11.85
N HIS A 6 -20.97 3.01 11.35
CA HIS A 6 -20.84 2.75 9.92
C HIS A 6 -21.60 1.48 9.53
N HIS A 7 -21.04 0.33 9.85
CA HIS A 7 -21.65 -0.95 9.53
C HIS A 7 -21.75 -1.84 10.77
N HIS A 8 -22.98 -2.11 11.20
CA HIS A 8 -23.20 -2.94 12.39
C HIS A 8 -23.66 -4.34 11.99
N HIS A 9 -22.96 -5.35 12.49
CA HIS A 9 -23.29 -6.74 12.19
C HIS A 9 -24.60 -7.14 12.88
N SER A 10 -25.68 -7.19 12.11
CA SER A 10 -26.99 -7.55 12.64
C SER A 10 -27.01 -9.00 13.09
N SER A 11 -26.01 -9.77 12.66
CA SER A 11 -25.91 -11.18 13.01
C SER A 11 -25.44 -11.34 14.45
N GLY A 12 -24.80 -12.48 14.75
CA GLY A 12 -24.30 -12.72 16.08
C GLY A 12 -22.89 -12.20 16.29
N LEU A 13 -22.14 -12.87 17.14
CA LEU A 13 -20.76 -12.46 17.42
C LEU A 13 -19.79 -13.18 16.49
N VAL A 14 -19.49 -12.55 15.36
CA VAL A 14 -18.57 -13.12 14.38
C VAL A 14 -17.09 -12.82 14.72
N PRO A 15 -16.74 -11.59 15.17
CA PRO A 15 -17.65 -10.48 15.41
C PRO A 15 -17.62 -9.44 14.29
N ARG A 16 -17.94 -8.19 14.63
CA ARG A 16 -17.97 -7.10 13.66
C ARG A 16 -16.60 -6.89 12.99
N GLY A 17 -15.58 -7.63 13.43
CA GLY A 17 -14.27 -7.49 12.85
C GLY A 17 -14.16 -8.15 11.48
N SER A 18 -14.41 -7.37 10.44
CA SER A 18 -14.36 -7.89 9.07
C SER A 18 -12.93 -8.00 8.56
N HIS A 19 -11.98 -8.14 9.49
CA HIS A 19 -10.57 -8.25 9.13
C HIS A 19 -10.17 -9.71 8.93
N MET A 20 -11.12 -10.53 8.48
CA MET A 20 -10.85 -11.95 8.25
C MET A 20 -10.16 -12.17 6.91
N ALA A 21 -9.95 -11.08 6.17
CA ALA A 21 -9.31 -11.15 4.87
C ALA A 21 -7.83 -11.50 5.01
N LYS A 22 -7.20 -11.86 3.90
CA LYS A 22 -5.78 -12.20 3.88
C LYS A 22 -4.92 -10.98 3.61
N TYR A 23 -4.73 -10.15 4.63
CA TYR A 23 -3.93 -8.94 4.49
C TYR A 23 -2.45 -9.28 4.40
N GLN A 24 -2.01 -9.67 3.21
CA GLN A 24 -0.61 -10.02 2.98
C GLN A 24 0.20 -8.81 2.60
N VAL A 25 0.36 -7.87 3.53
CA VAL A 25 1.12 -6.66 3.28
C VAL A 25 2.63 -6.94 3.33
N THR A 26 3.36 -6.34 2.41
CA THR A 26 4.81 -6.53 2.34
C THR A 26 5.54 -5.36 2.97
N LYS A 27 5.43 -4.18 2.36
CA LYS A 27 6.09 -2.98 2.87
C LYS A 27 5.08 -2.01 3.46
N THR A 28 5.53 -1.25 4.47
CA THR A 28 4.66 -0.27 5.12
C THR A 28 5.40 1.05 5.32
N LEU A 29 4.89 2.10 4.68
CA LEU A 29 5.51 3.42 4.79
C LEU A 29 4.71 4.32 5.73
N ASP A 30 5.29 4.61 6.89
CA ASP A 30 4.65 5.45 7.88
C ASP A 30 5.56 6.62 8.26
N VAL A 31 5.13 7.84 7.93
CA VAL A 31 5.93 9.01 8.23
C VAL A 31 5.06 10.15 8.76
N ARG A 32 4.18 9.82 9.72
CA ARG A 32 3.29 10.81 10.31
C ARG A 32 4.03 11.74 11.27
N GLY A 33 5.37 11.75 11.20
CA GLY A 33 6.15 12.62 12.06
C GLY A 33 6.24 14.03 11.54
N GLU A 34 7.14 14.24 10.58
CA GLU A 34 7.32 15.56 9.97
C GLU A 34 6.28 15.79 8.88
N VAL A 35 6.51 16.81 8.05
CA VAL A 35 5.60 17.14 6.97
C VAL A 35 6.33 17.22 5.63
N CYS A 36 5.60 17.63 4.59
CA CYS A 36 6.17 17.76 3.25
C CYS A 36 7.36 18.72 3.26
N PRO A 37 8.25 18.63 2.26
CA PRO A 37 8.14 17.68 1.14
C PRO A 37 8.88 16.38 1.39
N VAL A 38 9.06 16.03 2.67
CA VAL A 38 9.77 14.81 3.03
C VAL A 38 9.05 13.56 2.48
N PRO A 39 7.73 13.41 2.74
CA PRO A 39 6.98 12.25 2.26
C PRO A 39 6.67 12.34 0.76
N ASP A 40 6.80 13.54 0.21
CA ASP A 40 6.53 13.76 -1.21
C ASP A 40 7.56 13.05 -2.08
N VAL A 41 8.83 13.29 -1.81
CA VAL A 41 9.91 12.67 -2.57
C VAL A 41 10.04 11.19 -2.22
N GLU A 42 9.73 10.85 -0.98
CA GLU A 42 9.81 9.47 -0.52
C GLU A 42 8.93 8.55 -1.37
N THR A 43 7.63 8.82 -1.36
CA THR A 43 6.68 8.02 -2.13
C THR A 43 6.97 8.09 -3.61
N LYS A 44 7.39 9.26 -4.08
CA LYS A 44 7.72 9.47 -5.49
C LYS A 44 8.68 8.40 -6.00
N ARG A 45 9.67 8.08 -5.18
CA ARG A 45 10.66 7.06 -5.54
C ARG A 45 10.01 5.67 -5.53
N ALA A 46 9.06 5.47 -4.62
CA ALA A 46 8.37 4.18 -4.51
C ALA A 46 7.64 3.83 -5.81
N LEU A 47 6.88 4.79 -6.34
CA LEU A 47 6.14 4.58 -7.58
C LEU A 47 7.09 4.25 -8.73
N GLN A 48 8.25 4.88 -8.74
CA GLN A 48 9.25 4.65 -9.78
C GLN A 48 9.94 3.32 -9.60
N ASN A 49 9.70 2.68 -8.47
CA ASN A 49 10.31 1.39 -8.17
C ASN A 49 9.28 0.41 -7.59
N MET A 50 8.15 0.29 -8.27
CA MET A 50 7.08 -0.61 -7.83
C MET A 50 7.29 -2.00 -8.41
N LYS A 51 6.91 -3.02 -7.65
CA LYS A 51 7.03 -4.41 -8.10
C LYS A 51 5.67 -4.94 -8.56
N PRO A 52 5.68 -5.88 -9.53
CA PRO A 52 4.46 -6.45 -10.09
C PRO A 52 3.29 -6.54 -9.11
N GLY A 53 3.32 -7.54 -8.24
CA GLY A 53 2.23 -7.73 -7.29
C GLY A 53 2.60 -7.29 -5.88
N GLU A 54 2.89 -6.00 -5.72
CA GLU A 54 3.26 -5.46 -4.42
C GLU A 54 2.03 -4.99 -3.64
N ILE A 55 2.12 -5.06 -2.33
CA ILE A 55 1.04 -4.60 -1.44
C ILE A 55 1.64 -3.80 -0.29
N LEU A 56 1.45 -2.48 -0.34
CA LEU A 56 2.04 -1.61 0.68
C LEU A 56 0.98 -0.85 1.45
N GLU A 57 1.27 -0.58 2.72
CA GLU A 57 0.37 0.17 3.59
C GLU A 57 1.03 1.50 3.99
N VAL A 58 0.29 2.59 3.81
CA VAL A 58 0.83 3.91 4.13
C VAL A 58 0.05 4.56 5.28
N TRP A 59 0.78 5.11 6.23
CA TRP A 59 0.18 5.77 7.39
C TRP A 59 0.65 7.22 7.49
N ILE A 60 -0.25 8.16 7.22
CA ILE A 60 0.09 9.58 7.28
C ILE A 60 -1.16 10.44 7.48
N ASP A 61 -1.00 11.76 7.34
CA ASP A 61 -2.12 12.68 7.51
C ASP A 61 -2.54 13.28 6.18
N TYR A 62 -1.77 13.01 5.13
CA TYR A 62 -2.09 13.52 3.80
C TYR A 62 -2.14 12.38 2.78
N PRO A 63 -3.27 12.21 2.09
CA PRO A 63 -3.45 11.14 1.10
C PRO A 63 -2.40 11.22 -0.01
N MET A 64 -1.30 10.50 0.18
CA MET A 64 -0.23 10.48 -0.82
C MET A 64 -0.68 9.77 -2.08
N SER A 65 -1.79 9.04 -1.98
CA SER A 65 -2.34 8.32 -3.11
C SER A 65 -2.78 9.29 -4.21
N LYS A 66 -2.95 10.56 -3.84
CA LYS A 66 -3.37 11.58 -4.79
C LYS A 66 -2.40 11.66 -5.96
N GLU A 67 -1.13 11.40 -5.68
CA GLU A 67 -0.10 11.41 -6.71
C GLU A 67 0.11 10.03 -7.28
N ARG A 68 -0.15 9.02 -6.46
CA ARG A 68 0.00 7.63 -6.88
C ARG A 68 -0.97 7.28 -8.00
N ILE A 69 -2.20 7.79 -7.92
CA ILE A 69 -3.21 7.52 -8.93
C ILE A 69 -2.76 7.98 -10.31
N PRO A 70 -2.37 9.27 -10.48
CA PRO A 70 -1.93 9.80 -11.76
C PRO A 70 -0.89 8.90 -12.44
N GLU A 71 0.08 8.43 -11.66
CA GLU A 71 1.12 7.56 -12.18
C GLU A 71 0.57 6.20 -12.58
N THR A 72 -0.18 5.59 -11.67
CA THR A 72 -0.76 4.26 -11.92
C THR A 72 -1.65 4.27 -13.15
N VAL A 73 -2.55 5.25 -13.24
CA VAL A 73 -3.45 5.34 -14.36
C VAL A 73 -2.69 5.47 -15.68
N LYS A 74 -1.49 6.04 -15.61
CA LYS A 74 -0.65 6.17 -16.79
C LYS A 74 -0.40 4.78 -17.35
N LYS A 75 -0.15 3.83 -16.45
CA LYS A 75 0.05 2.44 -16.81
C LYS A 75 -1.29 1.70 -16.80
N LEU A 76 -1.73 1.30 -15.60
CA LEU A 76 -3.01 0.62 -15.44
C LEU A 76 -4.09 1.60 -14.98
N GLY A 77 -4.37 1.59 -13.68
CA GLY A 77 -5.36 2.49 -13.12
C GLY A 77 -4.99 2.94 -11.72
N HIS A 78 -5.38 2.14 -10.73
CA HIS A 78 -5.05 2.45 -9.34
C HIS A 78 -4.84 1.17 -8.54
N GLU A 79 -4.03 1.25 -7.49
CA GLU A 79 -3.75 0.11 -6.64
C GLU A 79 -4.58 0.20 -5.37
N VAL A 80 -5.89 0.03 -5.54
CA VAL A 80 -6.81 0.16 -4.41
C VAL A 80 -7.18 -1.20 -3.83
N LEU A 81 -6.95 -1.37 -2.54
CA LEU A 81 -7.28 -2.61 -1.85
C LEU A 81 -8.00 -2.33 -0.54
N GLU A 82 -7.58 -1.28 0.16
CA GLU A 82 -8.21 -0.92 1.43
C GLU A 82 -8.07 0.58 1.73
N ILE A 83 -9.09 1.14 2.38
CA ILE A 83 -9.08 2.55 2.76
C ILE A 83 -9.71 2.73 4.15
N GLU A 84 -9.07 3.54 4.99
CA GLU A 84 -9.58 3.77 6.34
C GLU A 84 -9.05 5.07 6.92
N GLU A 85 -9.44 5.36 8.15
CA GLU A 85 -9.01 6.58 8.83
C GLU A 85 -8.55 6.27 10.25
N VAL A 86 -7.80 7.20 10.84
CA VAL A 86 -7.28 7.02 12.19
C VAL A 86 -7.72 8.15 13.12
N GLY A 87 -7.26 9.36 12.84
CA GLY A 87 -7.61 10.50 13.67
C GLY A 87 -8.26 11.62 12.88
N PRO A 88 -8.15 12.88 13.34
CA PRO A 88 -8.73 14.04 12.66
C PRO A 88 -8.30 14.13 11.21
N SER A 89 -7.07 14.57 10.99
CA SER A 89 -6.53 14.70 9.64
C SER A 89 -5.65 13.52 9.27
N GLU A 90 -5.47 12.63 10.23
CA GLU A 90 -4.66 11.43 10.02
C GLU A 90 -5.53 10.25 9.59
N TRP A 91 -5.05 9.48 8.62
CA TRP A 91 -5.79 8.34 8.11
C TRP A 91 -4.84 7.27 7.57
N LYS A 92 -5.39 6.09 7.27
CA LYS A 92 -4.60 4.99 6.74
C LYS A 92 -5.10 4.57 5.37
N ILE A 93 -4.18 4.41 4.43
CA ILE A 93 -4.53 4.00 3.08
C ILE A 93 -3.75 2.76 2.66
N TYR A 94 -4.41 1.89 1.89
CA TYR A 94 -3.78 0.66 1.42
C TYR A 94 -3.70 0.65 -0.10
N ILE A 95 -2.48 0.46 -0.59
CA ILE A 95 -2.22 0.43 -2.03
C ILE A 95 -1.53 -0.86 -2.41
N LYS A 96 -1.77 -1.36 -3.63
CA LYS A 96 -1.18 -2.62 -4.04
C LYS A 96 -0.95 -2.70 -5.54
N VAL A 97 0.32 -2.65 -5.95
CA VAL A 97 0.68 -2.74 -7.35
C VAL A 97 0.17 -4.05 -7.95
N LYS A 98 -0.68 -3.95 -8.96
CA LYS A 98 -1.23 -5.13 -9.61
C LYS A 98 -0.23 -5.72 -10.61
N GLY A 1 17.31 4.29 -11.07
CA GLY A 1 18.29 5.20 -11.71
C GLY A 1 18.28 6.59 -11.09
N SER A 2 18.62 6.67 -9.80
CA SER A 2 18.65 7.94 -9.09
C SER A 2 20.06 8.52 -9.04
N SER A 3 20.91 7.92 -8.22
CA SER A 3 22.28 8.38 -8.07
C SER A 3 23.24 7.20 -7.95
N HIS A 4 23.27 6.58 -6.77
CA HIS A 4 24.14 5.43 -6.53
C HIS A 4 23.37 4.28 -5.91
N HIS A 5 22.67 3.52 -6.75
CA HIS A 5 21.88 2.39 -6.29
C HIS A 5 22.47 1.07 -6.78
N HIS A 6 23.53 0.61 -6.11
CA HIS A 6 24.19 -0.63 -6.47
C HIS A 6 23.69 -1.78 -5.62
N HIS A 7 23.99 -1.72 -4.32
CA HIS A 7 23.57 -2.77 -3.39
C HIS A 7 22.86 -2.16 -2.18
N HIS A 8 21.81 -2.83 -1.72
CA HIS A 8 21.04 -2.36 -0.58
C HIS A 8 21.33 -3.21 0.65
N HIS A 9 21.20 -2.61 1.83
CA HIS A 9 21.46 -3.30 3.09
C HIS A 9 20.16 -3.78 3.72
N SER A 10 19.25 -4.30 2.90
CA SER A 10 17.97 -4.79 3.39
C SER A 10 18.13 -6.16 4.05
N SER A 11 18.07 -6.17 5.38
CA SER A 11 18.20 -7.41 6.14
C SER A 11 16.92 -8.23 6.09
N GLY A 12 16.65 -9.01 7.12
CA GLY A 12 15.45 -9.83 7.16
C GLY A 12 14.23 -9.05 7.60
N LEU A 13 13.05 -9.63 7.42
CA LEU A 13 11.81 -8.98 7.80
C LEU A 13 11.67 -8.92 9.32
N VAL A 14 10.93 -7.93 9.80
CA VAL A 14 10.71 -7.76 11.23
C VAL A 14 9.80 -8.86 11.78
N PRO A 15 10.20 -9.51 12.89
CA PRO A 15 9.41 -10.59 13.49
C PRO A 15 8.00 -10.13 13.85
N ARG A 16 7.86 -8.86 14.20
CA ARG A 16 6.56 -8.30 14.58
C ARG A 16 5.77 -7.87 13.34
N GLY A 17 6.00 -8.54 12.22
CA GLY A 17 5.31 -8.19 10.99
C GLY A 17 3.82 -8.48 11.07
N SER A 18 3.10 -8.20 10.00
CA SER A 18 1.66 -8.42 9.95
C SER A 18 1.34 -9.89 9.65
N HIS A 19 2.24 -10.78 10.04
CA HIS A 19 2.05 -12.21 9.80
C HIS A 19 0.67 -12.68 10.29
N MET A 20 0.31 -12.31 11.51
CA MET A 20 -0.97 -12.71 12.09
C MET A 20 -2.13 -12.31 11.16
N ALA A 21 -2.19 -11.03 10.82
CA ALA A 21 -3.25 -10.52 9.96
C ALA A 21 -3.17 -11.15 8.57
N LYS A 22 -4.27 -11.10 7.83
CA LYS A 22 -4.30 -11.65 6.48
C LYS A 22 -3.89 -10.60 5.45
N TYR A 23 -3.05 -9.67 5.88
CA TYR A 23 -2.58 -8.59 5.00
C TYR A 23 -1.14 -8.88 4.53
N GLN A 24 -0.98 -9.00 3.22
CA GLN A 24 0.34 -9.27 2.65
C GLN A 24 1.04 -7.97 2.27
N VAL A 25 1.25 -7.11 3.26
CA VAL A 25 1.92 -5.84 3.04
C VAL A 25 3.44 -5.99 3.11
N THR A 26 4.14 -5.40 2.15
CA THR A 26 5.59 -5.48 2.10
C THR A 26 6.23 -4.21 2.66
N LYS A 27 5.96 -3.08 2.01
CA LYS A 27 6.53 -1.81 2.45
C LYS A 27 5.44 -0.87 2.96
N THR A 28 5.74 -0.15 4.03
CA THR A 28 4.79 0.79 4.63
C THR A 28 5.45 2.14 4.86
N LEU A 29 4.73 3.21 4.49
CA LEU A 29 5.25 4.55 4.66
C LEU A 29 4.43 5.32 5.69
N ASP A 30 5.12 5.89 6.67
CA ASP A 30 4.46 6.66 7.72
C ASP A 30 4.96 8.11 7.73
N VAL A 31 4.09 9.02 7.31
CA VAL A 31 4.44 10.44 7.27
C VAL A 31 3.39 11.28 7.98
N ARG A 32 3.32 11.14 9.30
CA ARG A 32 2.36 11.88 10.11
C ARG A 32 2.49 13.38 9.88
N GLY A 33 3.35 14.03 10.66
CA GLY A 33 3.56 15.46 10.53
C GLY A 33 4.41 15.78 9.32
N GLU A 34 5.11 16.93 9.38
CA GLU A 34 5.97 17.34 8.28
C GLU A 34 7.44 17.26 8.68
N VAL A 35 8.29 16.90 7.73
CA VAL A 35 9.72 16.78 7.98
C VAL A 35 10.53 17.41 6.85
N CYS A 36 11.78 16.99 6.72
CA CYS A 36 12.66 17.50 5.67
C CYS A 36 12.08 17.19 4.28
N PRO A 37 12.55 17.88 3.23
CA PRO A 37 12.07 17.67 1.86
C PRO A 37 12.57 16.36 1.26
N VAL A 38 13.46 15.68 1.99
CA VAL A 38 14.04 14.43 1.51
C VAL A 38 12.98 13.32 1.44
N PRO A 39 12.30 13.00 2.56
CA PRO A 39 11.28 11.95 2.58
C PRO A 39 10.20 12.16 1.51
N ASP A 40 9.93 13.42 1.19
CA ASP A 40 8.93 13.76 0.18
C ASP A 40 9.33 13.20 -1.18
N VAL A 41 10.57 13.47 -1.59
CA VAL A 41 11.07 13.00 -2.87
C VAL A 41 11.28 11.48 -2.85
N GLU A 42 11.46 10.94 -1.65
CA GLU A 42 11.66 9.50 -1.49
C GLU A 42 10.41 8.72 -1.87
N THR A 43 9.28 9.09 -1.25
CA THR A 43 8.02 8.41 -1.53
C THR A 43 7.65 8.54 -3.00
N LYS A 44 8.00 9.67 -3.61
CA LYS A 44 7.71 9.90 -5.01
C LYS A 44 8.40 8.85 -5.87
N ARG A 45 9.61 8.45 -5.45
CA ARG A 45 10.36 7.42 -6.15
C ARG A 45 9.65 6.08 -6.06
N ALA A 46 8.94 5.88 -4.95
CA ALA A 46 8.21 4.64 -4.73
C ALA A 46 7.18 4.41 -5.84
N LEU A 47 6.33 5.41 -6.09
CA LEU A 47 5.31 5.30 -7.11
C LEU A 47 5.94 5.04 -8.48
N GLN A 48 7.10 5.63 -8.72
CA GLN A 48 7.80 5.48 -9.99
C GLN A 48 8.57 4.16 -10.03
N ASN A 49 8.66 3.49 -8.89
CA ASN A 49 9.38 2.22 -8.81
C ASN A 49 8.57 1.19 -8.05
N MET A 50 7.47 0.74 -8.66
CA MET A 50 6.61 -0.27 -8.04
C MET A 50 6.72 -1.61 -8.75
N LYS A 51 6.58 -2.69 -7.99
CA LYS A 51 6.66 -4.03 -8.54
C LYS A 51 5.27 -4.53 -8.96
N PRO A 52 5.20 -5.46 -9.93
CA PRO A 52 3.93 -5.98 -10.44
C PRO A 52 2.87 -6.19 -9.37
N GLY A 53 3.08 -7.20 -8.52
CA GLY A 53 2.10 -7.52 -7.49
C GLY A 53 2.52 -7.07 -6.10
N GLU A 54 2.79 -5.78 -5.96
CA GLU A 54 3.21 -5.23 -4.67
C GLU A 54 2.02 -4.76 -3.84
N ILE A 55 2.22 -4.72 -2.52
CA ILE A 55 1.20 -4.25 -1.59
C ILE A 55 1.83 -3.31 -0.56
N LEU A 56 1.42 -2.05 -0.56
CA LEU A 56 1.99 -1.06 0.35
C LEU A 56 0.93 -0.49 1.28
N GLU A 57 1.38 -0.01 2.44
CA GLU A 57 0.49 0.60 3.42
C GLU A 57 0.83 2.07 3.60
N VAL A 58 -0.19 2.89 3.85
CA VAL A 58 0.01 4.32 4.02
C VAL A 58 -0.68 4.84 5.28
N TRP A 59 0.05 5.61 6.08
CA TRP A 59 -0.49 6.19 7.30
C TRP A 59 -0.36 7.71 7.27
N ILE A 60 -1.49 8.41 7.10
CA ILE A 60 -1.48 9.86 7.04
C ILE A 60 -2.85 10.43 7.35
N ASP A 61 -2.99 11.74 7.17
CA ASP A 61 -4.26 12.43 7.39
C ASP A 61 -4.96 12.67 6.06
N TYR A 62 -4.16 12.74 4.99
CA TYR A 62 -4.69 12.96 3.65
C TYR A 62 -4.30 11.79 2.73
N PRO A 63 -5.29 11.09 2.15
CA PRO A 63 -5.03 9.95 1.26
C PRO A 63 -3.95 10.25 0.24
N MET A 64 -2.76 9.67 0.45
CA MET A 64 -1.63 9.86 -0.45
C MET A 64 -1.92 9.25 -1.81
N SER A 65 -2.95 8.40 -1.87
CA SER A 65 -3.34 7.75 -3.12
C SER A 65 -3.62 8.79 -4.20
N LYS A 66 -3.73 10.06 -3.79
CA LYS A 66 -3.99 11.15 -4.73
C LYS A 66 -2.93 11.18 -5.82
N GLU A 67 -1.67 11.00 -5.42
CA GLU A 67 -0.56 10.98 -6.36
C GLU A 67 -0.36 9.58 -6.91
N ARG A 68 -0.77 8.59 -6.13
CA ARG A 68 -0.65 7.19 -6.53
C ARG A 68 -1.46 6.91 -7.79
N ILE A 69 -2.66 7.47 -7.86
CA ILE A 69 -3.55 7.26 -9.01
C ILE A 69 -2.86 7.63 -10.33
N PRO A 70 -2.37 8.88 -10.47
CA PRO A 70 -1.70 9.33 -11.70
C PRO A 70 -0.63 8.34 -12.17
N GLU A 71 0.14 7.80 -11.23
CA GLU A 71 1.20 6.86 -11.56
C GLU A 71 0.63 5.54 -12.07
N THR A 72 -0.23 4.91 -11.28
CA THR A 72 -0.83 3.64 -11.64
C THR A 72 -1.56 3.72 -12.97
N VAL A 73 -2.40 4.73 -13.12
CA VAL A 73 -3.18 4.89 -14.34
C VAL A 73 -2.28 5.02 -15.56
N LYS A 74 -1.06 5.53 -15.35
CA LYS A 74 -0.10 5.62 -16.42
C LYS A 74 0.16 4.22 -16.97
N LYS A 75 0.31 3.28 -16.04
CA LYS A 75 0.49 1.87 -16.41
C LYS A 75 -0.86 1.18 -16.54
N LEU A 76 -1.44 0.80 -15.40
CA LEU A 76 -2.76 0.16 -15.37
C LEU A 76 -3.83 1.19 -15.00
N GLY A 77 -4.34 1.09 -13.77
CA GLY A 77 -5.34 2.03 -13.31
C GLY A 77 -5.05 2.56 -11.92
N HIS A 78 -5.38 1.77 -10.90
CA HIS A 78 -5.14 2.17 -9.51
C HIS A 78 -4.80 0.96 -8.65
N GLU A 79 -4.28 1.22 -7.45
CA GLU A 79 -3.94 0.17 -6.52
C GLU A 79 -4.91 0.22 -5.34
N VAL A 80 -6.19 0.00 -5.62
CA VAL A 80 -7.22 0.09 -4.59
C VAL A 80 -7.60 -1.28 -4.06
N LEU A 81 -7.48 -1.44 -2.74
CA LEU A 81 -7.80 -2.70 -2.09
C LEU A 81 -8.47 -2.46 -0.74
N GLU A 82 -8.02 -1.43 -0.03
CA GLU A 82 -8.59 -1.14 1.28
C GLU A 82 -8.57 0.35 1.61
N ILE A 83 -9.64 0.82 2.24
CA ILE A 83 -9.76 2.22 2.65
C ILE A 83 -10.48 2.32 3.99
N GLU A 84 -9.80 2.86 4.99
CA GLU A 84 -10.38 2.97 6.33
C GLU A 84 -9.73 4.11 7.12
N GLU A 85 -10.14 4.24 8.37
CA GLU A 85 -9.61 5.27 9.25
C GLU A 85 -9.26 4.70 10.62
N VAL A 86 -8.51 5.46 11.40
CA VAL A 86 -8.10 5.02 12.74
C VAL A 86 -8.47 6.05 13.79
N GLY A 87 -8.14 7.31 13.52
CA GLY A 87 -8.45 8.38 14.47
C GLY A 87 -9.29 9.48 13.86
N PRO A 88 -9.32 10.67 14.48
CA PRO A 88 -10.11 11.81 13.99
C PRO A 88 -9.74 12.20 12.56
N SER A 89 -8.62 12.88 12.42
CA SER A 89 -8.15 13.32 11.10
C SER A 89 -7.11 12.36 10.54
N GLU A 90 -6.76 11.36 11.33
CA GLU A 90 -5.78 10.35 10.91
C GLU A 90 -6.49 9.16 10.29
N TRP A 91 -6.18 8.88 9.02
CA TRP A 91 -6.81 7.77 8.32
C TRP A 91 -5.78 6.75 7.84
N LYS A 92 -6.26 5.60 7.41
CA LYS A 92 -5.40 4.54 6.91
C LYS A 92 -5.78 4.20 5.48
N ILE A 93 -4.77 4.12 4.61
CA ILE A 93 -5.00 3.82 3.20
C ILE A 93 -4.17 2.62 2.76
N TYR A 94 -4.78 1.74 1.98
CA TYR A 94 -4.08 0.57 1.48
C TYR A 94 -4.04 0.60 -0.05
N ILE A 95 -2.82 0.54 -0.58
CA ILE A 95 -2.60 0.56 -2.02
C ILE A 95 -1.80 -0.68 -2.42
N LYS A 96 -2.12 -1.26 -3.58
CA LYS A 96 -1.45 -2.49 -4.02
C LYS A 96 -1.28 -2.53 -5.52
N VAL A 97 -0.02 -2.51 -5.97
CA VAL A 97 0.29 -2.59 -7.38
C VAL A 97 -0.18 -3.91 -7.97
N LYS A 98 -1.05 -3.85 -8.97
CA LYS A 98 -1.58 -5.05 -9.60
C LYS A 98 -0.65 -5.54 -10.70
N GLY A 1 13.68 -20.24 -7.25
CA GLY A 1 13.16 -19.18 -8.16
C GLY A 1 13.38 -17.78 -7.59
N SER A 2 14.61 -17.51 -7.17
CA SER A 2 14.95 -16.21 -6.61
C SER A 2 14.90 -15.12 -7.68
N SER A 3 15.56 -15.37 -8.80
CA SER A 3 15.60 -14.43 -9.91
C SER A 3 15.29 -15.12 -11.23
N HIS A 4 16.20 -15.97 -11.67
CA HIS A 4 16.03 -16.70 -12.93
C HIS A 4 16.43 -18.16 -12.76
N HIS A 5 16.16 -18.72 -11.59
CA HIS A 5 16.49 -20.11 -11.31
C HIS A 5 15.45 -21.05 -11.89
N HIS A 6 15.31 -22.23 -11.29
CA HIS A 6 14.34 -23.22 -11.76
C HIS A 6 12.93 -22.63 -11.82
N HIS A 7 12.20 -22.98 -12.86
CA HIS A 7 10.84 -22.48 -13.04
C HIS A 7 9.94 -22.93 -11.88
N HIS A 8 9.39 -21.96 -11.16
CA HIS A 8 8.51 -22.25 -10.04
C HIS A 8 7.22 -21.43 -10.13
N HIS A 9 6.09 -22.13 -10.08
CA HIS A 9 4.80 -21.47 -10.17
C HIS A 9 3.83 -22.06 -9.13
N SER A 10 4.38 -22.52 -8.02
CA SER A 10 3.58 -23.10 -6.95
C SER A 10 2.80 -22.01 -6.21
N SER A 11 3.40 -20.83 -6.12
CA SER A 11 2.77 -19.70 -5.43
C SER A 11 1.82 -18.94 -6.36
N GLY A 12 1.26 -19.65 -7.33
CA GLY A 12 0.34 -19.02 -8.27
C GLY A 12 -0.88 -18.44 -7.58
N LEU A 13 -1.29 -17.25 -8.01
CA LEU A 13 -2.45 -16.57 -7.43
C LEU A 13 -3.70 -16.89 -8.24
N VAL A 14 -4.24 -18.09 -8.04
CA VAL A 14 -5.44 -18.53 -8.75
C VAL A 14 -6.69 -17.89 -8.16
N PRO A 15 -7.61 -17.42 -9.01
CA PRO A 15 -8.86 -16.79 -8.57
C PRO A 15 -9.86 -17.82 -8.05
N ARG A 16 -9.65 -18.27 -6.82
CA ARG A 16 -10.53 -19.27 -6.21
C ARG A 16 -11.74 -18.61 -5.57
N GLY A 17 -11.58 -18.13 -4.35
CA GLY A 17 -12.66 -17.49 -3.63
C GLY A 17 -12.88 -16.05 -4.06
N SER A 18 -14.11 -15.71 -4.42
CA SER A 18 -14.45 -14.36 -4.87
C SER A 18 -14.02 -13.32 -3.83
N HIS A 19 -14.45 -13.50 -2.59
CA HIS A 19 -14.12 -12.56 -1.51
C HIS A 19 -12.70 -12.81 -1.00
N MET A 20 -11.81 -13.28 -1.87
CA MET A 20 -10.42 -13.55 -1.49
C MET A 20 -9.80 -12.34 -0.79
N ALA A 21 -9.33 -12.55 0.43
CA ALA A 21 -8.71 -11.48 1.21
C ALA A 21 -7.24 -11.31 0.81
N LYS A 22 -6.96 -10.28 0.03
CA LYS A 22 -5.60 -10.01 -0.43
C LYS A 22 -4.87 -9.09 0.56
N TYR A 23 -4.90 -9.46 1.83
CA TYR A 23 -4.25 -8.67 2.87
C TYR A 23 -2.79 -9.11 3.05
N GLN A 24 -2.17 -9.53 1.96
CA GLN A 24 -0.78 -9.98 1.99
C GLN A 24 0.17 -8.80 1.77
N VAL A 25 0.19 -7.88 2.73
CA VAL A 25 1.04 -6.70 2.64
C VAL A 25 2.52 -7.08 2.62
N THR A 26 3.32 -6.28 1.93
CA THR A 26 4.75 -6.53 1.84
C THR A 26 5.55 -5.37 2.44
N LYS A 27 5.18 -4.14 2.07
CA LYS A 27 5.87 -2.97 2.58
C LYS A 27 4.89 -2.02 3.27
N THR A 28 5.41 -1.22 4.20
CA THR A 28 4.60 -0.27 4.95
C THR A 28 5.29 1.09 5.03
N LEU A 29 4.70 2.10 4.41
CA LEU A 29 5.26 3.44 4.43
C LEU A 29 4.50 4.33 5.42
N ASP A 30 5.19 4.79 6.46
CA ASP A 30 4.57 5.64 7.47
C ASP A 30 5.43 6.86 7.76
N VAL A 31 4.90 8.04 7.45
CA VAL A 31 5.62 9.29 7.69
C VAL A 31 4.80 10.23 8.57
N ARG A 32 4.59 9.81 9.82
CA ARG A 32 3.82 10.61 10.77
C ARG A 32 4.46 11.98 10.98
N GLY A 33 5.30 12.08 11.99
CA GLY A 33 5.97 13.34 12.28
C GLY A 33 6.96 13.73 11.20
N GLU A 34 6.54 14.62 10.31
CA GLU A 34 7.39 15.07 9.22
C GLU A 34 7.87 16.50 9.44
N VAL A 35 8.96 16.86 8.78
CA VAL A 35 9.51 18.20 8.88
C VAL A 35 9.88 18.75 7.51
N CYS A 36 11.12 18.51 7.10
CA CYS A 36 11.60 18.97 5.80
C CYS A 36 10.81 18.28 4.67
N PRO A 37 10.90 18.81 3.44
CA PRO A 37 10.18 18.23 2.29
C PRO A 37 10.75 16.88 1.84
N VAL A 38 11.52 16.24 2.73
CA VAL A 38 12.11 14.94 2.41
C VAL A 38 11.04 13.91 2.04
N PRO A 39 9.99 13.73 2.87
CA PRO A 39 8.92 12.76 2.59
C PRO A 39 8.27 13.00 1.23
N ASP A 40 8.29 14.25 0.77
CA ASP A 40 7.71 14.58 -0.52
C ASP A 40 8.44 13.87 -1.65
N VAL A 41 9.76 14.06 -1.70
CA VAL A 41 10.58 13.42 -2.70
C VAL A 41 10.76 11.94 -2.38
N GLU A 42 10.55 11.59 -1.12
CA GLU A 42 10.67 10.20 -0.68
C GLU A 42 9.60 9.33 -1.34
N THR A 43 8.33 9.72 -1.17
CA THR A 43 7.22 8.98 -1.76
C THR A 43 7.33 8.98 -3.27
N LYS A 44 7.89 10.07 -3.83
CA LYS A 44 8.07 10.19 -5.26
C LYS A 44 8.87 9.01 -5.80
N ARG A 45 9.86 8.58 -5.04
CA ARG A 45 10.72 7.46 -5.42
C ARG A 45 9.94 6.15 -5.38
N ALA A 46 9.12 5.97 -4.34
CA ALA A 46 8.33 4.76 -4.19
C ALA A 46 7.41 4.55 -5.38
N LEU A 47 6.84 5.64 -5.87
CA LEU A 47 5.93 5.60 -7.02
C LEU A 47 6.65 5.11 -8.27
N GLN A 48 7.84 5.65 -8.50
CA GLN A 48 8.62 5.27 -9.67
C GLN A 48 9.36 3.95 -9.44
N ASN A 49 9.23 3.41 -8.24
CA ASN A 49 9.89 2.16 -7.89
C ASN A 49 8.88 1.14 -7.35
N MET A 50 7.92 0.76 -8.18
CA MET A 50 6.91 -0.21 -7.78
C MET A 50 7.13 -1.56 -8.47
N LYS A 51 6.70 -2.63 -7.82
CA LYS A 51 6.84 -3.97 -8.37
C LYS A 51 5.51 -4.49 -8.89
N PRO A 52 5.53 -5.53 -9.75
CA PRO A 52 4.31 -6.10 -10.35
C PRO A 52 3.20 -6.36 -9.34
N GLY A 53 3.41 -7.33 -8.46
CA GLY A 53 2.38 -7.68 -7.48
C GLY A 53 2.68 -7.18 -6.09
N GLU A 54 2.84 -5.87 -5.94
CA GLU A 54 3.14 -5.28 -4.63
C GLU A 54 1.86 -4.90 -3.89
N ILE A 55 1.88 -5.09 -2.57
CA ILE A 55 0.74 -4.74 -1.73
C ILE A 55 1.22 -4.03 -0.47
N LEU A 56 1.20 -2.69 -0.47
CA LEU A 56 1.68 -1.94 0.67
C LEU A 56 0.58 -1.08 1.28
N GLU A 57 0.91 -0.43 2.39
CA GLU A 57 -0.02 0.45 3.08
C GLU A 57 0.69 1.72 3.54
N VAL A 58 0.01 2.84 3.44
CA VAL A 58 0.57 4.12 3.84
C VAL A 58 -0.16 4.70 5.03
N TRP A 59 0.61 5.20 5.99
CA TRP A 59 0.03 5.79 7.21
C TRP A 59 0.46 7.24 7.37
N ILE A 60 -0.47 8.17 7.14
CA ILE A 60 -0.17 9.59 7.25
C ILE A 60 -1.44 10.40 7.48
N ASP A 61 -1.36 11.71 7.26
CA ASP A 61 -2.49 12.60 7.45
C ASP A 61 -2.94 13.20 6.12
N TYR A 62 -2.17 12.92 5.07
CA TYR A 62 -2.50 13.43 3.74
C TYR A 62 -2.57 12.29 2.72
N PRO A 63 -3.62 12.25 1.89
CA PRO A 63 -3.81 11.19 0.90
C PRO A 63 -2.66 11.10 -0.09
N MET A 64 -1.67 10.26 0.24
CA MET A 64 -0.52 10.07 -0.64
C MET A 64 -0.93 9.34 -1.91
N SER A 65 -2.02 8.57 -1.81
CA SER A 65 -2.53 7.81 -2.94
C SER A 65 -2.99 8.76 -4.05
N LYS A 66 -3.14 10.04 -3.72
CA LYS A 66 -3.58 11.03 -4.69
C LYS A 66 -2.63 11.07 -5.89
N GLU A 67 -1.35 10.83 -5.63
CA GLU A 67 -0.35 10.80 -6.69
C GLU A 67 -0.14 9.37 -7.17
N ARG A 68 -0.39 8.41 -6.28
CA ARG A 68 -0.26 7.01 -6.62
C ARG A 68 -1.20 6.62 -7.75
N ILE A 69 -2.38 7.24 -7.77
CA ILE A 69 -3.36 6.95 -8.82
C ILE A 69 -2.85 7.33 -10.21
N PRO A 70 -2.45 8.61 -10.42
CA PRO A 70 -1.93 9.06 -11.71
C PRO A 70 -0.86 8.12 -12.27
N GLU A 71 -0.10 7.49 -11.38
CA GLU A 71 0.94 6.55 -11.80
C GLU A 71 0.33 5.26 -12.34
N THR A 72 -0.47 4.60 -11.50
CA THR A 72 -1.10 3.35 -11.88
C THR A 72 -2.01 3.51 -13.10
N VAL A 73 -2.57 4.70 -13.27
CA VAL A 73 -3.46 4.96 -14.40
C VAL A 73 -2.66 5.06 -15.69
N LYS A 74 -1.42 5.53 -15.59
CA LYS A 74 -0.54 5.60 -16.75
C LYS A 74 -0.39 4.22 -17.35
N LYS A 75 -0.24 3.23 -16.46
CA LYS A 75 -0.15 1.84 -16.88
C LYS A 75 -1.54 1.20 -16.92
N LEU A 76 -2.04 0.83 -15.75
CA LEU A 76 -3.37 0.23 -15.63
C LEU A 76 -4.40 1.29 -15.22
N GLY A 77 -4.70 1.33 -13.92
CA GLY A 77 -5.66 2.29 -13.40
C GLY A 77 -5.27 2.77 -12.01
N HIS A 78 -5.63 1.99 -10.99
CA HIS A 78 -5.31 2.34 -9.61
C HIS A 78 -5.03 1.10 -8.78
N GLU A 79 -4.31 1.29 -7.68
CA GLU A 79 -4.00 0.21 -6.77
C GLU A 79 -4.86 0.32 -5.52
N VAL A 80 -6.17 0.19 -5.71
CA VAL A 80 -7.12 0.35 -4.61
C VAL A 80 -7.57 -0.99 -4.05
N LEU A 81 -7.34 -1.19 -2.76
CA LEU A 81 -7.73 -2.42 -2.10
C LEU A 81 -8.29 -2.14 -0.70
N GLU A 82 -7.78 -1.11 -0.04
CA GLU A 82 -8.26 -0.79 1.31
C GLU A 82 -8.17 0.71 1.62
N ILE A 83 -9.26 1.25 2.16
CA ILE A 83 -9.33 2.66 2.55
C ILE A 83 -9.95 2.80 3.93
N GLU A 84 -9.26 3.48 4.84
CA GLU A 84 -9.77 3.66 6.20
C GLU A 84 -9.13 4.86 6.89
N GLU A 85 -9.61 5.16 8.10
CA GLU A 85 -9.08 6.27 8.88
C GLU A 85 -8.83 5.85 10.32
N VAL A 86 -8.32 6.76 11.13
CA VAL A 86 -8.04 6.48 12.54
C VAL A 86 -8.43 7.65 13.43
N GLY A 87 -8.10 8.87 13.00
CA GLY A 87 -8.43 10.05 13.77
C GLY A 87 -9.05 11.15 12.93
N PRO A 88 -8.81 12.43 13.29
CA PRO A 88 -9.36 13.58 12.56
C PRO A 88 -8.81 13.68 11.14
N SER A 89 -7.58 14.17 11.02
CA SER A 89 -6.94 14.32 9.71
C SER A 89 -6.01 13.15 9.43
N GLU A 90 -5.88 12.26 10.40
CA GLU A 90 -5.02 11.09 10.26
C GLU A 90 -5.83 9.90 9.77
N TRP A 91 -5.32 9.22 8.74
CA TRP A 91 -6.00 8.07 8.16
C TRP A 91 -5.00 7.05 7.63
N LYS A 92 -5.50 5.86 7.30
CA LYS A 92 -4.67 4.79 6.78
C LYS A 92 -5.23 4.28 5.46
N ILE A 93 -4.39 4.24 4.44
CA ILE A 93 -4.82 3.77 3.12
C ILE A 93 -3.91 2.65 2.63
N TYR A 94 -4.48 1.75 1.84
CA TYR A 94 -3.74 0.65 1.27
C TYR A 94 -3.73 0.72 -0.23
N ILE A 95 -2.55 0.49 -0.82
CA ILE A 95 -2.38 0.51 -2.27
C ILE A 95 -1.75 -0.81 -2.71
N LYS A 96 -2.16 -1.33 -3.87
CA LYS A 96 -1.63 -2.61 -4.33
C LYS A 96 -1.33 -2.61 -5.82
N VAL A 97 -0.04 -2.57 -6.15
CA VAL A 97 0.39 -2.60 -7.53
C VAL A 97 0.01 -3.93 -8.19
N LYS A 98 -0.80 -3.86 -9.23
CA LYS A 98 -1.26 -5.05 -9.94
C LYS A 98 -0.28 -5.42 -11.06
N GLY A 1 19.02 -16.74 -6.83
CA GLY A 1 18.50 -17.62 -5.75
C GLY A 1 17.80 -16.83 -4.66
N SER A 2 16.47 -16.78 -4.71
CA SER A 2 15.69 -16.06 -3.72
C SER A 2 15.60 -16.85 -2.43
N SER A 3 15.46 -16.14 -1.31
CA SER A 3 15.36 -16.78 0.00
C SER A 3 13.94 -17.20 0.30
N HIS A 4 13.76 -17.97 1.38
CA HIS A 4 12.45 -18.45 1.76
C HIS A 4 11.67 -17.39 2.53
N HIS A 5 12.34 -16.28 2.84
CA HIS A 5 11.71 -15.19 3.58
C HIS A 5 11.68 -13.92 2.74
N HIS A 6 10.94 -12.92 3.21
CA HIS A 6 10.83 -11.65 2.50
C HIS A 6 11.21 -10.49 3.42
N HIS A 7 10.71 -10.51 4.64
CA HIS A 7 11.00 -9.46 5.61
C HIS A 7 12.47 -9.45 6.00
N HIS A 8 12.90 -10.49 6.70
CA HIS A 8 14.30 -10.60 7.13
C HIS A 8 15.02 -11.73 6.39
N HIS A 9 16.30 -11.88 6.68
CA HIS A 9 17.11 -12.92 6.04
C HIS A 9 17.36 -14.07 7.01
N SER A 10 17.25 -13.79 8.31
CA SER A 10 17.48 -14.79 9.34
C SER A 10 16.32 -15.77 9.40
N SER A 11 16.58 -17.03 9.05
CA SER A 11 15.55 -18.06 9.07
C SER A 11 15.41 -18.69 10.45
N GLY A 12 15.70 -17.90 11.49
CA GLY A 12 15.60 -18.39 12.85
C GLY A 12 14.17 -18.76 13.22
N LEU A 13 13.33 -17.74 13.40
CA LEU A 13 11.94 -17.97 13.77
C LEU A 13 11.09 -18.21 12.52
N VAL A 14 9.91 -18.79 12.72
CA VAL A 14 9.00 -19.07 11.62
C VAL A 14 8.51 -17.79 10.95
N PRO A 15 8.35 -17.80 9.62
CA PRO A 15 7.88 -16.63 8.87
C PRO A 15 6.40 -16.33 9.11
N ARG A 16 6.12 -15.29 9.87
CA ARG A 16 4.75 -14.91 10.18
C ARG A 16 4.15 -14.03 9.08
N GLY A 17 4.65 -14.18 7.85
CA GLY A 17 4.15 -13.39 6.76
C GLY A 17 2.86 -13.94 6.18
N SER A 18 2.99 -14.84 5.19
CA SER A 18 1.83 -15.45 4.55
C SER A 18 1.29 -16.60 5.39
N HIS A 19 1.47 -16.52 6.71
CA HIS A 19 1.01 -17.56 7.61
C HIS A 19 -0.47 -17.86 7.40
N MET A 20 -1.33 -17.00 7.95
CA MET A 20 -2.77 -17.18 7.83
C MET A 20 -3.29 -16.68 6.48
N ALA A 21 -3.66 -15.40 6.43
CA ALA A 21 -4.18 -14.81 5.20
C ALA A 21 -3.05 -14.46 4.22
N LYS A 22 -3.43 -13.97 3.05
CA LYS A 22 -2.47 -13.61 2.02
C LYS A 22 -2.05 -12.14 2.15
N TYR A 23 -1.61 -11.75 3.34
CA TYR A 23 -1.18 -10.38 3.59
C TYR A 23 0.33 -10.26 3.48
N GLN A 24 0.83 -10.04 2.26
CA GLN A 24 2.26 -9.92 2.02
C GLN A 24 2.66 -8.46 1.76
N VAL A 25 2.75 -7.67 2.81
CA VAL A 25 3.15 -6.28 2.68
C VAL A 25 4.66 -6.15 2.52
N THR A 26 5.10 -5.31 1.59
CA THR A 26 6.53 -5.14 1.35
C THR A 26 7.09 -3.91 2.04
N LYS A 27 6.31 -2.83 2.07
CA LYS A 27 6.76 -1.59 2.70
C LYS A 27 5.62 -0.84 3.37
N THR A 28 5.98 0.08 4.26
CA THR A 28 5.00 0.89 4.97
C THR A 28 5.44 2.35 5.01
N LEU A 29 4.56 3.24 4.56
CA LEU A 29 4.85 4.67 4.56
C LEU A 29 4.05 5.39 5.64
N ASP A 30 4.75 6.04 6.56
CA ASP A 30 4.10 6.76 7.65
C ASP A 30 4.78 8.09 7.92
N VAL A 31 4.06 9.18 7.63
CA VAL A 31 4.58 10.52 7.83
C VAL A 31 3.55 11.42 8.52
N ARG A 32 3.29 11.14 9.79
CA ARG A 32 2.32 11.90 10.57
C ARG A 32 2.59 13.40 10.47
N GLY A 33 3.45 13.90 11.34
CA GLY A 33 3.77 15.32 11.34
C GLY A 33 4.68 15.70 10.20
N GLU A 34 5.41 16.80 10.36
CA GLU A 34 6.33 17.27 9.33
C GLU A 34 7.78 17.11 9.79
N VAL A 35 8.60 16.51 8.93
CA VAL A 35 10.00 16.30 9.25
C VAL A 35 10.89 16.66 8.05
N CYS A 36 12.10 16.10 8.02
CA CYS A 36 13.03 16.35 6.92
C CYS A 36 12.38 16.03 5.58
N PRO A 37 12.92 16.55 4.47
CA PRO A 37 12.37 16.32 3.13
C PRO A 37 12.73 14.93 2.59
N VAL A 38 13.20 14.05 3.47
CA VAL A 38 13.57 12.70 3.07
C VAL A 38 12.36 11.90 2.59
N PRO A 39 11.27 11.82 3.39
CA PRO A 39 10.06 11.09 2.99
C PRO A 39 9.40 11.69 1.76
N ASP A 40 9.64 12.98 1.52
CA ASP A 40 9.09 13.66 0.36
C ASP A 40 9.56 13.02 -0.93
N VAL A 41 10.86 13.12 -1.19
CA VAL A 41 11.44 12.52 -2.39
C VAL A 41 11.33 11.00 -2.34
N GLU A 42 11.12 10.47 -1.13
CA GLU A 42 10.99 9.04 -0.95
C GLU A 42 9.74 8.51 -1.65
N THR A 43 8.60 9.16 -1.39
CA THR A 43 7.35 8.75 -2.00
C THR A 43 7.41 8.93 -3.51
N LYS A 44 8.14 9.96 -3.95
CA LYS A 44 8.30 10.22 -5.38
C LYS A 44 8.94 9.02 -6.06
N ARG A 45 9.92 8.42 -5.39
CA ARG A 45 10.61 7.26 -5.92
C ARG A 45 9.68 6.05 -5.97
N ALA A 46 8.73 6.01 -5.06
CA ALA A 46 7.77 4.91 -5.01
C ALA A 46 7.02 4.76 -6.33
N LEU A 47 6.39 5.84 -6.78
CA LEU A 47 5.64 5.83 -8.03
C LEU A 47 6.54 5.52 -9.22
N GLN A 48 7.51 6.40 -9.46
CA GLN A 48 8.42 6.26 -10.59
C GLN A 48 9.18 4.94 -10.57
N ASN A 49 9.48 4.44 -9.37
CA ASN A 49 10.22 3.20 -9.23
C ASN A 49 9.46 2.20 -8.37
N MET A 50 8.31 1.75 -8.85
CA MET A 50 7.49 0.79 -8.12
C MET A 50 7.72 -0.63 -8.62
N LYS A 51 7.42 -1.62 -7.78
CA LYS A 51 7.58 -3.02 -8.15
C LYS A 51 6.25 -3.63 -8.58
N PRO A 52 6.26 -4.54 -9.57
CA PRO A 52 5.05 -5.17 -10.10
C PRO A 52 4.14 -5.74 -9.01
N GLY A 53 4.71 -6.46 -8.05
CA GLY A 53 3.91 -7.07 -7.00
C GLY A 53 4.03 -6.36 -5.66
N GLU A 54 3.73 -5.06 -5.64
CA GLU A 54 3.81 -4.30 -4.39
C GLU A 54 2.47 -4.31 -3.65
N ILE A 55 2.55 -4.51 -2.34
CA ILE A 55 1.37 -4.51 -1.47
C ILE A 55 1.68 -3.72 -0.20
N LEU A 56 1.59 -2.40 -0.25
CA LEU A 56 2.01 -1.59 0.89
C LEU A 56 0.85 -0.79 1.47
N GLU A 57 1.14 -0.09 2.56
CA GLU A 57 0.14 0.73 3.24
C GLU A 57 0.69 2.12 3.54
N VAL A 58 -0.22 3.06 3.82
CA VAL A 58 0.18 4.43 4.12
C VAL A 58 -0.59 4.95 5.33
N TRP A 59 0.11 5.69 6.19
CA TRP A 59 -0.51 6.26 7.38
C TRP A 59 -0.24 7.76 7.47
N ILE A 60 -1.26 8.55 7.16
CA ILE A 60 -1.14 10.01 7.22
C ILE A 60 -2.50 10.67 7.35
N ASP A 61 -2.50 12.01 7.35
CA ASP A 61 -3.73 12.78 7.45
C ASP A 61 -4.22 13.21 6.08
N TYR A 62 -3.47 12.82 5.04
CA TYR A 62 -3.82 13.16 3.67
C TYR A 62 -3.62 11.96 2.75
N PRO A 63 -4.63 11.63 1.93
CA PRO A 63 -4.55 10.49 1.01
C PRO A 63 -3.53 10.70 -0.09
N MET A 64 -2.35 10.10 0.07
CA MET A 64 -1.28 10.24 -0.92
C MET A 64 -1.65 9.52 -2.21
N SER A 65 -2.70 8.70 -2.15
CA SER A 65 -3.17 7.99 -3.33
C SER A 65 -3.56 8.97 -4.43
N LYS A 66 -3.62 10.26 -4.07
CA LYS A 66 -3.97 11.31 -5.02
C LYS A 66 -3.05 11.28 -6.24
N GLU A 67 -1.75 11.17 -5.98
CA GLU A 67 -0.77 11.10 -7.06
C GLU A 67 -0.59 9.67 -7.52
N ARG A 68 -0.87 8.74 -6.63
CA ARG A 68 -0.75 7.32 -6.94
C ARG A 68 -1.71 6.93 -8.07
N ILE A 69 -2.90 7.54 -8.09
CA ILE A 69 -3.89 7.24 -9.11
C ILE A 69 -3.36 7.54 -10.52
N PRO A 70 -2.92 8.79 -10.81
CA PRO A 70 -2.40 9.15 -12.13
C PRO A 70 -1.31 8.20 -12.61
N GLU A 71 -0.54 7.67 -11.67
CA GLU A 71 0.55 6.75 -12.02
C GLU A 71 0.00 5.39 -12.45
N THR A 72 -0.67 4.70 -11.53
CA THR A 72 -1.22 3.38 -11.81
C THR A 72 -2.18 3.42 -13.00
N VAL A 73 -2.82 4.57 -13.23
CA VAL A 73 -3.75 4.69 -14.34
C VAL A 73 -3.01 4.79 -15.66
N LYS A 74 -1.79 5.33 -15.62
CA LYS A 74 -0.96 5.42 -16.82
C LYS A 74 -0.74 4.01 -17.36
N LYS A 75 -0.49 3.08 -16.44
CA LYS A 75 -0.32 1.68 -16.80
C LYS A 75 -1.66 0.95 -16.78
N LEU A 76 -2.11 0.60 -15.57
CA LEU A 76 -3.40 -0.07 -15.39
C LEU A 76 -4.48 0.94 -14.99
N GLY A 77 -4.73 1.03 -13.69
CA GLY A 77 -5.74 1.96 -13.19
C GLY A 77 -5.35 2.55 -11.85
N HIS A 78 -5.56 1.78 -10.79
CA HIS A 78 -5.21 2.23 -9.45
C HIS A 78 -4.75 1.07 -8.58
N GLU A 79 -4.00 1.38 -7.52
CA GLU A 79 -3.51 0.37 -6.61
C GLU A 79 -4.33 0.37 -5.33
N VAL A 80 -5.64 0.20 -5.47
CA VAL A 80 -6.55 0.22 -4.33
C VAL A 80 -6.89 -1.18 -3.87
N LEU A 81 -6.65 -1.44 -2.59
CA LEU A 81 -6.94 -2.74 -2.00
C LEU A 81 -7.67 -2.60 -0.69
N GLU A 82 -7.32 -1.57 0.09
CA GLU A 82 -7.97 -1.35 1.37
C GLU A 82 -7.92 0.12 1.78
N ILE A 83 -8.98 0.59 2.41
CA ILE A 83 -9.07 1.97 2.88
C ILE A 83 -9.81 2.02 4.23
N GLU A 84 -9.30 2.83 5.15
CA GLU A 84 -9.91 2.96 6.46
C GLU A 84 -9.62 4.33 7.08
N GLU A 85 -10.20 4.56 8.25
CA GLU A 85 -10.01 5.83 8.95
C GLU A 85 -9.69 5.59 10.42
N VAL A 86 -9.17 6.62 11.09
CA VAL A 86 -8.81 6.51 12.50
C VAL A 86 -9.46 7.63 13.32
N GLY A 87 -9.02 8.87 13.06
CA GLY A 87 -9.56 9.99 13.80
C GLY A 87 -10.16 11.05 12.89
N PRO A 88 -9.97 12.34 13.19
CA PRO A 88 -10.51 13.45 12.39
C PRO A 88 -10.02 13.40 10.95
N SER A 89 -8.84 13.97 10.70
CA SER A 89 -8.27 14.00 9.36
C SER A 89 -7.22 12.91 9.19
N GLU A 90 -6.98 12.16 10.25
CA GLU A 90 -6.00 11.07 10.23
C GLU A 90 -6.67 9.76 9.85
N TRP A 91 -6.10 9.08 8.85
CA TRP A 91 -6.64 7.81 8.38
C TRP A 91 -5.55 6.91 7.83
N LYS A 92 -5.91 5.66 7.56
CA LYS A 92 -4.97 4.69 7.01
C LYS A 92 -5.47 4.16 5.67
N ILE A 93 -4.54 3.95 4.75
CA ILE A 93 -4.88 3.45 3.42
C ILE A 93 -3.98 2.28 3.02
N TYR A 94 -4.39 1.57 1.98
CA TYR A 94 -3.62 0.43 1.46
C TYR A 94 -3.52 0.53 -0.05
N ILE A 95 -2.29 0.47 -0.55
CA ILE A 95 -2.02 0.61 -1.97
C ILE A 95 -1.22 -0.58 -2.47
N LYS A 96 -1.46 -1.01 -3.72
CA LYS A 96 -0.74 -2.18 -4.23
C LYS A 96 -0.55 -2.13 -5.74
N VAL A 97 0.71 -2.15 -6.16
CA VAL A 97 1.05 -2.14 -7.57
C VAL A 97 0.77 -3.51 -8.18
N LYS A 98 0.03 -3.52 -9.29
CA LYS A 98 -0.32 -4.75 -9.97
C LYS A 98 0.73 -5.13 -11.00
N GLY A 1 -18.92 -29.68 -21.68
CA GLY A 1 -19.75 -29.54 -20.46
C GLY A 1 -20.19 -28.11 -20.22
N SER A 2 -19.64 -27.48 -19.19
CA SER A 2 -19.98 -26.10 -18.86
C SER A 2 -18.74 -25.22 -18.89
N SER A 3 -17.64 -25.73 -18.36
CA SER A 3 -16.39 -24.99 -18.33
C SER A 3 -15.28 -25.75 -19.04
N HIS A 4 -14.60 -25.10 -19.98
CA HIS A 4 -13.52 -25.71 -20.73
C HIS A 4 -12.31 -25.96 -19.84
N HIS A 5 -11.71 -27.15 -19.97
CA HIS A 5 -10.54 -27.51 -19.17
C HIS A 5 -9.36 -26.61 -19.53
N HIS A 6 -8.73 -26.04 -18.50
CA HIS A 6 -7.58 -25.16 -18.71
C HIS A 6 -6.43 -25.56 -17.79
N HIS A 7 -6.45 -25.07 -16.55
CA HIS A 7 -5.41 -25.38 -15.59
C HIS A 7 -6.01 -25.68 -14.22
N HIS A 8 -6.74 -24.73 -13.67
CA HIS A 8 -7.37 -24.89 -12.37
C HIS A 8 -8.39 -26.03 -12.39
N HIS A 9 -8.08 -27.12 -11.71
CA HIS A 9 -8.96 -28.27 -11.65
C HIS A 9 -10.03 -28.08 -10.58
N SER A 10 -9.80 -27.12 -9.69
CA SER A 10 -10.74 -26.82 -8.61
C SER A 10 -11.91 -25.98 -9.12
N SER A 11 -13.08 -26.18 -8.54
CA SER A 11 -14.27 -25.44 -8.92
C SER A 11 -14.15 -23.97 -8.54
N GLY A 12 -14.41 -23.66 -7.27
CA GLY A 12 -14.33 -22.30 -6.80
C GLY A 12 -12.91 -21.88 -6.47
N LEU A 13 -12.76 -20.76 -5.79
CA LEU A 13 -11.45 -20.24 -5.40
C LEU A 13 -11.04 -20.76 -4.03
N VAL A 14 -11.44 -21.99 -3.72
CA VAL A 14 -11.13 -22.59 -2.44
C VAL A 14 -9.67 -23.07 -2.39
N PRO A 15 -9.01 -22.95 -1.22
CA PRO A 15 -9.60 -22.41 0.00
C PRO A 15 -9.72 -20.88 -0.04
N ARG A 16 -10.53 -20.33 0.85
CA ARG A 16 -10.72 -18.88 0.92
C ARG A 16 -9.58 -18.21 1.68
N GLY A 17 -9.87 -17.09 2.33
CA GLY A 17 -8.85 -16.38 3.08
C GLY A 17 -8.47 -17.09 4.36
N SER A 18 -7.26 -16.83 4.85
CA SER A 18 -6.77 -17.46 6.07
C SER A 18 -7.45 -16.86 7.30
N HIS A 19 -7.06 -15.66 7.67
CA HIS A 19 -7.63 -14.99 8.83
C HIS A 19 -8.84 -14.13 8.42
N MET A 20 -9.09 -13.06 9.17
CA MET A 20 -10.21 -12.17 8.88
C MET A 20 -9.96 -11.38 7.60
N ALA A 21 -9.26 -10.25 7.73
CA ALA A 21 -8.97 -9.40 6.58
C ALA A 21 -7.68 -9.83 5.89
N LYS A 22 -7.47 -9.34 4.68
CA LYS A 22 -6.28 -9.67 3.91
C LYS A 22 -5.16 -8.67 4.18
N TYR A 23 -4.56 -8.75 5.35
CA TYR A 23 -3.49 -7.84 5.74
C TYR A 23 -2.13 -8.41 5.33
N GLN A 24 -2.08 -9.03 4.16
CA GLN A 24 -0.84 -9.61 3.65
C GLN A 24 -0.01 -8.55 2.94
N VAL A 25 0.38 -7.52 3.68
CA VAL A 25 1.19 -6.43 3.14
C VAL A 25 2.67 -6.76 3.18
N THR A 26 3.42 -6.18 2.26
CA THR A 26 4.86 -6.40 2.19
C THR A 26 5.62 -5.26 2.86
N LYS A 27 5.47 -4.05 2.33
CA LYS A 27 6.13 -2.88 2.89
C LYS A 27 5.10 -1.89 3.43
N THR A 28 5.53 -1.03 4.34
CA THR A 28 4.65 -0.03 4.94
C THR A 28 5.33 1.33 5.01
N LEU A 29 4.67 2.35 4.46
CA LEU A 29 5.21 3.70 4.46
C LEU A 29 4.44 4.59 5.43
N ASP A 30 5.15 5.12 6.43
CA ASP A 30 4.53 5.99 7.42
C ASP A 30 5.26 7.33 7.48
N VAL A 31 4.57 8.40 7.08
CA VAL A 31 5.17 9.73 7.08
C VAL A 31 4.18 10.79 7.55
N ARG A 32 3.92 10.82 8.86
CA ARG A 32 3.01 11.79 9.44
C ARG A 32 3.55 13.22 9.27
N GLY A 33 3.01 14.15 10.05
CA GLY A 33 3.45 15.53 9.98
C GLY A 33 4.94 15.67 10.25
N GLU A 34 5.73 15.68 9.19
CA GLU A 34 7.18 15.81 9.32
C GLU A 34 7.64 17.22 8.97
N VAL A 35 8.96 17.41 8.91
CA VAL A 35 9.53 18.72 8.62
C VAL A 35 10.06 18.79 7.19
N CYS A 36 11.32 18.37 7.01
CA CYS A 36 11.95 18.37 5.71
C CYS A 36 11.09 17.67 4.66
N PRO A 37 11.27 18.01 3.36
CA PRO A 37 10.50 17.40 2.27
C PRO A 37 10.98 15.99 1.94
N VAL A 38 11.59 15.34 2.93
CA VAL A 38 12.09 13.98 2.75
C VAL A 38 10.97 13.00 2.36
N PRO A 39 9.82 13.01 3.07
CA PRO A 39 8.70 12.10 2.78
C PRO A 39 8.15 12.31 1.37
N ASP A 40 8.22 13.54 0.88
CA ASP A 40 7.73 13.86 -0.45
C ASP A 40 8.51 13.12 -1.53
N VAL A 41 9.83 13.34 -1.55
CA VAL A 41 10.70 12.69 -2.53
C VAL A 41 10.75 11.18 -2.31
N GLU A 42 10.38 10.76 -1.11
CA GLU A 42 10.38 9.33 -0.76
C GLU A 42 9.35 8.57 -1.57
N THR A 43 8.08 8.86 -1.33
CA THR A 43 6.99 8.18 -2.03
C THR A 43 7.08 8.42 -3.54
N LYS A 44 7.60 9.59 -3.91
CA LYS A 44 7.74 9.95 -5.32
C LYS A 44 8.55 8.88 -6.06
N ARG A 45 9.64 8.44 -5.45
CA ARG A 45 10.49 7.41 -6.04
C ARG A 45 9.76 6.08 -6.13
N ALA A 46 8.93 5.81 -5.12
CA ALA A 46 8.16 4.57 -5.08
C ALA A 46 7.17 4.50 -6.24
N LEU A 47 6.59 5.65 -6.58
CA LEU A 47 5.62 5.73 -7.67
C LEU A 47 6.29 5.51 -9.03
N GLN A 48 7.49 6.07 -9.19
CA GLN A 48 8.21 5.96 -10.45
C GLN A 48 8.90 4.60 -10.56
N ASN A 49 9.12 3.95 -9.43
CA ASN A 49 9.78 2.65 -9.42
C ASN A 49 9.05 1.66 -8.50
N MET A 50 7.87 1.23 -8.91
CA MET A 50 7.09 0.27 -8.14
C MET A 50 7.20 -1.13 -8.74
N LYS A 51 7.21 -2.14 -7.88
CA LYS A 51 7.31 -3.52 -8.33
C LYS A 51 5.95 -4.04 -8.81
N PRO A 52 5.95 -4.96 -9.79
CA PRO A 52 4.72 -5.51 -10.37
C PRO A 52 3.62 -5.79 -9.35
N GLY A 53 3.79 -6.86 -8.57
CA GLY A 53 2.78 -7.25 -7.60
C GLY A 53 3.14 -6.89 -6.17
N GLU A 54 3.36 -5.60 -5.93
CA GLU A 54 3.72 -5.14 -4.58
C GLU A 54 2.50 -4.78 -3.76
N ILE A 55 2.64 -4.88 -2.43
CA ILE A 55 1.59 -4.53 -1.50
C ILE A 55 2.13 -3.64 -0.39
N LEU A 56 1.66 -2.41 -0.31
CA LEU A 56 2.15 -1.46 0.69
C LEU A 56 1.01 -0.86 1.49
N GLU A 57 1.33 -0.48 2.73
CA GLU A 57 0.37 0.17 3.60
C GLU A 57 0.82 1.60 3.88
N VAL A 58 -0.09 2.56 3.69
CA VAL A 58 0.25 3.96 3.85
C VAL A 58 -0.49 4.59 5.02
N TRP A 59 0.28 5.25 5.90
CA TRP A 59 -0.29 5.92 7.07
C TRP A 59 0.08 7.40 7.06
N ILE A 60 -0.86 8.25 6.64
CA ILE A 60 -0.62 9.70 6.57
C ILE A 60 -1.92 10.46 6.80
N ASP A 61 -1.94 11.73 6.38
CA ASP A 61 -3.11 12.56 6.56
C ASP A 61 -3.31 13.53 5.39
N TYR A 62 -2.98 13.08 4.17
CA TYR A 62 -3.14 13.92 2.99
C TYR A 62 -4.35 13.46 2.15
N PRO A 63 -4.35 12.22 1.60
CA PRO A 63 -3.26 11.26 1.69
C PRO A 63 -2.35 11.29 0.47
N MET A 64 -1.17 10.70 0.58
CA MET A 64 -0.21 10.66 -0.53
C MET A 64 -0.73 9.77 -1.66
N SER A 65 -1.70 8.90 -1.34
CA SER A 65 -2.27 8.00 -2.32
C SER A 65 -2.90 8.78 -3.48
N LYS A 66 -3.16 10.06 -3.25
CA LYS A 66 -3.76 10.91 -4.27
C LYS A 66 -2.85 11.02 -5.48
N GLU A 67 -1.56 10.87 -5.26
CA GLU A 67 -0.58 10.92 -6.34
C GLU A 67 -0.28 9.50 -6.84
N ARG A 68 -0.47 8.54 -5.93
CA ARG A 68 -0.25 7.14 -6.25
C ARG A 68 -1.11 6.69 -7.42
N ILE A 69 -2.40 7.02 -7.35
CA ILE A 69 -3.35 6.63 -8.40
C ILE A 69 -2.93 7.14 -9.78
N PRO A 70 -2.71 8.47 -9.93
CA PRO A 70 -2.30 9.06 -11.22
C PRO A 70 -1.24 8.25 -11.94
N GLU A 71 -0.16 7.94 -11.25
CA GLU A 71 0.93 7.16 -11.85
C GLU A 71 0.45 5.79 -12.27
N THR A 72 -0.36 5.17 -11.43
CA THR A 72 -0.88 3.83 -11.71
C THR A 72 -1.69 3.79 -13.01
N VAL A 73 -2.65 4.69 -13.13
CA VAL A 73 -3.50 4.73 -14.31
C VAL A 73 -2.67 4.94 -15.56
N LYS A 74 -1.51 5.56 -15.42
CA LYS A 74 -0.60 5.74 -16.54
C LYS A 74 -0.24 4.37 -17.10
N LYS A 75 0.05 3.44 -16.20
CA LYS A 75 0.35 2.08 -16.57
C LYS A 75 -0.92 1.23 -16.60
N LEU A 76 -1.40 0.85 -15.40
CA LEU A 76 -2.62 0.06 -15.28
C LEU A 76 -3.81 0.96 -14.94
N GLY A 77 -4.15 1.01 -13.64
CA GLY A 77 -5.26 1.83 -13.20
C GLY A 77 -5.01 2.42 -11.82
N HIS A 78 -5.31 1.66 -10.79
CA HIS A 78 -5.10 2.12 -9.41
C HIS A 78 -4.72 0.97 -8.50
N GLU A 79 -3.88 1.26 -7.51
CA GLU A 79 -3.46 0.28 -6.53
C GLU A 79 -4.35 0.39 -5.31
N VAL A 80 -5.66 0.33 -5.55
CA VAL A 80 -6.64 0.48 -4.48
C VAL A 80 -7.15 -0.87 -4.01
N LEU A 81 -6.91 -1.16 -2.73
CA LEU A 81 -7.34 -2.41 -2.14
C LEU A 81 -8.02 -2.17 -0.80
N GLU A 82 -7.61 -1.11 -0.10
CA GLU A 82 -8.21 -0.80 1.19
C GLU A 82 -8.15 0.69 1.50
N ILE A 83 -9.19 1.20 2.16
CA ILE A 83 -9.26 2.61 2.55
C ILE A 83 -9.95 2.75 3.91
N GLU A 84 -9.30 3.43 4.84
CA GLU A 84 -9.87 3.64 6.17
C GLU A 84 -9.33 4.91 6.82
N GLU A 85 -9.86 5.25 7.98
CA GLU A 85 -9.45 6.44 8.70
C GLU A 85 -9.22 6.13 10.18
N VAL A 86 -8.62 7.08 10.90
CA VAL A 86 -8.35 6.92 12.31
C VAL A 86 -8.85 8.11 13.12
N GLY A 87 -8.44 9.31 12.71
CA GLY A 87 -8.85 10.51 13.41
C GLY A 87 -9.50 11.53 12.49
N PRO A 88 -9.28 12.84 12.77
CA PRO A 88 -9.86 13.91 11.95
C PRO A 88 -9.32 13.92 10.52
N SER A 89 -8.10 14.42 10.36
CA SER A 89 -7.48 14.49 9.04
C SER A 89 -6.51 13.33 8.82
N GLU A 90 -6.29 12.57 9.89
CA GLU A 90 -5.39 11.41 9.82
C GLU A 90 -6.16 10.16 9.42
N TRP A 91 -5.59 9.40 8.49
CA TRP A 91 -6.24 8.18 8.02
C TRP A 91 -5.22 7.16 7.56
N LYS A 92 -5.68 5.94 7.31
CA LYS A 92 -4.83 4.87 6.85
C LYS A 92 -5.40 4.24 5.58
N ILE A 93 -4.58 4.19 4.54
CA ILE A 93 -5.02 3.63 3.26
C ILE A 93 -4.06 2.54 2.80
N TYR A 94 -4.54 1.69 1.91
CA TYR A 94 -3.75 0.60 1.37
C TYR A 94 -3.58 0.75 -0.13
N ILE A 95 -2.35 0.58 -0.57
CA ILE A 95 -2.00 0.68 -1.99
C ILE A 95 -1.31 -0.61 -2.42
N LYS A 96 -1.65 -1.12 -3.61
CA LYS A 96 -1.09 -2.40 -4.06
C LYS A 96 -0.85 -2.41 -5.57
N VAL A 97 0.41 -2.40 -5.96
CA VAL A 97 0.78 -2.45 -7.37
C VAL A 97 0.37 -3.79 -7.97
N LYS A 98 -0.56 -3.75 -8.92
CA LYS A 98 -1.05 -4.96 -9.57
C LYS A 98 0.05 -5.64 -10.38
N GLY A 1 -4.24 -30.05 31.42
CA GLY A 1 -3.29 -29.66 30.35
C GLY A 1 -3.14 -28.16 30.22
N SER A 2 -3.13 -27.67 28.98
CA SER A 2 -2.99 -26.24 28.72
C SER A 2 -4.13 -25.74 27.82
N SER A 3 -4.02 -26.02 26.53
CA SER A 3 -5.03 -25.61 25.57
C SER A 3 -5.30 -26.71 24.55
N HIS A 4 -6.57 -27.11 24.45
CA HIS A 4 -6.96 -28.15 23.50
C HIS A 4 -7.64 -27.55 22.27
N HIS A 5 -7.53 -26.23 22.14
CA HIS A 5 -8.13 -25.54 21.00
C HIS A 5 -7.30 -25.77 19.74
N HIS A 6 -7.65 -26.82 18.99
CA HIS A 6 -6.94 -27.15 17.77
C HIS A 6 -7.93 -27.44 16.63
N HIS A 7 -8.94 -26.60 16.51
CA HIS A 7 -9.95 -26.76 15.47
C HIS A 7 -9.57 -26.01 14.20
N HIS A 8 -8.27 -25.85 13.98
CA HIS A 8 -7.76 -25.15 12.82
C HIS A 8 -7.55 -26.11 11.65
N HIS A 9 -8.47 -26.11 10.70
CA HIS A 9 -8.39 -26.99 9.54
C HIS A 9 -8.24 -26.18 8.26
N SER A 10 -7.43 -25.13 8.32
CA SER A 10 -7.20 -24.27 7.16
C SER A 10 -6.15 -24.87 6.24
N SER A 11 -5.66 -24.07 5.30
CA SER A 11 -4.65 -24.52 4.34
C SER A 11 -3.25 -24.45 4.94
N GLY A 12 -3.15 -24.54 6.27
CA GLY A 12 -1.87 -24.48 6.93
C GLY A 12 -1.16 -25.82 6.93
N LEU A 13 -0.32 -26.04 5.93
CA LEU A 13 0.43 -27.29 5.82
C LEU A 13 1.50 -27.38 6.90
N VAL A 14 2.35 -28.41 6.82
CA VAL A 14 3.42 -28.60 7.78
C VAL A 14 4.37 -27.40 7.79
N PRO A 15 4.87 -26.95 6.62
CA PRO A 15 5.77 -25.81 6.54
C PRO A 15 5.07 -24.49 6.85
N ARG A 16 5.82 -23.55 7.42
CA ARG A 16 5.26 -22.25 7.79
C ARG A 16 5.31 -21.29 6.59
N GLY A 17 5.16 -21.83 5.38
CA GLY A 17 5.20 -21.01 4.19
C GLY A 17 4.23 -19.84 4.23
N SER A 18 4.33 -18.97 3.24
CA SER A 18 3.47 -17.78 3.16
C SER A 18 2.10 -18.12 2.59
N HIS A 19 1.59 -19.32 2.91
CA HIS A 19 0.29 -19.75 2.41
C HIS A 19 -0.85 -19.08 3.18
N MET A 20 -0.58 -17.89 3.73
CA MET A 20 -1.59 -17.15 4.48
C MET A 20 -2.52 -16.38 3.54
N ALA A 21 -3.34 -15.49 4.10
CA ALA A 21 -4.27 -14.70 3.33
C ALA A 21 -3.53 -13.68 2.45
N LYS A 22 -4.28 -12.82 1.79
CA LYS A 22 -3.69 -11.81 0.92
C LYS A 22 -3.44 -10.52 1.69
N TYR A 23 -3.37 -10.64 3.01
CA TYR A 23 -3.13 -9.49 3.88
C TYR A 23 -1.69 -9.49 4.38
N GLN A 24 -0.75 -9.81 3.50
CA GLN A 24 0.66 -9.85 3.85
C GLN A 24 1.40 -8.65 3.29
N VAL A 25 1.24 -7.50 3.94
CA VAL A 25 1.91 -6.28 3.51
C VAL A 25 3.43 -6.45 3.56
N THR A 26 4.11 -5.99 2.51
CA THR A 26 5.56 -6.10 2.42
C THR A 26 6.23 -4.79 2.81
N LYS A 27 5.87 -3.71 2.13
CA LYS A 27 6.46 -2.40 2.41
C LYS A 27 5.43 -1.44 2.99
N THR A 28 5.84 -0.69 4.00
CA THR A 28 4.95 0.28 4.65
C THR A 28 5.57 1.68 4.61
N LEU A 29 4.81 2.64 4.10
CA LEU A 29 5.30 4.01 4.00
C LEU A 29 4.58 4.93 4.99
N ASP A 30 5.34 5.51 5.91
CA ASP A 30 4.79 6.43 6.89
C ASP A 30 5.20 7.87 6.58
N VAL A 31 4.23 8.76 6.53
CA VAL A 31 4.50 10.16 6.22
C VAL A 31 4.11 11.07 7.38
N ARG A 32 3.20 10.59 8.23
CA ARG A 32 2.73 11.36 9.38
C ARG A 32 3.89 11.81 10.29
N GLY A 33 5.09 11.28 10.05
CA GLY A 33 6.23 11.65 10.88
C GLY A 33 6.83 12.99 10.50
N GLU A 34 7.82 12.96 9.60
CA GLU A 34 8.47 14.19 9.15
C GLU A 34 7.65 14.89 8.09
N VAL A 35 8.11 16.07 7.68
CA VAL A 35 7.41 16.85 6.66
C VAL A 35 8.27 17.03 5.41
N CYS A 36 7.74 17.77 4.44
CA CYS A 36 8.45 18.02 3.19
C CYS A 36 9.85 18.58 3.45
N PRO A 37 10.80 18.38 2.51
CA PRO A 37 10.56 17.70 1.24
C PRO A 37 10.85 16.20 1.32
N VAL A 38 10.88 15.67 2.53
CA VAL A 38 11.17 14.25 2.74
C VAL A 38 10.15 13.36 2.04
N PRO A 39 8.83 13.57 2.29
CA PRO A 39 7.78 12.76 1.66
C PRO A 39 7.74 12.93 0.14
N ASP A 40 8.27 14.06 -0.33
CA ASP A 40 8.29 14.34 -1.76
C ASP A 40 9.10 13.31 -2.52
N VAL A 41 10.40 13.26 -2.24
CA VAL A 41 11.29 12.32 -2.92
C VAL A 41 11.03 10.89 -2.47
N GLU A 42 10.57 10.73 -1.23
CA GLU A 42 10.27 9.41 -0.69
C GLU A 42 9.18 8.72 -1.48
N THR A 43 8.03 9.36 -1.58
CA THR A 43 6.90 8.79 -2.31
C THR A 43 7.22 8.61 -3.78
N LYS A 44 7.91 9.59 -4.37
CA LYS A 44 8.29 9.52 -5.78
C LYS A 44 9.05 8.24 -6.06
N ARG A 45 9.98 7.90 -5.18
CA ARG A 45 10.76 6.67 -5.33
C ARG A 45 9.86 5.45 -5.22
N ALA A 46 8.82 5.57 -4.39
CA ALA A 46 7.87 4.47 -4.19
C ALA A 46 7.21 4.08 -5.49
N LEU A 47 6.77 5.07 -6.27
CA LEU A 47 6.12 4.81 -7.54
C LEU A 47 7.14 4.35 -8.58
N GLN A 48 8.41 4.62 -8.32
CA GLN A 48 9.48 4.25 -9.23
C GLN A 48 9.88 2.78 -9.05
N ASN A 49 9.86 2.31 -7.81
CA ASN A 49 10.25 0.93 -7.52
C ASN A 49 9.04 0.07 -7.18
N MET A 50 8.01 0.14 -8.01
CA MET A 50 6.81 -0.66 -7.81
C MET A 50 6.92 -2.01 -8.51
N LYS A 51 6.71 -3.08 -7.75
CA LYS A 51 6.78 -4.43 -8.29
C LYS A 51 5.40 -4.93 -8.72
N PRO A 52 5.33 -5.83 -9.71
CA PRO A 52 4.07 -6.37 -10.22
C PRO A 52 3.02 -6.66 -9.15
N GLY A 53 3.30 -7.65 -8.30
CA GLY A 53 2.36 -8.02 -7.25
C GLY A 53 2.77 -7.54 -5.87
N GLU A 54 2.97 -6.24 -5.73
CA GLU A 54 3.37 -5.66 -4.45
C GLU A 54 2.18 -5.26 -3.59
N ILE A 55 2.36 -5.32 -2.27
CA ILE A 55 1.33 -4.94 -1.33
C ILE A 55 1.90 -3.99 -0.28
N LEU A 56 1.46 -2.74 -0.30
CA LEU A 56 1.97 -1.74 0.64
C LEU A 56 0.89 -1.16 1.53
N GLU A 57 1.31 -0.68 2.69
CA GLU A 57 0.41 -0.04 3.64
C GLU A 57 0.86 1.39 3.89
N VAL A 58 -0.05 2.34 3.69
CA VAL A 58 0.29 3.75 3.83
C VAL A 58 -0.46 4.41 4.99
N TRP A 59 0.27 5.24 5.73
CA TRP A 59 -0.30 5.99 6.85
C TRP A 59 -0.09 7.48 6.63
N ILE A 60 -1.16 8.19 6.27
CA ILE A 60 -1.07 9.62 5.98
C ILE A 60 -2.31 10.36 6.42
N ASP A 61 -2.34 11.67 6.15
CA ASP A 61 -3.48 12.50 6.50
C ASP A 61 -3.81 13.47 5.38
N TYR A 62 -3.44 13.11 4.15
CA TYR A 62 -3.70 13.96 2.99
C TYR A 62 -4.85 13.40 2.13
N PRO A 63 -4.77 12.14 1.66
CA PRO A 63 -3.66 11.21 1.92
C PRO A 63 -2.62 11.22 0.81
N MET A 64 -1.55 10.44 0.99
CA MET A 64 -0.48 10.35 0.00
C MET A 64 -0.97 9.63 -1.25
N SER A 65 -1.98 8.79 -1.11
CA SER A 65 -2.53 8.04 -2.23
C SER A 65 -3.08 8.97 -3.30
N LYS A 66 -3.24 10.25 -2.94
CA LYS A 66 -3.75 11.24 -3.87
C LYS A 66 -2.82 11.41 -5.07
N GLU A 67 -1.53 11.23 -4.83
CA GLU A 67 -0.53 11.33 -5.89
C GLU A 67 -0.24 9.96 -6.48
N ARG A 68 -0.47 8.93 -5.68
CA ARG A 68 -0.24 7.55 -6.11
C ARG A 68 -1.17 7.20 -7.27
N ILE A 69 -2.43 7.62 -7.18
CA ILE A 69 -3.41 7.33 -8.23
C ILE A 69 -2.94 7.84 -9.60
N PRO A 70 -2.62 9.15 -9.73
CA PRO A 70 -2.17 9.72 -11.01
C PRO A 70 -1.05 8.90 -11.66
N GLU A 71 -0.12 8.43 -10.85
CA GLU A 71 1.00 7.63 -11.37
C GLU A 71 0.51 6.29 -11.91
N THR A 72 -0.25 5.57 -11.10
CA THR A 72 -0.75 4.26 -11.49
C THR A 72 -1.60 4.34 -12.75
N VAL A 73 -2.58 5.25 -12.75
CA VAL A 73 -3.48 5.38 -13.89
C VAL A 73 -2.69 5.70 -15.16
N LYS A 74 -1.53 6.33 -15.01
CA LYS A 74 -0.67 6.61 -16.15
C LYS A 74 -0.30 5.29 -16.81
N LYS A 75 0.01 4.30 -15.98
CA LYS A 75 0.33 2.97 -16.46
C LYS A 75 -0.96 2.13 -16.54
N LEU A 76 -1.39 1.60 -15.40
CA LEU A 76 -2.63 0.84 -15.33
C LEU A 76 -3.78 1.71 -14.83
N GLY A 77 -4.18 1.48 -13.58
CA GLY A 77 -5.24 2.26 -12.99
C GLY A 77 -4.88 2.74 -11.59
N HIS A 78 -5.12 1.89 -10.60
CA HIS A 78 -4.79 2.23 -9.22
C HIS A 78 -4.38 0.99 -8.42
N GLU A 79 -3.77 1.21 -7.27
CA GLU A 79 -3.39 0.14 -6.38
C GLU A 79 -4.32 0.17 -5.18
N VAL A 80 -5.60 -0.04 -5.43
CA VAL A 80 -6.62 0.06 -4.39
C VAL A 80 -6.98 -1.32 -3.85
N LEU A 81 -6.78 -1.49 -2.54
CA LEU A 81 -7.09 -2.75 -1.89
C LEU A 81 -7.85 -2.52 -0.60
N GLU A 82 -7.54 -1.41 0.08
CA GLU A 82 -8.21 -1.08 1.34
C GLU A 82 -8.25 0.43 1.57
N ILE A 83 -9.34 0.88 2.18
CA ILE A 83 -9.53 2.30 2.50
C ILE A 83 -10.22 2.44 3.85
N GLU A 84 -9.58 3.17 4.76
CA GLU A 84 -10.13 3.38 6.11
C GLU A 84 -9.58 4.64 6.75
N GLU A 85 -9.95 4.85 8.00
CA GLU A 85 -9.51 6.02 8.76
C GLU A 85 -9.02 5.62 10.14
N VAL A 86 -8.33 6.54 10.82
CA VAL A 86 -7.81 6.27 12.15
C VAL A 86 -8.15 7.38 13.13
N GLY A 87 -7.97 8.63 12.70
CA GLY A 87 -8.27 9.76 13.55
C GLY A 87 -9.08 10.83 12.85
N PRO A 88 -8.94 12.10 13.27
CA PRO A 88 -9.68 13.22 12.67
C PRO A 88 -9.27 13.48 11.22
N SER A 89 -8.09 14.09 11.05
CA SER A 89 -7.60 14.40 9.71
C SER A 89 -6.66 13.32 9.20
N GLU A 90 -6.36 12.36 10.07
CA GLU A 90 -5.48 11.25 9.71
C GLU A 90 -6.29 10.07 9.21
N TRP A 91 -5.79 9.39 8.19
CA TRP A 91 -6.48 8.25 7.62
C TRP A 91 -5.52 7.09 7.34
N LYS A 92 -6.09 5.91 7.13
CA LYS A 92 -5.32 4.72 6.83
C LYS A 92 -5.71 4.16 5.47
N ILE A 93 -4.77 4.15 4.55
CA ILE A 93 -5.04 3.67 3.20
C ILE A 93 -4.05 2.57 2.81
N TYR A 94 -4.53 1.60 2.04
CA TYR A 94 -3.70 0.51 1.59
C TYR A 94 -3.60 0.50 0.07
N ILE A 95 -2.38 0.37 -0.44
CA ILE A 95 -2.13 0.41 -1.87
C ILE A 95 -1.40 -0.86 -2.29
N LYS A 96 -1.74 -1.40 -3.46
CA LYS A 96 -1.13 -2.65 -3.91
C LYS A 96 -1.07 -2.75 -5.42
N VAL A 97 0.11 -3.07 -5.93
CA VAL A 97 0.31 -3.26 -7.36
C VAL A 97 -0.15 -4.65 -7.77
N LYS A 98 -1.12 -4.72 -8.66
CA LYS A 98 -1.67 -5.99 -9.13
C LYS A 98 -0.79 -6.58 -10.24
N GLY A 1 -30.95 -29.78 0.97
CA GLY A 1 -30.40 -28.60 1.70
C GLY A 1 -29.45 -27.79 0.84
N SER A 2 -29.42 -26.48 1.08
CA SER A 2 -28.55 -25.58 0.33
C SER A 2 -27.11 -25.68 0.82
N SER A 3 -26.17 -25.32 -0.05
CA SER A 3 -24.76 -25.36 0.30
C SER A 3 -24.21 -23.97 0.59
N HIS A 4 -25.07 -22.96 0.42
CA HIS A 4 -24.69 -21.58 0.67
C HIS A 4 -24.70 -21.26 2.16
N HIS A 5 -23.51 -21.13 2.74
CA HIS A 5 -23.38 -20.83 4.16
C HIS A 5 -22.62 -19.52 4.37
N HIS A 6 -21.32 -19.62 4.62
CA HIS A 6 -20.50 -18.43 4.84
C HIS A 6 -19.12 -18.60 4.18
N HIS A 7 -19.06 -19.46 3.17
CA HIS A 7 -17.81 -19.72 2.47
C HIS A 7 -18.01 -19.67 0.95
N HIS A 8 -19.01 -18.90 0.53
CA HIS A 8 -19.31 -18.76 -0.90
C HIS A 8 -18.93 -17.37 -1.40
N HIS A 9 -19.36 -17.05 -2.61
CA HIS A 9 -19.07 -15.75 -3.22
C HIS A 9 -19.70 -14.62 -2.42
N SER A 10 -18.99 -13.51 -2.30
CA SER A 10 -19.49 -12.35 -1.57
C SER A 10 -20.56 -11.63 -2.37
N SER A 11 -21.56 -11.09 -1.67
CA SER A 11 -22.65 -10.37 -2.32
C SER A 11 -22.13 -9.13 -3.04
N GLY A 12 -21.68 -8.14 -2.26
CA GLY A 12 -21.16 -6.92 -2.85
C GLY A 12 -19.80 -7.12 -3.48
N LEU A 13 -19.43 -6.23 -4.39
CA LEU A 13 -18.15 -6.31 -5.07
C LEU A 13 -17.11 -5.43 -4.39
N VAL A 14 -16.96 -4.20 -4.88
CA VAL A 14 -16.00 -3.25 -4.31
C VAL A 14 -16.64 -2.44 -3.19
N PRO A 15 -15.86 -2.11 -2.13
CA PRO A 15 -14.45 -2.51 -2.01
C PRO A 15 -14.30 -3.96 -1.56
N ARG A 16 -13.38 -4.68 -2.21
CA ARG A 16 -13.14 -6.08 -1.88
C ARG A 16 -12.21 -6.22 -0.67
N GLY A 17 -12.21 -5.21 0.20
CA GLY A 17 -11.37 -5.25 1.38
C GLY A 17 -11.99 -6.06 2.50
N SER A 18 -12.81 -7.04 2.15
CA SER A 18 -13.48 -7.88 3.14
C SER A 18 -12.55 -8.97 3.66
N HIS A 19 -13.11 -10.10 4.04
CA HIS A 19 -12.33 -11.22 4.56
C HIS A 19 -11.75 -12.06 3.42
N MET A 20 -11.51 -11.43 2.27
CA MET A 20 -10.96 -12.13 1.11
C MET A 20 -9.52 -12.54 1.36
N ALA A 21 -8.71 -12.57 0.29
CA ALA A 21 -7.31 -12.96 0.40
C ALA A 21 -6.58 -12.05 1.39
N LYS A 22 -5.86 -12.67 2.33
CA LYS A 22 -5.11 -11.92 3.33
C LYS A 22 -3.70 -11.62 2.85
N TYR A 23 -3.59 -10.65 1.96
CA TYR A 23 -2.29 -10.25 1.41
C TYR A 23 -1.47 -9.50 2.46
N GLN A 24 -0.25 -9.98 2.69
CA GLN A 24 0.64 -9.36 3.67
C GLN A 24 1.27 -8.10 3.11
N VAL A 25 1.59 -7.16 4.01
CA VAL A 25 2.20 -5.89 3.59
C VAL A 25 3.72 -6.03 3.46
N THR A 26 4.29 -5.32 2.50
CA THR A 26 5.72 -5.35 2.26
C THR A 26 6.40 -4.08 2.75
N LYS A 27 5.90 -2.92 2.29
CA LYS A 27 6.49 -1.64 2.68
C LYS A 27 5.47 -0.76 3.40
N THR A 28 5.97 0.30 4.02
CA THR A 28 5.11 1.23 4.75
C THR A 28 5.48 2.67 4.41
N LEU A 29 4.50 3.42 3.90
CA LEU A 29 4.73 4.81 3.54
C LEU A 29 4.14 5.75 4.57
N ASP A 30 4.99 6.59 5.16
CA ASP A 30 4.54 7.54 6.16
C ASP A 30 5.10 8.93 5.88
N VAL A 31 4.21 9.90 5.68
CA VAL A 31 4.62 11.27 5.37
C VAL A 31 4.34 12.20 6.55
N ARG A 32 3.70 11.67 7.57
CA ARG A 32 3.35 12.45 8.77
C ARG A 32 4.55 13.22 9.32
N GLY A 33 5.76 12.81 8.95
CA GLY A 33 6.96 13.47 9.43
C GLY A 33 7.09 14.89 8.91
N GLU A 34 6.76 15.86 9.76
CA GLU A 34 6.83 17.27 9.38
C GLU A 34 8.26 17.80 9.49
N VAL A 35 9.23 16.91 9.41
CA VAL A 35 10.64 17.30 9.52
C VAL A 35 11.31 17.28 8.14
N CYS A 36 12.51 16.69 8.06
CA CYS A 36 13.24 16.62 6.80
C CYS A 36 12.36 16.09 5.67
N PRO A 37 12.68 16.44 4.40
CA PRO A 37 11.91 16.00 3.24
C PRO A 37 12.14 14.53 2.91
N VAL A 38 12.49 13.74 3.93
CA VAL A 38 12.74 12.32 3.73
C VAL A 38 11.49 11.61 3.18
N PRO A 39 10.31 11.80 3.81
CA PRO A 39 9.07 11.16 3.34
C PRO A 39 8.63 11.70 1.98
N ASP A 40 9.12 12.88 1.63
CA ASP A 40 8.77 13.51 0.36
C ASP A 40 9.40 12.77 -0.81
N VAL A 41 10.71 12.54 -0.73
CA VAL A 41 11.43 11.82 -1.76
C VAL A 41 11.12 10.33 -1.71
N GLU A 42 10.83 9.84 -0.51
CA GLU A 42 10.51 8.42 -0.32
C GLU A 42 9.28 8.04 -1.12
N THR A 43 8.19 8.78 -0.93
CA THR A 43 6.94 8.50 -1.64
C THR A 43 7.12 8.71 -3.14
N LYS A 44 7.88 9.75 -3.51
CA LYS A 44 8.13 10.05 -4.91
C LYS A 44 8.73 8.84 -5.62
N ARG A 45 9.65 8.16 -4.95
CA ARG A 45 10.29 6.97 -5.51
C ARG A 45 9.29 5.81 -5.62
N ALA A 46 8.33 5.79 -4.71
CA ALA A 46 7.31 4.74 -4.70
C ALA A 46 6.60 4.65 -6.04
N LEU A 47 6.21 5.81 -6.58
CA LEU A 47 5.50 5.86 -7.85
C LEU A 47 6.40 5.50 -9.03
N GLN A 48 7.62 6.03 -9.03
CA GLN A 48 8.56 5.79 -10.12
C GLN A 48 9.28 4.46 -9.98
N ASN A 49 9.17 3.84 -8.81
CA ASN A 49 9.82 2.56 -8.56
C ASN A 49 8.88 1.59 -7.86
N MET A 50 7.91 1.08 -8.60
CA MET A 50 6.94 0.13 -8.04
C MET A 50 7.17 -1.27 -8.60
N LYS A 51 7.08 -2.26 -7.73
CA LYS A 51 7.27 -3.66 -8.13
C LYS A 51 5.93 -4.33 -8.43
N PRO A 52 5.94 -5.35 -9.29
CA PRO A 52 4.71 -6.06 -9.68
C PRO A 52 3.90 -6.57 -8.50
N GLY A 53 4.59 -7.14 -7.51
CA GLY A 53 3.89 -7.67 -6.34
C GLY A 53 4.04 -6.80 -5.11
N GLU A 54 3.76 -5.50 -5.24
CA GLU A 54 3.87 -4.59 -4.10
C GLU A 54 2.55 -4.46 -3.35
N ILE A 55 2.59 -4.66 -2.04
CA ILE A 55 1.42 -4.51 -1.19
C ILE A 55 1.78 -3.72 0.07
N LEU A 56 1.64 -2.40 0.00
CA LEU A 56 2.04 -1.55 1.13
C LEU A 56 0.86 -0.76 1.67
N GLU A 57 1.15 0.06 2.68
CA GLU A 57 0.14 0.90 3.30
C GLU A 57 0.61 2.35 3.37
N VAL A 58 -0.26 3.24 3.81
CA VAL A 58 0.07 4.65 3.89
C VAL A 58 -0.50 5.28 5.16
N TRP A 59 0.32 6.10 5.82
CA TRP A 59 -0.09 6.77 7.04
C TRP A 59 0.04 8.29 6.89
N ILE A 60 -1.09 8.96 6.73
CA ILE A 60 -1.10 10.41 6.57
C ILE A 60 -2.46 11.01 6.89
N ASP A 61 -2.57 12.33 6.74
CA ASP A 61 -3.84 13.02 6.98
C ASP A 61 -4.53 13.29 5.64
N TYR A 62 -3.79 13.12 4.56
CA TYR A 62 -4.32 13.33 3.22
C TYR A 62 -3.99 12.13 2.33
N PRO A 63 -5.02 11.51 1.71
CA PRO A 63 -4.82 10.33 0.85
C PRO A 63 -3.69 10.52 -0.16
N MET A 64 -2.56 9.88 0.11
CA MET A 64 -1.40 9.95 -0.77
C MET A 64 -1.71 9.31 -2.12
N SER A 65 -2.75 8.46 -2.13
CA SER A 65 -3.16 7.79 -3.35
C SER A 65 -3.59 8.80 -4.41
N LYS A 66 -3.72 10.06 -3.99
CA LYS A 66 -4.10 11.13 -4.90
C LYS A 66 -3.11 11.24 -6.05
N GLU A 67 -1.83 11.03 -5.74
CA GLU A 67 -0.78 11.07 -6.75
C GLU A 67 -0.55 9.67 -7.31
N ARG A 68 -0.89 8.67 -6.50
CA ARG A 68 -0.74 7.28 -6.91
C ARG A 68 -1.62 6.98 -8.11
N ILE A 69 -2.84 7.51 -8.11
CA ILE A 69 -3.78 7.28 -9.21
C ILE A 69 -3.21 7.70 -10.57
N PRO A 70 -2.78 8.98 -10.73
CA PRO A 70 -2.25 9.47 -12.02
C PRO A 70 -1.11 8.59 -12.53
N GLU A 71 -0.30 8.05 -11.62
CA GLU A 71 0.82 7.21 -12.02
C GLU A 71 0.34 5.84 -12.51
N THR A 72 -0.24 5.06 -11.59
CA THR A 72 -0.73 3.73 -11.92
C THR A 72 -1.76 3.78 -13.04
N VAL A 73 -2.44 4.91 -13.19
CA VAL A 73 -3.44 5.05 -14.25
C VAL A 73 -2.76 5.25 -15.61
N LYS A 74 -1.56 5.82 -15.58
CA LYS A 74 -0.80 6.00 -16.80
C LYS A 74 -0.59 4.65 -17.45
N LYS A 75 -0.25 3.67 -16.62
CA LYS A 75 -0.09 2.30 -17.07
C LYS A 75 -1.41 1.54 -16.98
N LEU A 76 -1.77 1.12 -15.77
CA LEU A 76 -3.03 0.43 -15.52
C LEU A 76 -4.09 1.40 -15.00
N GLY A 77 -4.30 1.38 -13.69
CA GLY A 77 -5.27 2.27 -13.07
C GLY A 77 -4.81 2.72 -11.69
N HIS A 78 -5.11 1.91 -10.68
CA HIS A 78 -4.68 2.20 -9.32
C HIS A 78 -4.39 0.92 -8.55
N GLU A 79 -3.85 1.07 -7.35
CA GLU A 79 -3.55 -0.06 -6.49
C GLU A 79 -4.47 -0.06 -5.29
N VAL A 80 -5.75 -0.32 -5.52
CA VAL A 80 -6.74 -0.28 -4.45
C VAL A 80 -7.06 -1.67 -3.90
N LEU A 81 -6.85 -1.84 -2.61
CA LEU A 81 -7.14 -3.11 -1.95
C LEU A 81 -7.90 -2.89 -0.64
N GLU A 82 -7.51 -1.87 0.11
CA GLU A 82 -8.17 -1.57 1.37
C GLU A 82 -8.05 -0.10 1.76
N ILE A 83 -9.05 0.39 2.49
CA ILE A 83 -9.06 1.78 2.97
C ILE A 83 -9.63 1.84 4.38
N GLU A 84 -9.06 2.71 5.23
CA GLU A 84 -9.52 2.83 6.61
C GLU A 84 -9.17 4.20 7.19
N GLU A 85 -9.63 4.43 8.42
CA GLU A 85 -9.37 5.69 9.11
C GLU A 85 -8.97 5.43 10.56
N VAL A 86 -8.64 6.50 11.26
CA VAL A 86 -8.20 6.40 12.65
C VAL A 86 -8.70 7.58 13.48
N GLY A 87 -8.42 8.79 13.01
CA GLY A 87 -8.84 9.98 13.72
C GLY A 87 -9.67 10.91 12.86
N PRO A 88 -9.68 12.23 13.16
CA PRO A 88 -10.45 13.21 12.40
C PRO A 88 -10.06 13.25 10.94
N SER A 89 -8.94 13.91 10.64
CA SER A 89 -8.45 14.02 9.27
C SER A 89 -7.35 13.01 9.00
N GLU A 90 -6.97 12.27 10.02
CA GLU A 90 -5.93 11.25 9.89
C GLU A 90 -6.53 9.89 9.58
N TRP A 91 -5.96 9.20 8.60
CA TRP A 91 -6.45 7.89 8.20
C TRP A 91 -5.32 7.03 7.62
N LYS A 92 -5.64 5.76 7.35
CA LYS A 92 -4.68 4.83 6.78
C LYS A 92 -5.21 4.27 5.46
N ILE A 93 -4.31 4.07 4.51
CA ILE A 93 -4.70 3.55 3.20
C ILE A 93 -3.89 2.30 2.84
N TYR A 94 -4.49 1.43 2.04
CA TYR A 94 -3.82 0.22 1.59
C TYR A 94 -3.70 0.22 0.07
N ILE A 95 -2.47 0.11 -0.41
CA ILE A 95 -2.21 0.13 -1.84
C ILE A 95 -1.47 -1.14 -2.26
N LYS A 96 -1.65 -1.55 -3.51
CA LYS A 96 -1.04 -2.78 -3.99
C LYS A 96 -0.70 -2.71 -5.47
N VAL A 97 0.55 -2.40 -5.78
CA VAL A 97 0.99 -2.31 -7.17
C VAL A 97 0.81 -3.64 -7.87
N LYS A 98 -0.02 -3.66 -8.90
CA LYS A 98 -0.28 -4.87 -9.67
C LYS A 98 0.71 -5.02 -10.82
N GLY A 1 10.57 -23.88 18.65
CA GLY A 1 11.34 -22.63 18.40
C GLY A 1 11.50 -22.32 16.92
N SER A 2 11.55 -23.36 16.11
CA SER A 2 11.71 -23.21 14.66
C SER A 2 10.40 -23.53 13.94
N SER A 3 10.02 -24.80 13.95
CA SER A 3 8.80 -25.24 13.30
C SER A 3 7.92 -26.04 14.25
N HIS A 4 8.40 -26.21 15.48
CA HIS A 4 7.66 -26.95 16.49
C HIS A 4 6.90 -26.01 17.42
N HIS A 5 6.36 -24.94 16.85
CA HIS A 5 5.61 -23.96 17.62
C HIS A 5 4.32 -24.57 18.17
N HIS A 6 3.67 -23.85 19.08
CA HIS A 6 2.43 -24.32 19.69
C HIS A 6 1.33 -24.44 18.66
N HIS A 7 0.45 -25.42 18.85
CA HIS A 7 -0.67 -25.65 17.92
C HIS A 7 -1.72 -24.56 18.07
N HIS A 8 -2.25 -24.12 16.93
CA HIS A 8 -3.28 -23.08 16.92
C HIS A 8 -4.67 -23.70 16.93
N HIS A 9 -5.52 -23.20 17.83
CA HIS A 9 -6.89 -23.71 17.95
C HIS A 9 -7.90 -22.77 17.29
N SER A 10 -8.27 -21.72 18.01
CA SER A 10 -9.22 -20.75 17.49
C SER A 10 -8.57 -19.81 16.48
N SER A 11 -7.24 -19.89 16.38
CA SER A 11 -6.50 -19.05 15.45
C SER A 11 -6.65 -19.54 14.01
N GLY A 12 -5.93 -20.61 13.68
CA GLY A 12 -5.99 -21.17 12.35
C GLY A 12 -7.27 -21.95 12.11
N LEU A 13 -8.28 -21.27 11.56
CA LEU A 13 -9.56 -21.90 11.29
C LEU A 13 -9.46 -22.85 10.09
N VAL A 14 -9.43 -22.30 8.89
CA VAL A 14 -9.33 -23.09 7.68
C VAL A 14 -7.87 -23.37 7.32
N PRO A 15 -7.57 -24.59 6.82
CA PRO A 15 -6.21 -24.98 6.44
C PRO A 15 -5.82 -24.46 5.06
N ARG A 16 -6.26 -23.25 4.74
CA ARG A 16 -5.96 -22.64 3.45
C ARG A 16 -4.53 -22.11 3.40
N GLY A 17 -4.31 -20.95 4.00
CA GLY A 17 -2.98 -20.36 4.00
C GLY A 17 -2.05 -21.04 5.00
N SER A 18 -1.42 -22.12 4.55
CA SER A 18 -0.50 -22.87 5.41
C SER A 18 0.80 -22.09 5.62
N HIS A 19 1.67 -22.11 4.62
CA HIS A 19 2.95 -21.41 4.69
C HIS A 19 2.78 -19.94 4.32
N MET A 20 2.76 -19.65 3.02
CA MET A 20 2.60 -18.29 2.54
C MET A 20 1.13 -17.87 2.55
N ALA A 21 0.85 -16.72 3.16
CA ALA A 21 -0.51 -16.21 3.24
C ALA A 21 -0.94 -15.56 1.94
N LYS A 22 -2.08 -14.89 1.98
CA LYS A 22 -2.61 -14.18 0.82
C LYS A 22 -1.72 -12.99 0.47
N TYR A 23 -2.22 -11.82 0.77
CA TYR A 23 -1.51 -10.57 0.51
C TYR A 23 -0.68 -10.16 1.72
N GLN A 24 0.64 -10.20 1.56
CA GLN A 24 1.55 -9.83 2.64
C GLN A 24 2.16 -8.45 2.38
N VAL A 25 2.02 -7.56 3.37
CA VAL A 25 2.55 -6.21 3.25
C VAL A 25 4.07 -6.22 3.09
N THR A 26 4.56 -5.39 2.18
CA THR A 26 5.99 -5.30 1.92
C THR A 26 6.59 -4.09 2.63
N LYS A 27 6.22 -2.89 2.18
CA LYS A 27 6.72 -1.66 2.79
C LYS A 27 5.58 -0.87 3.43
N THR A 28 5.94 0.02 4.35
CA THR A 28 4.96 0.84 5.05
C THR A 28 5.41 2.29 5.14
N LEU A 29 4.56 3.19 4.65
CA LEU A 29 4.86 4.62 4.70
C LEU A 29 4.05 5.31 5.79
N ASP A 30 4.73 5.78 6.83
CA ASP A 30 4.05 6.45 7.93
C ASP A 30 4.72 7.79 8.25
N VAL A 31 4.00 8.87 7.99
CA VAL A 31 4.50 10.21 8.27
C VAL A 31 3.44 11.07 8.95
N ARG A 32 3.17 10.77 10.21
CA ARG A 32 2.17 11.48 11.00
C ARG A 32 2.41 12.99 10.96
N GLY A 33 3.18 13.49 11.91
CA GLY A 33 3.47 14.90 11.97
C GLY A 33 4.47 15.34 10.92
N GLU A 34 5.10 16.48 11.14
CA GLU A 34 6.05 17.03 10.19
C GLU A 34 7.40 16.36 10.29
N VAL A 35 7.95 16.03 9.13
CA VAL A 35 9.25 15.39 9.05
C VAL A 35 10.10 16.01 7.93
N CYS A 36 11.29 15.46 7.72
CA CYS A 36 12.19 15.94 6.68
C CYS A 36 11.60 15.64 5.30
N PRO A 37 12.11 16.30 4.24
CA PRO A 37 11.61 16.11 2.87
C PRO A 37 12.05 14.77 2.28
N VAL A 38 12.57 13.89 3.12
CA VAL A 38 13.03 12.58 2.66
C VAL A 38 11.87 11.72 2.12
N PRO A 39 10.81 11.51 2.93
CA PRO A 39 9.65 10.72 2.50
C PRO A 39 8.94 11.33 1.29
N ASP A 40 9.15 12.63 1.09
CA ASP A 40 8.55 13.33 -0.03
C ASP A 40 9.05 12.78 -1.36
N VAL A 41 10.35 12.91 -1.58
CA VAL A 41 10.97 12.40 -2.81
C VAL A 41 11.03 10.88 -2.80
N GLU A 42 10.89 10.29 -1.61
CA GLU A 42 10.91 8.84 -1.46
C GLU A 42 9.70 8.21 -2.14
N THR A 43 8.51 8.62 -1.72
CA THR A 43 7.28 8.08 -2.30
C THR A 43 7.21 8.37 -3.79
N LYS A 44 7.74 9.53 -4.19
CA LYS A 44 7.76 9.91 -5.59
C LYS A 44 8.57 8.91 -6.41
N ARG A 45 9.68 8.45 -5.84
CA ARG A 45 10.54 7.47 -6.48
C ARG A 45 9.85 6.12 -6.58
N ALA A 46 9.03 5.82 -5.58
CA ALA A 46 8.30 4.55 -5.55
C ALA A 46 7.38 4.43 -6.76
N LEU A 47 6.61 5.48 -7.01
CA LEU A 47 5.69 5.50 -8.15
C LEU A 47 6.45 5.38 -9.46
N GLN A 48 7.69 5.89 -9.47
CA GLN A 48 8.52 5.85 -10.67
C GLN A 48 9.14 4.47 -10.86
N ASN A 49 9.29 3.73 -9.76
CA ASN A 49 9.88 2.40 -9.81
C ASN A 49 9.03 1.40 -9.03
N MET A 50 7.85 1.10 -9.55
CA MET A 50 6.95 0.16 -8.89
C MET A 50 7.30 -1.28 -9.28
N LYS A 51 7.09 -2.20 -8.34
CA LYS A 51 7.37 -3.62 -8.58
C LYS A 51 6.08 -4.38 -8.85
N PRO A 52 6.18 -5.59 -9.46
CA PRO A 52 5.01 -6.41 -9.81
C PRO A 52 3.99 -6.54 -8.69
N GLY A 53 4.32 -7.32 -7.66
CA GLY A 53 3.40 -7.55 -6.56
C GLY A 53 3.75 -6.77 -5.30
N GLU A 54 3.77 -5.45 -5.42
CA GLU A 54 4.09 -4.61 -4.27
C GLU A 54 2.84 -4.27 -3.46
N ILE A 55 2.99 -4.30 -2.14
CA ILE A 55 1.91 -3.97 -1.23
C ILE A 55 2.41 -3.05 -0.13
N LEU A 56 1.83 -1.87 -0.01
CA LEU A 56 2.28 -0.89 0.98
C LEU A 56 1.14 -0.40 1.86
N GLU A 57 1.47 -0.11 3.11
CA GLU A 57 0.51 0.44 4.06
C GLU A 57 0.88 1.88 4.38
N VAL A 58 -0.06 2.79 4.16
CA VAL A 58 0.19 4.21 4.39
C VAL A 58 -0.67 4.76 5.52
N TRP A 59 -0.03 5.46 6.45
CA TRP A 59 -0.72 6.06 7.58
C TRP A 59 -0.41 7.55 7.68
N ILE A 60 -1.39 8.40 7.41
CA ILE A 60 -1.18 9.84 7.44
C ILE A 60 -2.50 10.59 7.64
N ASP A 61 -2.44 11.91 7.45
CA ASP A 61 -3.61 12.77 7.60
C ASP A 61 -4.18 13.15 6.23
N TYR A 62 -3.42 12.88 5.18
CA TYR A 62 -3.84 13.20 3.82
C TYR A 62 -3.61 12.01 2.88
N PRO A 63 -4.57 11.74 1.96
CA PRO A 63 -4.46 10.63 1.02
C PRO A 63 -3.34 10.82 0.00
N MET A 64 -2.22 10.14 0.22
CA MET A 64 -1.08 10.22 -0.69
C MET A 64 -1.42 9.56 -2.02
N SER A 65 -2.48 8.75 -2.02
CA SER A 65 -2.92 8.08 -3.23
C SER A 65 -3.27 9.09 -4.31
N LYS A 66 -3.37 10.36 -3.91
CA LYS A 66 -3.69 11.43 -4.85
C LYS A 66 -2.72 11.44 -6.02
N GLU A 67 -1.44 11.19 -5.74
CA GLU A 67 -0.42 11.15 -6.77
C GLU A 67 -0.26 9.73 -7.29
N ARG A 68 -0.57 8.76 -6.42
CA ARG A 68 -0.47 7.35 -6.79
C ARG A 68 -1.44 7.01 -7.92
N ILE A 69 -2.61 7.66 -7.93
CA ILE A 69 -3.61 7.40 -8.95
C ILE A 69 -3.08 7.73 -10.36
N PRO A 70 -2.62 8.98 -10.60
CA PRO A 70 -2.10 9.37 -11.92
C PRO A 70 -1.05 8.41 -12.45
N GLU A 71 -0.21 7.89 -11.56
CA GLU A 71 0.85 6.97 -11.95
C GLU A 71 0.28 5.64 -12.45
N THR A 72 -0.36 4.89 -11.54
CA THR A 72 -0.93 3.60 -11.90
C THR A 72 -1.87 3.71 -13.09
N VAL A 73 -2.74 4.71 -13.06
CA VAL A 73 -3.71 4.88 -14.14
C VAL A 73 -3.01 5.07 -15.48
N LYS A 74 -1.79 5.62 -15.46
CA LYS A 74 -1.01 5.77 -16.67
C LYS A 74 -0.81 4.40 -17.30
N LYS A 75 -0.48 3.45 -16.45
CA LYS A 75 -0.29 2.06 -16.89
C LYS A 75 -1.61 1.30 -16.81
N LEU A 76 -1.99 0.90 -15.59
CA LEU A 76 -3.25 0.19 -15.36
C LEU A 76 -4.33 1.13 -14.87
N GLY A 77 -4.54 1.17 -13.56
CA GLY A 77 -5.55 2.04 -12.98
C GLY A 77 -5.13 2.60 -11.63
N HIS A 78 -5.31 1.81 -10.58
CA HIS A 78 -4.95 2.24 -9.23
C HIS A 78 -4.48 1.06 -8.38
N GLU A 79 -3.87 1.39 -7.24
CA GLU A 79 -3.40 0.40 -6.32
C GLU A 79 -4.31 0.37 -5.09
N VAL A 80 -5.60 0.15 -5.33
CA VAL A 80 -6.58 0.17 -4.26
C VAL A 80 -6.89 -1.24 -3.77
N LEU A 81 -6.66 -1.46 -2.48
CA LEU A 81 -6.90 -2.75 -1.87
C LEU A 81 -7.67 -2.63 -0.56
N GLU A 82 -7.36 -1.60 0.22
CA GLU A 82 -8.05 -1.40 1.49
C GLU A 82 -8.05 0.07 1.92
N ILE A 83 -9.25 0.59 2.20
CA ILE A 83 -9.42 1.96 2.65
C ILE A 83 -10.02 1.99 4.05
N GLU A 84 -9.52 2.87 4.90
CA GLU A 84 -10.03 2.96 6.28
C GLU A 84 -9.70 4.32 6.89
N GLU A 85 -10.23 4.56 8.08
CA GLU A 85 -9.99 5.81 8.79
C GLU A 85 -9.64 5.55 10.26
N VAL A 86 -9.17 6.59 10.94
CA VAL A 86 -8.79 6.46 12.35
C VAL A 86 -9.44 7.56 13.19
N GLY A 87 -9.12 8.80 12.86
CA GLY A 87 -9.67 9.94 13.58
C GLY A 87 -10.37 10.93 12.67
N PRO A 88 -10.39 12.22 13.05
CA PRO A 88 -11.05 13.27 12.25
C PRO A 88 -10.45 13.38 10.84
N SER A 89 -9.29 14.00 10.74
CA SER A 89 -8.62 14.18 9.46
C SER A 89 -7.57 13.11 9.24
N GLU A 90 -7.39 12.25 10.23
CA GLU A 90 -6.43 11.16 10.16
C GLU A 90 -7.09 9.89 9.64
N TRP A 91 -6.44 9.22 8.71
CA TRP A 91 -6.99 7.99 8.13
C TRP A 91 -5.88 7.05 7.67
N LYS A 92 -6.26 5.81 7.35
CA LYS A 92 -5.32 4.82 6.88
C LYS A 92 -5.70 4.32 5.50
N ILE A 93 -4.73 4.29 4.60
CA ILE A 93 -4.97 3.85 3.24
C ILE A 93 -4.02 2.73 2.85
N TYR A 94 -4.52 1.79 2.06
CA TYR A 94 -3.72 0.67 1.60
C TYR A 94 -3.61 0.69 0.08
N ILE A 95 -2.38 0.78 -0.40
CA ILE A 95 -2.09 0.86 -1.83
C ILE A 95 -1.14 -0.26 -2.23
N LYS A 96 -1.35 -0.85 -3.40
CA LYS A 96 -0.49 -1.96 -3.83
C LYS A 96 -0.37 -2.04 -5.35
N VAL A 97 0.86 -2.12 -5.84
CA VAL A 97 1.11 -2.23 -7.26
C VAL A 97 0.74 -3.62 -7.77
N LYS A 98 -0.25 -3.67 -8.65
CA LYS A 98 -0.71 -4.93 -9.22
C LYS A 98 0.07 -5.29 -10.48
N GLY A 1 -10.70 -23.54 -13.53
CA GLY A 1 -10.06 -24.88 -13.53
C GLY A 1 -9.13 -25.08 -14.70
N SER A 2 -8.85 -26.34 -15.03
CA SER A 2 -7.97 -26.66 -16.15
C SER A 2 -8.77 -27.12 -17.36
N SER A 3 -10.02 -27.52 -17.13
CA SER A 3 -10.89 -27.97 -18.20
C SER A 3 -11.97 -26.93 -18.51
N HIS A 4 -12.29 -26.11 -17.51
CA HIS A 4 -13.31 -25.07 -17.67
C HIS A 4 -12.68 -23.75 -18.11
N HIS A 5 -12.90 -23.39 -19.36
CA HIS A 5 -12.36 -22.14 -19.90
C HIS A 5 -13.46 -21.10 -20.05
N HIS A 6 -13.20 -19.91 -19.53
CA HIS A 6 -14.18 -18.82 -19.60
C HIS A 6 -13.74 -17.75 -20.59
N HIS A 7 -14.44 -16.63 -20.59
CA HIS A 7 -14.13 -15.53 -21.50
C HIS A 7 -13.40 -14.40 -20.76
N HIS A 8 -13.13 -14.62 -19.47
CA HIS A 8 -12.44 -13.63 -18.66
C HIS A 8 -10.98 -14.00 -18.47
N HIS A 9 -10.23 -13.13 -17.81
CA HIS A 9 -8.81 -13.35 -17.56
C HIS A 9 -8.59 -14.03 -16.21
N SER A 10 -9.07 -15.27 -16.10
CA SER A 10 -8.92 -16.03 -14.86
C SER A 10 -7.58 -16.75 -14.82
N SER A 11 -6.50 -15.98 -14.92
CA SER A 11 -5.15 -16.54 -14.89
C SER A 11 -4.85 -17.18 -13.55
N GLY A 12 -4.57 -16.36 -12.55
CA GLY A 12 -4.26 -16.87 -11.22
C GLY A 12 -5.47 -17.48 -10.55
N LEU A 13 -5.23 -18.49 -9.72
CA LEU A 13 -6.32 -19.16 -9.01
C LEU A 13 -6.56 -18.52 -7.65
N VAL A 14 -7.74 -17.95 -7.48
CA VAL A 14 -8.10 -17.29 -6.23
C VAL A 14 -8.31 -18.33 -5.11
N PRO A 15 -7.63 -18.16 -3.97
CA PRO A 15 -7.74 -19.09 -2.84
C PRO A 15 -9.17 -19.23 -2.34
N ARG A 16 -9.85 -20.28 -2.78
CA ARG A 16 -11.23 -20.53 -2.38
C ARG A 16 -11.29 -21.28 -1.04
N GLY A 17 -10.28 -21.06 -0.20
CA GLY A 17 -10.25 -21.73 1.09
C GLY A 17 -11.19 -21.09 2.10
N SER A 18 -10.70 -20.89 3.32
CA SER A 18 -11.50 -20.29 4.38
C SER A 18 -11.58 -18.77 4.21
N HIS A 19 -11.72 -18.06 5.33
CA HIS A 19 -11.81 -16.61 5.29
C HIS A 19 -10.42 -15.97 5.27
N MET A 20 -9.44 -16.68 4.73
CA MET A 20 -8.07 -16.19 4.64
C MET A 20 -7.93 -15.18 3.51
N ALA A 21 -7.87 -13.90 3.85
CA ALA A 21 -7.73 -12.84 2.86
C ALA A 21 -6.27 -12.67 2.44
N LYS A 22 -6.06 -11.86 1.40
CA LYS A 22 -4.71 -11.60 0.92
C LYS A 22 -4.04 -10.50 1.73
N TYR A 23 -3.68 -10.83 2.97
CA TYR A 23 -3.04 -9.86 3.85
C TYR A 23 -1.52 -10.04 3.84
N GLN A 24 -0.95 -10.12 2.64
CA GLN A 24 0.49 -10.28 2.49
C GLN A 24 1.15 -8.96 2.10
N VAL A 25 1.27 -8.06 3.08
CA VAL A 25 1.87 -6.76 2.84
C VAL A 25 3.40 -6.86 2.77
N THR A 26 4.00 -6.10 1.85
CA THR A 26 5.46 -6.15 1.69
C THR A 26 6.14 -4.97 2.39
N LYS A 27 5.57 -3.78 2.26
CA LYS A 27 6.17 -2.59 2.86
C LYS A 27 5.16 -1.75 3.65
N THR A 28 5.67 -0.93 4.55
CA THR A 28 4.84 -0.05 5.36
C THR A 28 5.43 1.35 5.42
N LEU A 29 4.64 2.34 5.04
CA LEU A 29 5.08 3.73 5.05
C LEU A 29 4.54 4.48 6.26
N ASP A 30 5.44 5.01 7.07
CA ASP A 30 5.06 5.77 8.26
C ASP A 30 5.75 7.12 8.31
N VAL A 31 5.13 8.11 7.68
CA VAL A 31 5.70 9.47 7.65
C VAL A 31 4.79 10.44 8.41
N ARG A 32 4.32 10.01 9.57
CA ARG A 32 3.44 10.83 10.40
C ARG A 32 4.19 12.00 11.04
N GLY A 33 5.00 11.67 12.04
CA GLY A 33 5.75 12.70 12.77
C GLY A 33 6.72 13.46 11.89
N GLU A 34 6.81 13.07 10.61
CA GLU A 34 7.71 13.73 9.67
C GLU A 34 7.10 15.03 9.16
N VAL A 35 7.73 15.62 8.14
CA VAL A 35 7.25 16.88 7.57
C VAL A 35 6.54 16.67 6.24
N CYS A 36 6.38 17.74 5.48
CA CYS A 36 5.69 17.68 4.20
C CYS A 36 6.60 17.19 3.07
N PRO A 37 7.82 17.74 2.93
CA PRO A 37 8.73 17.34 1.85
C PRO A 37 9.31 15.94 2.02
N VAL A 38 9.18 15.39 3.22
CA VAL A 38 9.71 14.06 3.51
C VAL A 38 8.95 12.97 2.73
N PRO A 39 7.62 12.88 2.89
CA PRO A 39 6.80 11.88 2.19
C PRO A 39 6.76 12.12 0.69
N ASP A 40 7.04 13.36 0.28
CA ASP A 40 7.03 13.72 -1.13
C ASP A 40 8.09 12.94 -1.90
N VAL A 41 9.33 13.04 -1.46
CA VAL A 41 10.43 12.34 -2.10
C VAL A 41 10.35 10.83 -1.85
N GLU A 42 9.78 10.46 -0.71
CA GLU A 42 9.63 9.05 -0.35
C GLU A 42 8.73 8.32 -1.33
N THR A 43 7.46 8.72 -1.39
CA THR A 43 6.49 8.12 -2.29
C THR A 43 6.95 8.21 -3.73
N LYS A 44 7.68 9.28 -4.05
CA LYS A 44 8.19 9.48 -5.39
C LYS A 44 9.09 8.33 -5.81
N ARG A 45 9.92 7.87 -4.87
CA ARG A 45 10.83 6.76 -5.13
C ARG A 45 10.04 5.46 -5.35
N ALA A 46 8.92 5.34 -4.65
CA ALA A 46 8.07 4.16 -4.77
C ALA A 46 7.51 4.03 -6.18
N LEU A 47 6.85 5.10 -6.65
CA LEU A 47 6.27 5.11 -7.98
C LEU A 47 7.29 4.72 -9.04
N GLN A 48 8.55 5.12 -8.82
CA GLN A 48 9.61 4.82 -9.76
C GLN A 48 10.13 3.40 -9.58
N ASN A 49 9.92 2.85 -8.39
CA ASN A 49 10.38 1.50 -8.08
C ASN A 49 9.24 0.63 -7.55
N MET A 50 8.12 0.63 -8.27
CA MET A 50 6.96 -0.17 -7.88
C MET A 50 7.10 -1.61 -8.36
N LYS A 51 6.93 -2.55 -7.44
CA LYS A 51 7.01 -3.97 -7.78
C LYS A 51 5.67 -4.48 -8.30
N PRO A 52 5.67 -5.55 -9.12
CA PRO A 52 4.44 -6.10 -9.69
C PRO A 52 3.45 -6.57 -8.63
N GLY A 53 3.95 -7.24 -7.59
CA GLY A 53 3.09 -7.73 -6.54
C GLY A 53 3.18 -6.93 -5.25
N GLU A 54 2.91 -5.63 -5.33
CA GLU A 54 2.97 -4.79 -4.14
C GLU A 54 1.61 -4.72 -3.44
N ILE A 55 1.63 -5.00 -2.14
CA ILE A 55 0.43 -4.98 -1.31
C ILE A 55 0.72 -4.27 0.00
N LEU A 56 0.98 -2.97 -0.06
CA LEU A 56 1.44 -2.25 1.11
C LEU A 56 0.48 -1.15 1.54
N GLU A 57 0.92 -0.35 2.51
CA GLU A 57 0.10 0.74 3.04
C GLU A 57 0.91 1.99 3.31
N VAL A 58 0.21 3.07 3.63
CA VAL A 58 0.86 4.36 3.92
C VAL A 58 0.16 5.04 5.09
N TRP A 59 0.93 5.76 5.91
CA TRP A 59 0.38 6.46 7.07
C TRP A 59 0.68 7.95 7.01
N ILE A 60 -0.35 8.75 6.78
CA ILE A 60 -0.18 10.20 6.69
C ILE A 60 -1.46 10.93 7.11
N ASP A 61 -1.43 12.26 7.03
CA ASP A 61 -2.57 13.08 7.38
C ASP A 61 -3.29 13.55 6.12
N TYR A 62 -2.74 13.20 4.97
CA TYR A 62 -3.32 13.59 3.69
C TYR A 62 -3.27 12.42 2.70
N PRO A 63 -4.35 12.21 1.92
CA PRO A 63 -4.41 11.13 0.94
C PRO A 63 -3.34 11.25 -0.14
N MET A 64 -2.17 10.66 0.12
CA MET A 64 -1.06 10.70 -0.82
C MET A 64 -1.42 9.98 -2.12
N SER A 65 -2.38 9.07 -2.04
CA SER A 65 -2.82 8.31 -3.20
C SER A 65 -3.25 9.25 -4.33
N LYS A 66 -3.51 10.50 -3.98
CA LYS A 66 -3.94 11.50 -4.96
C LYS A 66 -2.97 11.56 -6.15
N GLU A 67 -1.68 11.42 -5.86
CA GLU A 67 -0.66 11.42 -6.90
C GLU A 67 -0.35 10.00 -7.35
N ARG A 68 -0.54 9.06 -6.43
CA ARG A 68 -0.30 7.65 -6.70
C ARG A 68 -1.25 7.12 -7.77
N ILE A 69 -2.41 7.75 -7.90
CA ILE A 69 -3.41 7.32 -8.88
C ILE A 69 -3.00 7.69 -10.31
N PRO A 70 -2.71 8.98 -10.59
CA PRO A 70 -2.33 9.42 -11.94
C PRO A 70 -1.15 8.62 -12.50
N GLU A 71 -0.24 8.21 -11.62
CA GLU A 71 0.91 7.42 -12.05
C GLU A 71 0.49 6.02 -12.49
N THR A 72 -0.34 5.38 -11.67
CA THR A 72 -0.83 4.05 -11.97
C THR A 72 -1.64 4.03 -13.27
N VAL A 73 -2.56 4.98 -13.39
CA VAL A 73 -3.40 5.03 -14.58
C VAL A 73 -2.55 5.20 -15.84
N LYS A 74 -1.38 5.81 -15.68
CA LYS A 74 -0.45 5.94 -16.81
C LYS A 74 -0.12 4.54 -17.32
N LYS A 75 0.11 3.64 -16.38
CA LYS A 75 0.37 2.24 -16.71
C LYS A 75 -0.94 1.46 -16.75
N LEU A 76 -1.43 1.05 -15.58
CA LEU A 76 -2.70 0.35 -15.47
C LEU A 76 -3.82 1.32 -15.07
N GLY A 77 -4.28 1.21 -13.82
CA GLY A 77 -5.32 2.10 -13.33
C GLY A 77 -4.93 2.73 -12.01
N HIS A 78 -5.14 2.00 -10.92
CA HIS A 78 -4.78 2.50 -9.59
C HIS A 78 -4.34 1.35 -8.69
N GLU A 79 -3.64 1.69 -7.61
CA GLU A 79 -3.20 0.71 -6.64
C GLU A 79 -4.08 0.79 -5.41
N VAL A 80 -5.39 0.72 -5.63
CA VAL A 80 -6.35 0.82 -4.55
C VAL A 80 -6.81 -0.56 -4.10
N LEU A 81 -6.62 -0.87 -2.82
CA LEU A 81 -7.02 -2.14 -2.27
C LEU A 81 -7.76 -1.97 -0.95
N GLU A 82 -7.35 -0.99 -0.17
CA GLU A 82 -8.02 -0.73 1.11
C GLU A 82 -7.89 0.73 1.55
N ILE A 83 -8.86 1.18 2.34
CA ILE A 83 -8.88 2.55 2.85
C ILE A 83 -9.43 2.59 4.27
N GLU A 84 -8.77 3.33 5.15
CA GLU A 84 -9.21 3.43 6.54
C GLU A 84 -8.72 4.72 7.19
N GLU A 85 -9.07 4.89 8.46
CA GLU A 85 -8.68 6.07 9.21
C GLU A 85 -8.12 5.69 10.58
N VAL A 86 -7.35 6.59 11.16
CA VAL A 86 -6.75 6.34 12.47
C VAL A 86 -7.24 7.36 13.51
N GLY A 87 -7.00 8.63 13.24
CA GLY A 87 -7.42 9.67 14.16
C GLY A 87 -8.24 10.75 13.49
N PRO A 88 -8.23 11.99 14.03
CA PRO A 88 -9.00 13.11 13.47
C PRO A 88 -8.67 13.37 12.01
N SER A 89 -7.52 13.98 11.75
CA SER A 89 -7.10 14.30 10.39
C SER A 89 -6.12 13.26 9.85
N GLU A 90 -5.72 12.34 10.72
CA GLU A 90 -4.79 11.28 10.33
C GLU A 90 -5.55 10.03 9.89
N TRP A 91 -5.09 9.43 8.80
CA TRP A 91 -5.73 8.23 8.28
C TRP A 91 -4.70 7.27 7.66
N LYS A 92 -5.14 6.06 7.36
CA LYS A 92 -4.27 5.06 6.77
C LYS A 92 -4.88 4.49 5.50
N ILE A 93 -4.05 4.34 4.46
CA ILE A 93 -4.53 3.82 3.19
C ILE A 93 -3.69 2.62 2.75
N TYR A 94 -4.26 1.80 1.88
CA TYR A 94 -3.56 0.63 1.37
C TYR A 94 -3.41 0.74 -0.14
N ILE A 95 -2.21 0.43 -0.62
CA ILE A 95 -1.86 0.57 -2.03
C ILE A 95 -1.39 -0.76 -2.59
N LYS A 96 -1.71 -1.03 -3.86
CA LYS A 96 -1.34 -2.31 -4.46
C LYS A 96 -0.96 -2.15 -5.92
N VAL A 97 0.34 -2.25 -6.19
CA VAL A 97 0.85 -2.14 -7.56
C VAL A 97 0.58 -3.42 -8.34
N LYS A 98 0.02 -3.27 -9.54
CA LYS A 98 -0.29 -4.41 -10.38
C LYS A 98 0.96 -4.93 -11.08
N GLY A 1 3.53 -24.55 -38.02
CA GLY A 1 4.92 -24.54 -38.56
C GLY A 1 5.95 -24.23 -37.49
N SER A 2 5.48 -23.93 -36.28
CA SER A 2 6.36 -23.60 -35.17
C SER A 2 5.96 -24.38 -33.91
N SER A 3 6.76 -25.37 -33.55
CA SER A 3 6.50 -26.17 -32.37
C SER A 3 7.41 -25.78 -31.22
N HIS A 4 6.83 -25.63 -30.03
CA HIS A 4 7.59 -25.25 -28.84
C HIS A 4 8.65 -26.30 -28.50
N HIS A 5 9.76 -25.85 -27.93
CA HIS A 5 10.85 -26.75 -27.57
C HIS A 5 11.05 -26.79 -26.06
N HIS A 6 11.20 -25.62 -25.46
CA HIS A 6 11.40 -25.50 -24.02
C HIS A 6 10.29 -24.67 -23.37
N HIS A 7 10.32 -24.61 -22.04
CA HIS A 7 9.32 -23.85 -21.30
C HIS A 7 9.85 -22.46 -20.94
N HIS A 8 9.01 -21.66 -20.29
CA HIS A 8 9.39 -20.31 -19.91
C HIS A 8 9.07 -20.05 -18.43
N HIS A 9 7.83 -19.67 -18.17
CA HIS A 9 7.38 -19.38 -16.81
C HIS A 9 6.06 -20.07 -16.51
N SER A 10 5.75 -20.22 -15.22
CA SER A 10 4.51 -20.86 -14.80
C SER A 10 3.32 -19.96 -15.09
N SER A 11 2.49 -20.37 -16.05
CA SER A 11 1.32 -19.59 -16.43
C SER A 11 0.31 -19.55 -15.29
N GLY A 12 -0.38 -20.67 -15.06
CA GLY A 12 -1.36 -20.74 -13.99
C GLY A 12 -0.75 -21.11 -12.66
N LEU A 13 -0.91 -20.23 -11.67
CA LEU A 13 -0.37 -20.46 -10.33
C LEU A 13 -1.18 -21.52 -9.59
N VAL A 14 -0.59 -22.09 -8.55
CA VAL A 14 -1.26 -23.12 -7.75
C VAL A 14 -2.05 -22.48 -6.60
N PRO A 15 -1.46 -21.54 -5.83
CA PRO A 15 -2.15 -20.89 -4.71
C PRO A 15 -3.35 -20.06 -5.18
N ARG A 16 -4.52 -20.68 -5.22
CA ARG A 16 -5.72 -20.00 -5.65
C ARG A 16 -6.36 -19.23 -4.49
N GLY A 17 -7.68 -19.05 -4.55
CA GLY A 17 -8.37 -18.34 -3.49
C GLY A 17 -8.39 -19.09 -2.18
N SER A 18 -7.66 -18.60 -1.20
CA SER A 18 -7.58 -19.23 0.11
C SER A 18 -8.85 -18.93 0.93
N HIS A 19 -8.71 -18.91 2.25
CA HIS A 19 -9.85 -18.64 3.12
C HIS A 19 -9.99 -17.14 3.38
N MET A 20 -9.24 -16.64 4.37
CA MET A 20 -9.28 -15.22 4.71
C MET A 20 -8.40 -14.41 3.77
N ALA A 21 -8.43 -13.09 3.93
CA ALA A 21 -7.62 -12.20 3.10
C ALA A 21 -6.21 -12.07 3.65
N LYS A 22 -5.38 -13.07 3.37
CA LYS A 22 -3.99 -13.07 3.85
C LYS A 22 -3.09 -12.27 2.90
N TYR A 23 -3.33 -10.97 2.83
CA TYR A 23 -2.54 -10.10 1.97
C TYR A 23 -1.28 -9.62 2.68
N GLN A 24 -0.15 -10.23 2.35
CA GLN A 24 1.12 -9.87 2.96
C GLN A 24 1.67 -8.57 2.38
N VAL A 25 1.98 -7.63 3.25
CA VAL A 25 2.50 -6.33 2.82
C VAL A 25 4.02 -6.38 2.63
N THR A 26 4.51 -5.66 1.64
CA THR A 26 5.94 -5.62 1.35
C THR A 26 6.58 -4.36 1.93
N LYS A 27 6.02 -3.20 1.58
CA LYS A 27 6.54 -1.93 2.07
C LYS A 27 5.44 -1.11 2.73
N THR A 28 5.85 -0.14 3.56
CA THR A 28 4.90 0.71 4.26
C THR A 28 5.33 2.17 4.19
N LEU A 29 4.45 3.02 3.67
CA LEU A 29 4.75 4.45 3.54
C LEU A 29 4.12 5.24 4.68
N ASP A 30 4.94 5.63 5.65
CA ASP A 30 4.47 6.40 6.79
C ASP A 30 5.21 7.73 6.88
N VAL A 31 4.49 8.82 6.64
CA VAL A 31 5.08 10.15 6.69
C VAL A 31 4.13 11.16 7.32
N ARG A 32 4.02 11.09 8.64
CA ARG A 32 3.15 12.00 9.40
C ARG A 32 3.63 13.45 9.27
N GLY A 33 3.24 14.29 10.23
CA GLY A 33 3.62 15.69 10.19
C GLY A 33 5.12 15.89 10.37
N GLU A 34 5.88 15.73 9.30
CA GLU A 34 7.32 15.90 9.34
C GLU A 34 7.74 17.14 8.54
N VAL A 35 9.02 17.21 8.18
CA VAL A 35 9.55 18.34 7.42
C VAL A 35 10.14 17.88 6.09
N CYS A 36 9.99 18.70 5.06
CA CYS A 36 10.51 18.39 3.74
C CYS A 36 12.03 18.58 3.68
N PRO A 37 12.71 17.96 2.69
CA PRO A 37 12.09 17.13 1.66
C PRO A 37 12.06 15.65 2.02
N VAL A 38 11.93 15.36 3.31
CA VAL A 38 11.89 13.98 3.78
C VAL A 38 10.72 13.20 3.16
N PRO A 39 9.48 13.74 3.23
CA PRO A 39 8.31 13.08 2.68
C PRO A 39 8.27 13.15 1.15
N ASP A 40 9.03 14.09 0.59
CA ASP A 40 9.07 14.27 -0.85
C ASP A 40 9.83 13.13 -1.52
N VAL A 41 11.10 12.98 -1.17
CA VAL A 41 11.93 11.92 -1.74
C VAL A 41 11.42 10.54 -1.36
N GLU A 42 10.69 10.47 -0.24
CA GLU A 42 10.15 9.21 0.24
C GLU A 42 9.15 8.63 -0.76
N THR A 43 7.96 9.23 -0.81
CA THR A 43 6.92 8.77 -1.71
C THR A 43 7.40 8.76 -3.16
N LYS A 44 8.34 9.66 -3.46
CA LYS A 44 8.90 9.76 -4.81
C LYS A 44 9.43 8.41 -5.27
N ARG A 45 10.26 7.80 -4.43
CA ARG A 45 10.85 6.50 -4.75
C ARG A 45 9.76 5.43 -4.86
N ALA A 46 8.71 5.57 -4.08
CA ALA A 46 7.61 4.61 -4.12
C ALA A 46 6.98 4.54 -5.50
N LEU A 47 6.80 5.69 -6.13
CA LEU A 47 6.21 5.77 -7.46
C LEU A 47 7.19 5.37 -8.56
N GLN A 48 8.41 5.90 -8.46
CA GLN A 48 9.44 5.65 -9.46
C GLN A 48 10.04 4.26 -9.33
N ASN A 49 9.82 3.62 -8.18
CA ASN A 49 10.35 2.28 -7.94
C ASN A 49 9.26 1.34 -7.42
N MET A 50 8.25 1.11 -8.26
CA MET A 50 7.15 0.22 -7.89
C MET A 50 7.21 -1.07 -8.69
N LYS A 51 6.99 -2.20 -8.01
CA LYS A 51 7.01 -3.50 -8.67
C LYS A 51 5.60 -3.89 -9.12
N PRO A 52 5.49 -4.63 -10.25
CA PRO A 52 4.20 -5.04 -10.81
C PRO A 52 3.21 -5.53 -9.75
N GLY A 53 3.61 -6.54 -8.97
CA GLY A 53 2.73 -7.08 -7.96
C GLY A 53 3.11 -6.64 -6.54
N GLU A 54 3.16 -5.33 -6.33
CA GLU A 54 3.52 -4.81 -5.02
C GLU A 54 2.29 -4.58 -4.14
N ILE A 55 2.49 -4.70 -2.83
CA ILE A 55 1.43 -4.46 -1.86
C ILE A 55 1.96 -3.58 -0.73
N LEU A 56 1.47 -2.35 -0.65
CA LEU A 56 1.96 -1.40 0.33
C LEU A 56 0.88 -0.94 1.30
N GLU A 57 1.31 -0.26 2.36
CA GLU A 57 0.42 0.28 3.36
C GLU A 57 0.93 1.63 3.82
N VAL A 58 0.14 2.67 3.59
CA VAL A 58 0.56 4.02 3.90
C VAL A 58 -0.28 4.64 5.01
N TRP A 59 0.39 5.31 5.95
CA TRP A 59 -0.27 5.97 7.06
C TRP A 59 0.07 7.45 7.08
N ILE A 60 -0.94 8.30 6.97
CA ILE A 60 -0.73 9.75 6.94
C ILE A 60 -2.00 10.50 7.32
N ASP A 61 -1.97 11.82 7.12
CA ASP A 61 -3.11 12.67 7.39
C ASP A 61 -3.78 13.07 6.08
N TYR A 62 -3.11 12.74 4.97
CA TYR A 62 -3.64 13.04 3.65
C TYR A 62 -3.26 11.92 2.66
N PRO A 63 -4.25 11.14 2.20
CA PRO A 63 -4.01 10.03 1.28
C PRO A 63 -3.08 10.40 0.13
N MET A 64 -1.84 9.92 0.19
CA MET A 64 -0.87 10.19 -0.86
C MET A 64 -1.25 9.50 -2.16
N SER A 65 -2.28 8.66 -2.10
CA SER A 65 -2.76 7.96 -3.28
C SER A 65 -3.25 8.94 -4.34
N LYS A 66 -3.41 10.20 -3.93
CA LYS A 66 -3.86 11.25 -4.84
C LYS A 66 -2.96 11.32 -6.07
N GLU A 67 -1.67 11.15 -5.86
CA GLU A 67 -0.70 11.16 -6.95
C GLU A 67 -0.45 9.75 -7.46
N ARG A 68 -0.62 8.78 -6.56
CA ARG A 68 -0.44 7.38 -6.90
C ARG A 68 -1.45 6.92 -7.95
N ILE A 69 -2.65 7.50 -7.90
CA ILE A 69 -3.70 7.14 -8.85
C ILE A 69 -3.28 7.47 -10.29
N PRO A 70 -2.95 8.76 -10.59
CA PRO A 70 -2.54 9.16 -11.94
C PRO A 70 -1.48 8.23 -12.53
N GLU A 71 -0.53 7.82 -11.70
CA GLU A 71 0.53 6.93 -12.14
C GLU A 71 -0.03 5.56 -12.53
N THR A 72 -0.89 5.02 -11.67
CA THR A 72 -1.46 3.70 -11.91
C THR A 72 -2.37 3.69 -13.14
N VAL A 73 -3.12 4.76 -13.36
CA VAL A 73 -3.99 4.83 -14.51
C VAL A 73 -3.18 4.80 -15.80
N LYS A 74 -1.95 5.32 -15.73
CA LYS A 74 -1.07 5.28 -16.88
C LYS A 74 -0.85 3.84 -17.30
N LYS A 75 -0.61 3.00 -16.30
CA LYS A 75 -0.44 1.56 -16.53
C LYS A 75 -1.81 0.86 -16.51
N LEU A 76 -2.32 0.56 -15.32
CA LEU A 76 -3.62 -0.09 -15.17
C LEU A 76 -4.70 0.94 -14.82
N GLY A 77 -4.96 1.08 -13.52
CA GLY A 77 -5.97 2.02 -13.05
C GLY A 77 -5.58 2.65 -11.73
N HIS A 78 -5.85 1.93 -10.63
CA HIS A 78 -5.51 2.43 -9.31
C HIS A 78 -5.11 1.28 -8.38
N GLU A 79 -4.27 1.59 -7.40
CA GLU A 79 -3.80 0.62 -6.45
C GLU A 79 -4.66 0.66 -5.19
N VAL A 80 -5.96 0.53 -5.38
CA VAL A 80 -6.91 0.59 -4.28
C VAL A 80 -7.30 -0.81 -3.83
N LEU A 81 -6.95 -1.15 -2.60
CA LEU A 81 -7.26 -2.46 -2.04
C LEU A 81 -7.85 -2.34 -0.64
N GLU A 82 -7.43 -1.32 0.10
CA GLU A 82 -7.94 -1.14 1.45
C GLU A 82 -7.96 0.32 1.88
N ILE A 83 -9.10 0.76 2.40
CA ILE A 83 -9.25 2.14 2.88
C ILE A 83 -9.87 2.15 4.27
N GLU A 84 -9.25 2.89 5.20
CA GLU A 84 -9.76 2.97 6.56
C GLU A 84 -9.35 4.27 7.24
N GLU A 85 -9.87 4.50 8.44
CA GLU A 85 -9.56 5.71 9.19
C GLU A 85 -9.43 5.39 10.68
N VAL A 86 -8.99 6.38 11.45
CA VAL A 86 -8.82 6.21 12.89
C VAL A 86 -9.26 7.46 13.65
N GLY A 87 -8.74 8.62 13.23
CA GLY A 87 -9.09 9.86 13.89
C GLY A 87 -9.68 10.88 12.93
N PRO A 88 -9.63 12.17 13.28
CA PRO A 88 -10.17 13.25 12.43
C PRO A 88 -9.40 13.40 11.13
N SER A 89 -8.15 13.84 11.23
CA SER A 89 -7.32 14.05 10.05
C SER A 89 -6.36 12.90 9.82
N GLU A 90 -6.30 11.98 10.80
CA GLU A 90 -5.42 10.82 10.70
C GLU A 90 -6.17 9.63 10.10
N TRP A 91 -5.72 9.17 8.95
CA TRP A 91 -6.35 8.03 8.28
C TRP A 91 -5.32 7.01 7.84
N LYS A 92 -5.78 5.81 7.53
CA LYS A 92 -4.91 4.73 7.07
C LYS A 92 -5.39 4.18 5.75
N ILE A 93 -4.53 4.21 4.74
CA ILE A 93 -4.88 3.73 3.42
C ILE A 93 -3.89 2.68 2.92
N TYR A 94 -4.40 1.77 2.08
CA TYR A 94 -3.56 0.73 1.50
C TYR A 94 -3.53 0.87 -0.01
N ILE A 95 -2.32 0.77 -0.57
CA ILE A 95 -2.09 0.90 -2.00
C ILE A 95 -1.41 -0.36 -2.52
N LYS A 96 -1.82 -0.84 -3.69
CA LYS A 96 -1.26 -2.08 -4.22
C LYS A 96 -1.08 -2.05 -5.73
N VAL A 97 0.15 -2.29 -6.16
CA VAL A 97 0.46 -2.34 -7.59
C VAL A 97 0.04 -3.69 -8.17
N LYS A 98 -0.89 -3.64 -9.13
CA LYS A 98 -1.37 -4.86 -9.78
C LYS A 98 -0.52 -5.22 -10.98
N GLY A 1 25.99 -32.47 30.17
CA GLY A 1 25.92 -31.50 29.04
C GLY A 1 25.13 -32.04 27.86
N SER A 2 23.99 -31.40 27.58
CA SER A 2 23.14 -31.82 26.46
C SER A 2 23.85 -31.59 25.13
N SER A 3 23.73 -32.56 24.23
CA SER A 3 24.35 -32.46 22.91
C SER A 3 23.30 -32.28 21.82
N HIS A 4 23.72 -31.73 20.69
CA HIS A 4 22.81 -31.49 19.57
C HIS A 4 22.31 -32.82 18.99
N HIS A 5 20.99 -32.98 18.96
CA HIS A 5 20.38 -34.19 18.42
C HIS A 5 19.26 -33.86 17.46
N HIS A 6 19.14 -32.58 17.11
CA HIS A 6 18.09 -32.14 16.19
C HIS A 6 18.68 -31.37 15.02
N HIS A 7 18.71 -32.01 13.85
CA HIS A 7 19.26 -31.39 12.65
C HIS A 7 18.26 -30.40 12.05
N HIS A 8 16.98 -30.74 12.15
CA HIS A 8 15.92 -29.89 11.60
C HIS A 8 15.50 -28.83 12.61
N HIS A 9 15.56 -27.58 12.20
CA HIS A 9 15.19 -26.46 13.07
C HIS A 9 13.83 -25.90 12.68
N SER A 10 12.80 -26.72 12.82
CA SER A 10 11.44 -26.31 12.49
C SER A 10 10.78 -25.61 13.68
N SER A 11 11.55 -24.80 14.39
CA SER A 11 11.04 -24.08 15.55
C SER A 11 10.00 -23.06 15.14
N GLY A 12 10.43 -21.99 14.47
CA GLY A 12 9.50 -20.96 14.05
C GLY A 12 8.56 -21.44 12.96
N LEU A 13 7.28 -21.60 13.32
CA LEU A 13 6.28 -22.05 12.36
C LEU A 13 5.88 -20.92 11.42
N VAL A 14 5.88 -21.22 10.12
CA VAL A 14 5.52 -20.24 9.11
C VAL A 14 4.02 -19.95 9.14
N PRO A 15 3.63 -18.65 9.17
CA PRO A 15 2.24 -18.25 9.21
C PRO A 15 1.65 -18.11 7.81
N ARG A 16 2.35 -18.64 6.82
CA ARG A 16 1.91 -18.57 5.43
C ARG A 16 0.90 -19.67 5.11
N GLY A 17 0.17 -20.13 6.13
CA GLY A 17 -0.82 -21.17 5.93
C GLY A 17 -2.01 -20.69 5.12
N SER A 18 -2.78 -21.64 4.59
CA SER A 18 -3.96 -21.30 3.78
C SER A 18 -5.15 -20.96 4.67
N HIS A 19 -4.88 -20.49 5.89
CA HIS A 19 -5.95 -20.13 6.83
C HIS A 19 -6.55 -18.78 6.47
N MET A 20 -5.86 -17.71 6.83
CA MET A 20 -6.32 -16.36 6.54
C MET A 20 -6.15 -16.03 5.05
N ALA A 21 -6.60 -14.85 4.66
CA ALA A 21 -6.50 -14.41 3.27
C ALA A 21 -5.12 -13.81 2.99
N LYS A 22 -4.94 -13.29 1.78
CA LYS A 22 -3.68 -12.67 1.39
C LYS A 22 -3.64 -11.20 1.81
N TYR A 23 -4.05 -10.94 3.05
CA TYR A 23 -4.06 -9.59 3.58
C TYR A 23 -2.73 -9.24 4.24
N GLN A 24 -1.65 -9.76 3.66
CA GLN A 24 -0.30 -9.51 4.18
C GLN A 24 0.39 -8.41 3.38
N VAL A 25 0.70 -7.31 4.06
CA VAL A 25 1.37 -6.18 3.42
C VAL A 25 2.88 -6.42 3.32
N THR A 26 3.48 -5.96 2.22
CA THR A 26 4.91 -6.14 1.99
C THR A 26 5.67 -4.87 2.35
N LYS A 27 5.20 -3.72 1.85
CA LYS A 27 5.86 -2.45 2.12
C LYS A 27 4.91 -1.49 2.82
N THR A 28 5.36 -0.90 3.92
CA THR A 28 4.56 0.05 4.68
C THR A 28 5.22 1.42 4.71
N LEU A 29 4.51 2.42 4.22
CA LEU A 29 5.03 3.79 4.20
C LEU A 29 4.45 4.61 5.35
N ASP A 30 5.33 5.03 6.25
CA ASP A 30 4.93 5.84 7.40
C ASP A 30 5.59 7.21 7.33
N VAL A 31 4.78 8.25 7.19
CA VAL A 31 5.29 9.62 7.10
C VAL A 31 4.42 10.59 7.87
N ARG A 32 4.55 10.56 9.19
CA ARG A 32 3.78 11.45 10.06
C ARG A 32 4.14 12.92 9.82
N GLY A 33 3.78 13.78 10.76
CA GLY A 33 4.06 15.20 10.62
C GLY A 33 5.55 15.49 10.55
N GLU A 34 6.10 15.47 9.34
CA GLU A 34 7.52 15.75 9.14
C GLU A 34 7.72 17.07 8.41
N VAL A 35 8.89 17.24 7.80
CA VAL A 35 9.20 18.47 7.08
C VAL A 35 9.54 18.20 5.62
N CYS A 36 9.12 19.11 4.75
CA CYS A 36 9.39 19.00 3.32
C CYS A 36 10.81 19.47 2.98
N PRO A 37 11.35 19.11 1.81
CA PRO A 37 10.66 18.30 0.80
C PRO A 37 10.95 16.82 0.94
N VAL A 38 11.20 16.38 2.17
CA VAL A 38 11.49 14.98 2.44
C VAL A 38 10.39 14.05 1.92
N PRO A 39 9.10 14.34 2.21
CA PRO A 39 7.99 13.50 1.76
C PRO A 39 7.80 13.54 0.25
N ASP A 40 8.21 14.66 -0.36
CA ASP A 40 8.11 14.82 -1.81
C ASP A 40 8.90 13.75 -2.54
N VAL A 41 10.21 13.74 -2.33
CA VAL A 41 11.08 12.77 -2.97
C VAL A 41 10.87 11.38 -2.38
N GLU A 42 10.27 11.32 -1.21
CA GLU A 42 10.01 10.05 -0.53
C GLU A 42 9.06 9.19 -1.37
N THR A 43 7.86 9.70 -1.60
CA THR A 43 6.86 8.98 -2.38
C THR A 43 7.29 8.87 -3.85
N LYS A 44 8.15 9.79 -4.27
CA LYS A 44 8.65 9.78 -5.64
C LYS A 44 9.40 8.49 -5.94
N ARG A 45 10.24 8.08 -4.99
CA ARG A 45 11.02 6.85 -5.15
C ARG A 45 10.12 5.63 -5.07
N ALA A 46 9.12 5.68 -4.20
CA ALA A 46 8.19 4.57 -4.04
C ALA A 46 7.41 4.33 -5.33
N LEU A 47 6.97 5.42 -5.95
CA LEU A 47 6.22 5.34 -7.20
C LEU A 47 7.09 4.82 -8.34
N GLN A 48 8.38 5.17 -8.29
CA GLN A 48 9.32 4.75 -9.32
C GLN A 48 9.80 3.33 -9.06
N ASN A 49 9.42 2.77 -7.93
CA ASN A 49 9.83 1.41 -7.57
C ASN A 49 8.64 0.56 -7.14
N MET A 50 7.60 0.55 -7.96
CA MET A 50 6.41 -0.24 -7.67
C MET A 50 6.42 -1.56 -8.44
N LYS A 51 6.60 -2.65 -7.72
CA LYS A 51 6.61 -3.98 -8.33
C LYS A 51 5.20 -4.41 -8.69
N PRO A 52 5.02 -5.02 -9.89
CA PRO A 52 3.71 -5.46 -10.36
C PRO A 52 2.89 -6.14 -9.27
N GLY A 53 3.53 -6.98 -8.47
CA GLY A 53 2.84 -7.67 -7.39
C GLY A 53 3.12 -7.09 -6.03
N GLU A 54 2.98 -5.77 -5.89
CA GLU A 54 3.26 -5.10 -4.63
C GLU A 54 2.01 -5.01 -3.75
N ILE A 55 2.27 -4.99 -2.44
CA ILE A 55 1.21 -4.88 -1.44
C ILE A 55 1.64 -3.85 -0.39
N LEU A 56 1.04 -2.65 -0.41
CA LEU A 56 1.47 -1.60 0.49
C LEU A 56 0.33 -0.97 1.29
N GLU A 57 0.70 -0.39 2.42
CA GLU A 57 -0.24 0.32 3.28
C GLU A 57 0.40 1.63 3.74
N VAL A 58 -0.37 2.71 3.72
CA VAL A 58 0.16 4.02 4.08
C VAL A 58 -0.48 4.57 5.34
N TRP A 59 0.35 5.20 6.18
CA TRP A 59 -0.12 5.80 7.41
C TRP A 59 0.23 7.30 7.45
N ILE A 60 -0.75 8.12 7.11
CA ILE A 60 -0.55 9.57 7.08
C ILE A 60 -1.82 10.32 7.46
N ASP A 61 -1.76 11.65 7.31
CA ASP A 61 -2.91 12.50 7.59
C ASP A 61 -3.48 13.06 6.29
N TYR A 62 -2.67 12.98 5.23
CA TYR A 62 -3.08 13.46 3.92
C TYR A 62 -2.98 12.33 2.88
N PRO A 63 -4.07 12.06 2.14
CA PRO A 63 -4.09 11.00 1.13
C PRO A 63 -3.00 11.15 0.07
N MET A 64 -1.87 10.50 0.31
CA MET A 64 -0.74 10.55 -0.62
C MET A 64 -1.08 9.84 -1.92
N SER A 65 -2.13 9.02 -1.89
CA SER A 65 -2.55 8.27 -3.06
C SER A 65 -3.01 9.22 -4.17
N LYS A 66 -3.15 10.50 -3.84
CA LYS A 66 -3.55 11.50 -4.82
C LYS A 66 -2.54 11.59 -5.95
N GLU A 67 -1.26 11.38 -5.61
CA GLU A 67 -0.19 11.39 -6.60
C GLU A 67 0.07 9.99 -7.11
N ARG A 68 -0.19 9.01 -6.26
CA ARG A 68 -0.02 7.61 -6.62
C ARG A 68 -0.92 7.23 -7.78
N ILE A 69 -2.14 7.75 -7.78
CA ILE A 69 -3.09 7.47 -8.85
C ILE A 69 -2.53 7.85 -10.23
N PRO A 70 -2.11 9.11 -10.44
CA PRO A 70 -1.53 9.55 -11.71
C PRO A 70 -0.50 8.56 -12.25
N GLU A 71 0.31 8.00 -11.36
CA GLU A 71 1.35 7.05 -11.75
C GLU A 71 0.73 5.71 -12.17
N THR A 72 0.03 5.06 -11.25
CA THR A 72 -0.58 3.76 -11.51
C THR A 72 -1.53 3.82 -12.71
N VAL A 73 -2.16 4.97 -12.91
CA VAL A 73 -3.09 5.13 -14.02
C VAL A 73 -2.35 5.25 -15.34
N LYS A 74 -1.11 5.73 -15.28
CA LYS A 74 -0.28 5.82 -16.47
C LYS A 74 -0.14 4.43 -17.09
N LYS A 75 0.17 3.46 -16.24
CA LYS A 75 0.27 2.08 -16.67
C LYS A 75 -1.08 1.38 -16.57
N LEU A 76 -1.52 1.08 -15.35
CA LEU A 76 -2.82 0.47 -15.11
C LEU A 76 -3.84 1.53 -14.72
N GLY A 77 -4.21 1.53 -13.44
CA GLY A 77 -5.15 2.51 -12.94
C GLY A 77 -4.83 2.91 -11.51
N HIS A 78 -5.39 2.17 -10.56
CA HIS A 78 -5.14 2.41 -9.16
C HIS A 78 -5.18 1.10 -8.37
N GLU A 79 -4.35 0.99 -7.34
CA GLU A 79 -4.32 -0.21 -6.52
C GLU A 79 -5.18 0.00 -5.28
N VAL A 80 -6.47 0.23 -5.50
CA VAL A 80 -7.38 0.50 -4.40
C VAL A 80 -8.15 -0.74 -3.99
N LEU A 81 -7.94 -1.15 -2.74
CA LEU A 81 -8.62 -2.33 -2.22
C LEU A 81 -9.20 -2.05 -0.84
N GLU A 82 -8.57 -1.13 -0.10
CA GLU A 82 -9.05 -0.80 1.24
C GLU A 82 -8.70 0.63 1.66
N ILE A 83 -9.63 1.28 2.33
CA ILE A 83 -9.45 2.64 2.82
C ILE A 83 -10.16 2.82 4.16
N GLU A 84 -9.44 3.30 5.17
CA GLU A 84 -10.01 3.48 6.50
C GLU A 84 -9.26 4.53 7.29
N GLU A 85 -9.67 4.71 8.54
CA GLU A 85 -9.04 5.68 9.43
C GLU A 85 -8.76 5.06 10.79
N VAL A 86 -7.87 5.69 11.56
CA VAL A 86 -7.50 5.18 12.87
C VAL A 86 -7.95 6.14 13.97
N GLY A 87 -7.52 7.40 13.87
CA GLY A 87 -7.88 8.38 14.88
C GLY A 87 -8.58 9.59 14.28
N PRO A 88 -8.27 10.81 14.76
CA PRO A 88 -8.90 12.04 14.27
C PRO A 88 -8.59 12.30 12.80
N SER A 89 -7.44 12.90 12.54
CA SER A 89 -7.03 13.21 11.17
C SER A 89 -6.06 12.16 10.64
N GLU A 90 -5.75 11.18 11.48
CA GLU A 90 -4.84 10.11 11.10
C GLU A 90 -5.61 8.92 10.55
N TRP A 91 -5.30 8.53 9.32
CA TRP A 91 -5.98 7.40 8.69
C TRP A 91 -4.99 6.48 7.99
N LYS A 92 -5.45 5.29 7.64
CA LYS A 92 -4.62 4.30 6.95
C LYS A 92 -5.24 3.92 5.62
N ILE A 93 -4.40 3.74 4.61
CA ILE A 93 -4.88 3.40 3.28
C ILE A 93 -4.21 2.13 2.76
N TYR A 94 -4.90 1.41 1.90
CA TYR A 94 -4.37 0.18 1.32
C TYR A 94 -4.26 0.32 -0.19
N ILE A 95 -3.02 0.36 -0.68
CA ILE A 95 -2.73 0.43 -2.10
C ILE A 95 -1.82 -0.73 -2.46
N LYS A 96 -2.27 -1.58 -3.38
CA LYS A 96 -1.55 -2.80 -3.67
C LYS A 96 -1.39 -3.02 -5.17
N VAL A 97 -0.17 -2.82 -5.67
CA VAL A 97 0.10 -3.01 -7.09
C VAL A 97 -0.27 -4.42 -7.53
N LYS A 98 -1.30 -4.52 -8.38
CA LYS A 98 -1.76 -5.80 -8.88
C LYS A 98 -1.03 -6.20 -10.15
N GLY A 1 26.08 -24.13 -17.38
CA GLY A 1 26.25 -25.15 -16.29
C GLY A 1 25.00 -25.29 -15.44
N SER A 2 23.84 -25.22 -16.07
CA SER A 2 22.57 -25.34 -15.37
C SER A 2 22.07 -26.79 -15.38
N SER A 3 21.02 -27.05 -14.61
CA SER A 3 20.45 -28.39 -14.54
C SER A 3 18.92 -28.33 -14.55
N HIS A 4 18.35 -27.55 -13.64
CA HIS A 4 16.91 -27.40 -13.55
C HIS A 4 16.47 -26.00 -13.98
N HIS A 5 16.83 -25.63 -15.19
CA HIS A 5 16.49 -24.31 -15.73
C HIS A 5 15.47 -24.42 -16.86
N HIS A 6 14.18 -24.47 -16.49
CA HIS A 6 13.11 -24.57 -17.47
C HIS A 6 11.97 -23.62 -17.14
N HIS A 7 12.33 -22.39 -16.76
CA HIS A 7 11.33 -21.38 -16.41
C HIS A 7 10.79 -20.70 -17.67
N HIS A 8 10.04 -21.47 -18.47
CA HIS A 8 9.45 -20.94 -19.69
C HIS A 8 8.00 -21.39 -19.84
N HIS A 9 7.36 -21.67 -18.71
CA HIS A 9 5.97 -22.09 -18.71
C HIS A 9 5.04 -20.92 -18.96
N SER A 10 5.61 -19.72 -19.07
CA SER A 10 4.83 -18.52 -19.32
C SER A 10 4.60 -18.32 -20.82
N SER A 11 4.66 -19.41 -21.57
CA SER A 11 4.46 -19.37 -23.01
C SER A 11 3.07 -18.86 -23.35
N GLY A 12 2.05 -19.64 -23.01
CA GLY A 12 0.68 -19.26 -23.29
C GLY A 12 0.22 -18.11 -22.41
N LEU A 13 -0.66 -18.41 -21.46
CA LEU A 13 -1.17 -17.41 -20.55
C LEU A 13 -0.18 -17.12 -19.43
N VAL A 14 -0.08 -15.85 -19.03
CA VAL A 14 0.83 -15.45 -17.97
C VAL A 14 0.20 -15.65 -16.58
N PRO A 15 0.80 -16.54 -15.76
CA PRO A 15 0.30 -16.82 -14.41
C PRO A 15 0.42 -15.63 -13.49
N ARG A 16 -0.52 -15.48 -12.56
CA ARG A 16 -0.50 -14.38 -11.61
C ARG A 16 0.28 -14.77 -10.35
N GLY A 17 -0.42 -15.38 -9.40
CA GLY A 17 0.23 -15.80 -8.16
C GLY A 17 0.98 -17.11 -8.31
N SER A 18 2.13 -17.05 -8.98
CA SER A 18 2.94 -18.25 -9.20
C SER A 18 3.79 -18.56 -7.97
N HIS A 19 4.90 -17.86 -7.83
CA HIS A 19 5.81 -18.07 -6.70
C HIS A 19 5.19 -17.55 -5.41
N MET A 20 5.18 -16.23 -5.25
CA MET A 20 4.62 -15.60 -4.06
C MET A 20 3.10 -15.64 -4.08
N ALA A 21 2.51 -15.97 -2.93
CA ALA A 21 1.06 -16.06 -2.81
C ALA A 21 0.43 -14.67 -2.80
N LYS A 22 -0.89 -14.63 -2.71
CA LYS A 22 -1.62 -13.37 -2.69
C LYS A 22 -1.81 -12.88 -1.25
N TYR A 23 -0.75 -12.35 -0.67
CA TYR A 23 -0.79 -11.85 0.70
C TYR A 23 -1.33 -10.43 0.75
N GLN A 24 -1.32 -9.87 1.95
CA GLN A 24 -1.76 -8.50 2.18
C GLN A 24 -0.60 -7.55 2.10
N VAL A 25 -0.77 -6.41 2.74
CA VAL A 25 0.25 -5.37 2.76
C VAL A 25 1.61 -5.91 3.22
N THR A 26 2.64 -5.62 2.44
CA THR A 26 3.99 -6.06 2.78
C THR A 26 4.78 -4.92 3.41
N LYS A 27 4.91 -3.80 2.69
CA LYS A 27 5.61 -2.64 3.21
C LYS A 27 4.62 -1.59 3.70
N THR A 28 5.07 -0.71 4.58
CA THR A 28 4.19 0.33 5.13
C THR A 28 4.88 1.68 5.16
N LEU A 29 4.32 2.64 4.43
CA LEU A 29 4.85 4.00 4.40
C LEU A 29 4.00 4.91 5.29
N ASP A 30 4.60 5.39 6.38
CA ASP A 30 3.89 6.25 7.31
C ASP A 30 4.71 7.47 7.66
N VAL A 31 4.21 8.65 7.30
CA VAL A 31 4.90 9.90 7.59
C VAL A 31 3.95 10.92 8.20
N ARG A 32 3.45 10.62 9.40
CA ARG A 32 2.53 11.50 10.10
C ARG A 32 3.08 12.92 10.16
N GLY A 33 3.97 13.16 11.12
CA GLY A 33 4.58 14.47 11.27
C GLY A 33 5.59 14.76 10.18
N GLU A 34 5.18 15.53 9.18
CA GLU A 34 6.05 15.86 8.06
C GLU A 34 7.01 16.99 8.42
N VAL A 35 8.26 16.86 7.98
CA VAL A 35 9.28 17.87 8.23
C VAL A 35 10.00 18.26 6.93
N CYS A 36 11.29 17.97 6.84
CA CYS A 36 12.07 18.27 5.65
C CYS A 36 11.46 17.59 4.43
N PRO A 37 11.85 18.00 3.21
CA PRO A 37 11.31 17.42 1.97
C PRO A 37 11.88 16.02 1.69
N VAL A 38 12.44 15.39 2.73
CA VAL A 38 13.00 14.06 2.59
C VAL A 38 11.94 13.04 2.17
N PRO A 39 10.81 12.94 2.92
CA PRO A 39 9.75 11.99 2.60
C PRO A 39 9.06 12.34 1.28
N ASP A 40 9.15 13.60 0.88
CA ASP A 40 8.55 14.06 -0.36
C ASP A 40 9.11 13.30 -1.55
N VAL A 41 10.43 13.27 -1.65
CA VAL A 41 11.11 12.55 -2.72
C VAL A 41 11.05 11.04 -2.49
N GLU A 42 10.80 10.66 -1.24
CA GLU A 42 10.71 9.24 -0.88
C GLU A 42 9.51 8.58 -1.53
N THR A 43 8.31 9.08 -1.21
CA THR A 43 7.08 8.54 -1.77
C THR A 43 7.07 8.65 -3.29
N LYS A 44 7.57 9.77 -3.80
CA LYS A 44 7.64 9.99 -5.24
C LYS A 44 8.50 8.92 -5.89
N ARG A 45 9.56 8.53 -5.20
CA ARG A 45 10.48 7.51 -5.70
C ARG A 45 9.78 6.16 -5.77
N ALA A 46 8.82 5.95 -4.86
CA ALA A 46 8.07 4.70 -4.83
C ALA A 46 7.31 4.47 -6.13
N LEU A 47 6.57 5.49 -6.57
CA LEU A 47 5.80 5.40 -7.80
C LEU A 47 6.71 5.12 -8.99
N GLN A 48 7.91 5.68 -8.96
CA GLN A 48 8.87 5.50 -10.04
C GLN A 48 9.61 4.18 -9.92
N ASN A 49 9.67 3.65 -8.70
CA ASN A 49 10.34 2.38 -8.44
C ASN A 49 9.39 1.36 -7.83
N MET A 50 8.24 1.16 -8.49
CA MET A 50 7.24 0.21 -8.02
C MET A 50 7.52 -1.19 -8.55
N LYS A 51 7.19 -2.20 -7.75
CA LYS A 51 7.39 -3.58 -8.13
C LYS A 51 6.09 -4.19 -8.66
N PRO A 52 6.18 -5.21 -9.54
CA PRO A 52 5.02 -5.86 -10.14
C PRO A 52 3.84 -6.04 -9.17
N GLY A 53 3.87 -7.11 -8.39
CA GLY A 53 2.78 -7.38 -7.46
C GLY A 53 3.13 -7.06 -6.03
N GLU A 54 3.47 -5.80 -5.76
CA GLU A 54 3.83 -5.38 -4.42
C GLU A 54 2.62 -4.89 -3.63
N ILE A 55 2.75 -4.91 -2.31
CA ILE A 55 1.68 -4.46 -1.43
C ILE A 55 2.24 -3.49 -0.38
N LEU A 56 1.71 -2.27 -0.35
CA LEU A 56 2.17 -1.26 0.59
C LEU A 56 1.02 -0.64 1.37
N GLU A 57 1.36 0.02 2.46
CA GLU A 57 0.38 0.70 3.29
C GLU A 57 0.72 2.19 3.37
N VAL A 58 -0.27 3.02 3.68
CA VAL A 58 -0.05 4.46 3.78
C VAL A 58 -0.74 5.03 5.00
N TRP A 59 0.06 5.55 5.93
CA TRP A 59 -0.48 6.15 7.16
C TRP A 59 -0.04 7.59 7.28
N ILE A 60 -0.96 8.52 7.01
CA ILE A 60 -0.64 9.94 7.07
C ILE A 60 -1.89 10.79 7.26
N ASP A 61 -1.71 12.10 7.21
CA ASP A 61 -2.83 13.04 7.33
C ASP A 61 -3.26 13.51 5.94
N TYR A 62 -2.34 13.43 4.99
CA TYR A 62 -2.62 13.82 3.62
C TYR A 62 -2.52 12.61 2.69
N PRO A 63 -3.66 12.17 2.12
CA PRO A 63 -3.70 11.00 1.23
C PRO A 63 -2.60 11.01 0.16
N MET A 64 -1.54 10.25 0.42
CA MET A 64 -0.43 10.16 -0.53
C MET A 64 -0.86 9.42 -1.79
N SER A 65 -1.87 8.56 -1.63
CA SER A 65 -2.38 7.79 -2.76
C SER A 65 -2.99 8.71 -3.82
N LYS A 66 -3.21 9.97 -3.44
CA LYS A 66 -3.76 10.96 -4.35
C LYS A 66 -2.87 11.10 -5.58
N GLU A 67 -1.57 10.92 -5.38
CA GLU A 67 -0.61 10.99 -6.48
C GLU A 67 -0.34 9.59 -7.02
N ARG A 68 -0.53 8.60 -6.16
CA ARG A 68 -0.32 7.20 -6.54
C ARG A 68 -1.26 6.80 -7.68
N ILE A 69 -2.50 7.28 -7.62
CA ILE A 69 -3.50 6.94 -8.64
C ILE A 69 -3.07 7.45 -10.02
N PRO A 70 -2.79 8.76 -10.18
CA PRO A 70 -2.37 9.33 -11.47
C PRO A 70 -1.29 8.50 -12.15
N GLU A 71 -0.35 7.99 -11.36
CA GLU A 71 0.73 7.16 -11.90
C GLU A 71 0.19 5.82 -12.39
N THR A 72 -0.56 5.14 -11.52
CA THR A 72 -1.10 3.83 -11.85
C THR A 72 -2.02 3.88 -13.06
N VAL A 73 -2.85 4.92 -13.16
CA VAL A 73 -3.77 5.05 -14.27
C VAL A 73 -3.02 5.21 -15.58
N LYS A 74 -1.83 5.82 -15.52
CA LYS A 74 -1.01 5.99 -16.70
C LYS A 74 -0.71 4.62 -17.30
N LYS A 75 -0.40 3.67 -16.42
CA LYS A 75 -0.12 2.30 -16.83
C LYS A 75 -1.41 1.47 -16.83
N LEU A 76 -1.84 1.04 -15.63
CA LEU A 76 -3.07 0.26 -15.49
C LEU A 76 -4.22 1.16 -15.04
N GLY A 77 -4.48 1.16 -13.74
CA GLY A 77 -5.53 1.98 -13.18
C GLY A 77 -5.16 2.50 -11.80
N HIS A 78 -5.45 1.71 -10.78
CA HIS A 78 -5.12 2.07 -9.40
C HIS A 78 -4.77 0.84 -8.59
N GLU A 79 -3.96 1.05 -7.54
CA GLU A 79 -3.57 -0.03 -6.67
C GLU A 79 -4.39 0.02 -5.38
N VAL A 80 -5.70 -0.18 -5.53
CA VAL A 80 -6.60 -0.09 -4.39
C VAL A 80 -6.95 -1.49 -3.86
N LEU A 81 -6.75 -1.67 -2.56
CA LEU A 81 -7.06 -2.94 -1.92
C LEU A 81 -7.85 -2.73 -0.64
N GLU A 82 -7.54 -1.66 0.08
CA GLU A 82 -8.25 -1.36 1.31
C GLU A 82 -8.22 0.14 1.64
N ILE A 83 -9.26 0.60 2.35
CA ILE A 83 -9.36 1.99 2.76
C ILE A 83 -10.01 2.09 4.15
N GLU A 84 -9.43 2.92 5.01
CA GLU A 84 -9.95 3.08 6.37
C GLU A 84 -9.48 4.40 6.97
N GLU A 85 -9.90 4.63 8.21
CA GLU A 85 -9.53 5.85 8.93
C GLU A 85 -9.07 5.52 10.34
N VAL A 86 -8.47 6.51 11.01
CA VAL A 86 -7.96 6.32 12.37
C VAL A 86 -8.45 7.43 13.29
N GLY A 87 -8.11 8.67 12.94
CA GLY A 87 -8.51 9.81 13.76
C GLY A 87 -9.26 10.86 12.97
N PRO A 88 -9.18 12.14 13.38
CA PRO A 88 -9.89 13.23 12.70
C PRO A 88 -9.41 13.44 11.27
N SER A 89 -8.23 14.03 11.12
CA SER A 89 -7.67 14.30 9.80
C SER A 89 -6.67 13.24 9.40
N GLU A 90 -6.40 12.31 10.31
CA GLU A 90 -5.47 11.23 10.04
C GLU A 90 -6.21 9.99 9.53
N TRP A 91 -5.82 9.51 8.36
CA TRP A 91 -6.48 8.35 7.75
C TRP A 91 -5.47 7.30 7.32
N LYS A 92 -5.97 6.11 7.00
CA LYS A 92 -5.12 5.01 6.55
C LYS A 92 -5.57 4.51 5.19
N ILE A 93 -4.62 4.33 4.28
CA ILE A 93 -4.92 3.86 2.94
C ILE A 93 -4.09 2.62 2.61
N TYR A 94 -4.66 1.73 1.83
CA TYR A 94 -3.97 0.51 1.42
C TYR A 94 -3.80 0.48 -0.09
N ILE A 95 -2.55 0.34 -0.52
CA ILE A 95 -2.21 0.36 -1.94
C ILE A 95 -1.46 -0.92 -2.32
N LYS A 96 -1.63 -1.37 -3.57
CA LYS A 96 -0.99 -2.61 -3.99
C LYS A 96 -0.69 -2.62 -5.48
N VAL A 97 0.59 -2.47 -5.82
CA VAL A 97 1.02 -2.48 -7.21
C VAL A 97 0.66 -3.79 -7.88
N LYS A 98 -0.16 -3.71 -8.92
CA LYS A 98 -0.60 -4.90 -9.65
C LYS A 98 0.40 -5.26 -10.74
N GLY A 1 -28.37 -28.89 14.23
CA GLY A 1 -28.80 -27.92 13.19
C GLY A 1 -29.22 -28.60 11.91
N SER A 2 -29.11 -27.87 10.79
CA SER A 2 -29.49 -28.41 9.50
C SER A 2 -28.35 -29.24 8.91
N SER A 3 -28.56 -29.76 7.71
CA SER A 3 -27.55 -30.58 7.04
C SER A 3 -26.77 -29.75 6.03
N HIS A 4 -25.51 -30.13 5.81
CA HIS A 4 -24.65 -29.42 4.87
C HIS A 4 -25.09 -29.69 3.44
N HIS A 5 -25.50 -30.92 3.17
CA HIS A 5 -25.95 -31.31 1.83
C HIS A 5 -27.27 -30.61 1.48
N HIS A 6 -27.23 -29.77 0.46
CA HIS A 6 -28.42 -29.04 0.01
C HIS A 6 -28.60 -29.17 -1.50
N HIS A 7 -29.83 -28.97 -1.96
CA HIS A 7 -30.13 -29.06 -3.38
C HIS A 7 -29.88 -27.72 -4.08
N HIS A 8 -28.64 -27.25 -4.01
CA HIS A 8 -28.27 -25.98 -4.64
C HIS A 8 -26.91 -26.10 -5.32
N HIS A 9 -26.37 -24.96 -5.74
CA HIS A 9 -25.08 -24.93 -6.42
C HIS A 9 -24.07 -24.10 -5.63
N SER A 10 -23.28 -24.76 -4.79
CA SER A 10 -22.26 -24.09 -4.00
C SER A 10 -21.00 -23.84 -4.82
N SER A 11 -20.81 -22.59 -5.23
CA SER A 11 -19.65 -22.23 -6.04
C SER A 11 -18.40 -22.08 -5.17
N GLY A 12 -18.21 -20.88 -4.61
CA GLY A 12 -17.06 -20.62 -3.77
C GLY A 12 -17.30 -20.96 -2.31
N LEU A 13 -16.79 -22.10 -1.87
CA LEU A 13 -16.95 -22.53 -0.49
C LEU A 13 -15.73 -22.12 0.35
N VAL A 14 -15.39 -20.84 0.29
CA VAL A 14 -14.24 -20.32 1.03
C VAL A 14 -14.63 -19.95 2.46
N PRO A 15 -13.78 -20.29 3.44
CA PRO A 15 -14.04 -19.99 4.85
C PRO A 15 -13.87 -18.51 5.16
N ARG A 16 -13.57 -18.20 6.43
CA ARG A 16 -13.39 -16.83 6.87
C ARG A 16 -11.99 -16.32 6.53
N GLY A 17 -11.04 -16.62 7.40
CA GLY A 17 -9.67 -16.19 7.20
C GLY A 17 -8.92 -17.11 6.24
N SER A 18 -8.10 -16.51 5.38
CA SER A 18 -7.31 -17.27 4.41
C SER A 18 -6.25 -18.10 5.12
N HIS A 19 -5.22 -17.43 5.62
CA HIS A 19 -4.13 -18.11 6.32
C HIS A 19 -4.14 -17.76 7.80
N MET A 20 -2.96 -17.76 8.42
CA MET A 20 -2.84 -17.45 9.84
C MET A 20 -3.05 -15.96 10.09
N ALA A 21 -2.19 -15.14 9.50
CA ALA A 21 -2.27 -13.69 9.67
C ALA A 21 -3.45 -13.10 8.90
N LYS A 22 -3.56 -11.79 8.95
CA LYS A 22 -4.62 -11.08 8.24
C LYS A 22 -4.30 -11.00 6.76
N TYR A 23 -3.85 -9.84 6.34
CA TYR A 23 -3.50 -9.57 4.96
C TYR A 23 -2.02 -9.85 4.70
N GLN A 24 -1.69 -10.16 3.46
CA GLN A 24 -0.31 -10.44 3.08
C GLN A 24 0.43 -9.16 2.70
N VAL A 25 0.62 -8.28 3.68
CA VAL A 25 1.30 -7.01 3.44
C VAL A 25 2.82 -7.19 3.44
N THR A 26 3.50 -6.42 2.59
CA THR A 26 4.96 -6.49 2.49
C THR A 26 5.62 -5.36 3.28
N LYS A 27 5.48 -4.13 2.79
CA LYS A 27 6.07 -2.98 3.45
C LYS A 27 5.01 -1.98 3.88
N THR A 28 5.38 -1.08 4.78
CA THR A 28 4.46 -0.07 5.29
C THR A 28 5.14 1.30 5.35
N LEU A 29 4.49 2.30 4.77
CA LEU A 29 5.03 3.65 4.77
C LEU A 29 4.19 4.58 5.65
N ASP A 30 4.82 5.13 6.68
CA ASP A 30 4.14 6.03 7.60
C ASP A 30 4.85 7.38 7.67
N VAL A 31 4.21 8.42 7.13
CA VAL A 31 4.78 9.76 7.12
C VAL A 31 3.73 10.80 7.48
N ARG A 32 3.31 10.81 8.74
CA ARG A 32 2.31 11.76 9.21
C ARG A 32 2.87 13.18 9.24
N GLY A 33 3.41 13.57 10.39
CA GLY A 33 3.98 14.90 10.52
C GLY A 33 5.33 15.02 9.85
N GLU A 34 5.32 15.36 8.56
CA GLU A 34 6.55 15.51 7.79
C GLU A 34 7.14 16.91 7.97
N VAL A 35 8.41 17.05 7.60
CA VAL A 35 9.10 18.34 7.72
C VAL A 35 9.88 18.65 6.45
N CYS A 36 11.13 18.21 6.41
CA CYS A 36 11.99 18.42 5.25
C CYS A 36 11.37 17.83 3.98
N PRO A 37 11.79 18.31 2.80
CA PRO A 37 11.26 17.83 1.52
C PRO A 37 11.86 16.47 1.13
N VAL A 38 12.62 15.87 2.03
CA VAL A 38 13.25 14.58 1.76
C VAL A 38 12.21 13.48 1.55
N PRO A 39 11.27 13.29 2.50
CA PRO A 39 10.23 12.25 2.38
C PRO A 39 9.31 12.51 1.18
N ASP A 40 9.27 13.76 0.74
CA ASP A 40 8.43 14.15 -0.40
C ASP A 40 8.89 13.43 -1.66
N VAL A 41 10.17 13.57 -1.99
CA VAL A 41 10.73 12.94 -3.17
C VAL A 41 10.89 11.43 -2.95
N GLU A 42 10.94 11.04 -1.68
CA GLU A 42 11.07 9.62 -1.33
C GLU A 42 9.85 8.83 -1.81
N THR A 43 8.67 9.23 -1.34
CA THR A 43 7.44 8.57 -1.72
C THR A 43 7.22 8.67 -3.23
N LYS A 44 7.68 9.77 -3.81
CA LYS A 44 7.54 9.99 -5.25
C LYS A 44 8.14 8.83 -6.03
N ARG A 45 9.33 8.39 -5.61
CA ARG A 45 10.00 7.27 -6.26
C ARG A 45 9.22 5.98 -6.05
N ALA A 46 8.57 5.86 -4.90
CA ALA A 46 7.78 4.66 -4.60
C ALA A 46 6.72 4.45 -5.66
N LEU A 47 6.24 5.53 -6.24
CA LEU A 47 5.21 5.48 -7.28
C LEU A 47 5.79 5.05 -8.62
N GLN A 48 6.77 5.81 -9.09
CA GLN A 48 7.41 5.55 -10.38
C GLN A 48 8.31 4.32 -10.33
N ASN A 49 8.56 3.82 -9.13
CA ASN A 49 9.42 2.65 -8.95
C ASN A 49 8.76 1.61 -8.04
N MET A 50 7.67 1.02 -8.53
CA MET A 50 6.95 0.01 -7.77
C MET A 50 7.15 -1.38 -8.37
N LYS A 51 7.21 -2.40 -7.51
CA LYS A 51 7.41 -3.77 -7.98
C LYS A 51 6.09 -4.39 -8.46
N PRO A 52 6.18 -5.44 -9.30
CA PRO A 52 5.00 -6.11 -9.85
C PRO A 52 3.89 -6.38 -8.84
N GLY A 53 4.10 -7.39 -8.00
CA GLY A 53 3.09 -7.76 -7.02
C GLY A 53 3.41 -7.31 -5.62
N GLU A 54 3.54 -6.01 -5.44
CA GLU A 54 3.85 -5.43 -4.12
C GLU A 54 2.59 -5.11 -3.34
N ILE A 55 2.72 -5.14 -2.01
CA ILE A 55 1.61 -4.81 -1.12
C ILE A 55 2.10 -3.91 0.01
N LEU A 56 1.65 -2.66 0.02
CA LEU A 56 2.10 -1.71 1.02
C LEU A 56 0.93 -1.06 1.77
N GLU A 57 1.19 -0.67 3.01
CA GLU A 57 0.20 0.02 3.83
C GLU A 57 0.69 1.45 4.09
N VAL A 58 -0.14 2.43 3.75
CA VAL A 58 0.24 3.83 3.89
C VAL A 58 -0.61 4.54 4.93
N TRP A 59 0.06 5.31 5.80
CA TRP A 59 -0.62 6.08 6.82
C TRP A 59 -0.26 7.56 6.70
N ILE A 60 -1.20 8.37 6.21
CA ILE A 60 -0.97 9.79 6.03
C ILE A 60 -2.22 10.61 6.33
N ASP A 61 -2.23 11.86 5.86
CA ASP A 61 -3.36 12.74 6.09
C ASP A 61 -3.60 13.66 4.89
N TYR A 62 -3.15 13.24 3.71
CA TYR A 62 -3.31 14.05 2.51
C TYR A 62 -4.47 13.53 1.65
N PRO A 63 -4.47 12.25 1.24
CA PRO A 63 -3.42 11.28 1.55
C PRO A 63 -2.37 11.19 0.45
N MET A 64 -1.35 10.35 0.66
CA MET A 64 -0.28 10.17 -0.31
C MET A 64 -0.82 9.55 -1.59
N SER A 65 -1.97 8.87 -1.47
CA SER A 65 -2.58 8.21 -2.62
C SER A 65 -2.98 9.23 -3.69
N LYS A 66 -3.03 10.50 -3.30
CA LYS A 66 -3.41 11.56 -4.23
C LYS A 66 -2.44 11.64 -5.40
N GLU A 67 -1.16 11.35 -5.13
CA GLU A 67 -0.14 11.35 -6.16
C GLU A 67 0.01 9.96 -6.75
N ARG A 68 -0.39 8.96 -5.97
CA ARG A 68 -0.33 7.57 -6.41
C ARG A 68 -1.24 7.34 -7.61
N ILE A 69 -2.48 7.82 -7.52
CA ILE A 69 -3.45 7.64 -8.59
C ILE A 69 -2.88 8.09 -9.94
N PRO A 70 -2.38 9.34 -10.07
CA PRO A 70 -1.82 9.85 -11.32
C PRO A 70 -0.83 8.89 -11.96
N GLU A 71 0.14 8.43 -11.17
CA GLU A 71 1.17 7.52 -11.66
C GLU A 71 0.58 6.16 -12.06
N THR A 72 -0.13 5.55 -11.11
CA THR A 72 -0.72 4.24 -11.32
C THR A 72 -1.63 4.22 -12.55
N VAL A 73 -2.53 5.19 -12.64
CA VAL A 73 -3.46 5.27 -13.76
C VAL A 73 -2.72 5.53 -15.07
N LYS A 74 -1.50 6.06 -14.96
CA LYS A 74 -0.69 6.34 -16.13
C LYS A 74 -0.47 5.06 -16.91
N LYS A 75 0.07 4.03 -16.24
CA LYS A 75 0.28 2.75 -16.88
C LYS A 75 -0.94 1.83 -16.70
N LEU A 76 -1.29 1.49 -15.45
CA LEU A 76 -2.48 0.69 -15.18
C LEU A 76 -3.64 1.58 -14.73
N GLY A 77 -3.98 1.46 -13.45
CA GLY A 77 -5.05 2.26 -12.88
C GLY A 77 -4.74 2.64 -11.44
N HIS A 78 -5.13 1.77 -10.51
CA HIS A 78 -4.84 2.00 -9.10
C HIS A 78 -4.64 0.68 -8.36
N GLU A 79 -3.82 0.70 -7.32
CA GLU A 79 -3.58 -0.48 -6.52
C GLU A 79 -4.48 -0.45 -5.29
N VAL A 80 -5.75 -0.71 -5.48
CA VAL A 80 -6.72 -0.63 -4.40
C VAL A 80 -7.03 -2.00 -3.80
N LEU A 81 -6.82 -2.12 -2.50
CA LEU A 81 -7.09 -3.37 -1.79
C LEU A 81 -7.87 -3.10 -0.51
N GLU A 82 -7.57 -1.98 0.15
CA GLU A 82 -8.26 -1.61 1.37
C GLU A 82 -8.27 -0.10 1.59
N ILE A 83 -9.32 0.38 2.24
CA ILE A 83 -9.45 1.81 2.54
C ILE A 83 -10.09 2.02 3.90
N GLU A 84 -9.51 2.91 4.71
CA GLU A 84 -10.02 3.19 6.05
C GLU A 84 -9.57 4.55 6.54
N GLU A 85 -9.95 4.86 7.77
CA GLU A 85 -9.58 6.14 8.38
C GLU A 85 -9.06 5.94 9.80
N VAL A 86 -8.46 6.98 10.36
CA VAL A 86 -7.90 6.91 11.71
C VAL A 86 -8.47 8.01 12.60
N GLY A 87 -8.14 9.25 12.28
CA GLY A 87 -8.63 10.38 13.07
C GLY A 87 -9.36 11.39 12.23
N PRO A 88 -9.40 12.67 12.67
CA PRO A 88 -10.09 13.74 11.93
C PRO A 88 -9.58 13.86 10.49
N SER A 89 -8.36 14.36 10.34
CA SER A 89 -7.77 14.53 9.02
C SER A 89 -6.80 13.39 8.70
N GLU A 90 -6.66 12.47 9.65
CA GLU A 90 -5.77 11.32 9.47
C GLU A 90 -6.54 10.13 8.91
N TRP A 91 -5.98 9.50 7.87
CA TRP A 91 -6.62 8.35 7.25
C TRP A 91 -5.59 7.26 6.92
N LYS A 92 -6.07 6.04 6.75
CA LYS A 92 -5.20 4.92 6.42
C LYS A 92 -5.67 4.24 5.15
N ILE A 93 -4.76 4.09 4.19
CA ILE A 93 -5.09 3.48 2.92
C ILE A 93 -4.15 2.32 2.60
N TYR A 94 -4.66 1.34 1.88
CA TYR A 94 -3.88 0.17 1.51
C TYR A 94 -3.76 0.06 0.00
N ILE A 95 -2.52 -0.11 -0.46
CA ILE A 95 -2.22 -0.18 -1.89
C ILE A 95 -1.51 -1.48 -2.21
N LYS A 96 -1.73 -1.99 -3.42
CA LYS A 96 -1.11 -3.26 -3.80
C LYS A 96 -0.87 -3.33 -5.32
N VAL A 97 0.39 -3.16 -5.72
CA VAL A 97 0.75 -3.23 -7.12
C VAL A 97 0.46 -4.63 -7.67
N LYS A 98 -0.43 -4.70 -8.67
CA LYS A 98 -0.80 -5.97 -9.27
C LYS A 98 0.40 -6.63 -9.95
#